data_8QMB
#
_entry.id   8QMB
#
_cell.length_a   157.215
_cell.length_b   157.215
_cell.length_c   211.948
_cell.angle_alpha   90
_cell.angle_beta   90
_cell.angle_gamma   120
#
_symmetry.space_group_name_H-M   'P 31 2 1'
#
loop_
_entity.id
_entity.type
_entity.pdbx_description
1 polymer 'DNA topoisomerase 4 subunit B,DNA topoisomerase 4 subunit A'
2 polymer "DNA (5'-D(TP*GP*TP*GP*GP*AP*T)-3')"
3 polymer "DNA (5'-D(P*GP*GP*TP*TP*AP*TP*CP*CP*AP*CP*A)-3')"
4 polymer "DNA (5'-D(GP*TP*AP*AP*TP*AP*C)-3')"
5 polymer "DNA (5'-D(P*AP*AP*CP*CP*GP*TP*AP*TP*TP*AP*C)-3')"
6 non-polymer 'MAGNESIUM ION'
7 non-polymer 'CHLORIDE ION'
8 non-polymer (4S)-2-METHYL-2,4-PENTANEDIOL
9 non-polymer 'MALONIC ACID'
10 non-polymer 'ACETATE ION'
11 non-polymer 'FORMIC ACID'
12 non-polymer delafloxacin
13 water water
#
loop_
_entity_poly.entity_id
_entity_poly.type
_entity_poly.pdbx_seq_one_letter_code
_entity_poly.pdbx_strand_id
1 'polypeptide(L)'
;MKNKKDKGLLSGKLTPAQSKNPAKNELYLVEGDSAGGSAKQGRDRKFQAILPLRGKVINTAKAKMADILKNEEINTMIYT
IGAGVGADFSIEDANYDKIIIMTDADTDGAHIQTLLLTFFYRYMRPLVEAGHVYIALPPLYKMSKGKGKKEEVAYAWTDG
ELEELRKQFGKGATLQRYKGLGEMNADQLWETTMNPETRTLIRVTIEDLARAERRVNVLMGDKVEPRRKWIEDNVKFTLE
EATVFHMSNIQNMSLEDIMGERFGRYSKYIIQDRALPDIRDGLKPVQRRILYSMNKDSNTFDKSYRKSAKSVGNIMGNFH
PHGDSSIYDAMVRMSQNWKNREILVEMHGNNGSMDGDPPAAMRYTEARLSEIAGYLLQDIEKKTVPFAWNFDDTEKEPTV
LPAAFPNLLVNGSTGISAGYATDIPPHNLAEVIDAAVYMIDHPTAKIDKLMEFLPGPDFPTGAIIQGRDEIKKAYETGKG
RVVVRSKTEIEKLKGGKEQIVITEIPYEINKANLVKKIDDVRVNNKVAGIAEVRDESDRDGLRIAIELKKDANTELVLNY
LFKYTDLQINYNFNMVAIDNFTPRQVGIVPILSSYIAHRREVILARSRFDKEKAEKRLHIVEGLIRVISILDEVIALIRA
SENKADAKENLKVSYDFTEEQAEAIVTLQLYRLTNTDVVVLQEEEAELREKIAMLAAIIGDERTMYNLMKKELREVKKKF
ATPRLSSLEDTAKALEHHHHHH
;
A,B
2 'polydeoxyribonucleotide' (DT)(DG)(DT)(DG)(DG)(DA)(DT) E
3 'polydeoxyribonucleotide' (DG)(DG)(DT)(DT)(DA)(DT)(DC)(DC)(DA)(DC)(DA) F
4 'polydeoxyribonucleotide' (DG)(DT)(DA)(DA)(DT)(DA)(DC) G
5 'polydeoxyribonucleotide' (DA)(DA)(DC)(DC)(DG)(DT)(DA)(DT)(DT)(DA)(DC) H
#
loop_
_chem_comp.id
_chem_comp.type
_chem_comp.name
_chem_comp.formula
ACT non-polymer 'ACETATE ION' 'C2 H3 O2 -1'
CL non-polymer 'CHLORIDE ION' 'Cl -1'
DA DNA linking 2'-DEOXYADENOSINE-5'-MONOPHOSPHATE 'C10 H14 N5 O6 P'
DC DNA linking 2'-DEOXYCYTIDINE-5'-MONOPHOSPHATE 'C9 H14 N3 O7 P'
DG DNA linking 2'-DEOXYGUANOSINE-5'-MONOPHOSPHATE 'C10 H14 N5 O7 P'
DT DNA linking THYMIDINE-5'-MONOPHOSPHATE 'C10 H15 N2 O8 P'
FMT non-polymer 'FORMIC ACID' 'C H2 O2'
MG non-polymer 'MAGNESIUM ION' 'Mg 2'
MLA non-polymer 'MALONIC ACID' 'C3 H4 O4'
MPD non-polymer (4S)-2-METHYL-2,4-PENTANEDIOL 'C6 H14 O2'
TE9 non-polymer delafloxacin 'C18 H12 Cl F3 N4 O4'
#
# COMPACT_ATOMS: atom_id res chain seq x y z
N LEU A 9 -10.04 7.35 -26.57
CA LEU A 9 -9.48 7.66 -25.23
C LEU A 9 -9.90 6.62 -24.18
N LEU A 10 -11.07 5.95 -24.26
CA LEU A 10 -11.64 5.18 -23.15
C LEU A 10 -11.39 3.66 -23.26
N SER A 11 -11.00 3.15 -24.43
CA SER A 11 -10.89 1.71 -24.63
C SER A 11 -9.44 1.24 -24.48
N GLY A 12 -9.25 -0.07 -24.29
CA GLY A 12 -7.94 -0.66 -24.53
C GLY A 12 -7.46 -0.40 -25.97
N LYS A 13 -6.14 -0.18 -26.09
CA LYS A 13 -5.43 0.14 -27.33
C LYS A 13 -4.98 -1.18 -27.95
N LEU A 14 -5.20 -1.33 -29.26
CA LEU A 14 -4.85 -2.56 -29.95
C LEU A 14 -3.35 -2.59 -30.24
N THR A 15 -2.71 -3.73 -29.95
CA THR A 15 -1.36 -4.03 -30.41
C THR A 15 -1.57 -5.03 -31.54
N PRO A 16 -1.42 -4.61 -32.81
CA PRO A 16 -1.74 -5.49 -33.93
C PRO A 16 -0.62 -6.50 -34.17
N ALA A 17 -0.95 -7.58 -34.89
CA ALA A 17 0.07 -8.52 -35.36
C ALA A 17 0.87 -7.86 -36.49
N GLN A 18 2.08 -8.34 -36.68
CA GLN A 18 3.01 -7.74 -37.61
C GLN A 18 2.51 -8.00 -39.03
N SER A 19 2.01 -9.22 -39.33
CA SER A 19 1.59 -9.66 -40.66
C SER A 19 0.11 -10.04 -40.66
N LYS A 20 -0.66 -9.63 -41.70
CA LYS A 20 -2.02 -10.13 -41.92
C LYS A 20 -1.96 -11.60 -42.32
N ASN A 21 -2.88 -12.39 -41.78
CA ASN A 21 -3.07 -13.79 -42.17
C ASN A 21 -4.34 -14.28 -41.47
N PRO A 22 -5.55 -14.01 -42.04
CA PRO A 22 -6.79 -14.49 -41.43
C PRO A 22 -6.95 -16.00 -41.24
N ALA A 23 -6.09 -16.81 -41.85
CA ALA A 23 -6.05 -18.25 -41.58
C ALA A 23 -5.53 -18.55 -40.18
N LYS A 24 -4.53 -17.79 -39.69
CA LYS A 24 -3.88 -18.16 -38.43
C LYS A 24 -3.97 -17.10 -37.32
N ASN A 25 -4.12 -15.81 -37.64
CA ASN A 25 -4.01 -14.73 -36.67
C ASN A 25 -5.02 -14.87 -35.52
N GLU A 26 -4.59 -14.42 -34.33
CA GLU A 26 -5.31 -14.55 -33.08
C GLU A 26 -5.44 -13.17 -32.45
N LEU A 27 -6.67 -12.81 -32.04
CA LEU A 27 -6.91 -11.61 -31.24
C LEU A 27 -7.08 -12.05 -29.78
N TYR A 28 -6.13 -11.66 -28.91
CA TYR A 28 -6.24 -11.91 -27.48
C TYR A 28 -6.98 -10.74 -26.84
N LEU A 29 -8.14 -11.08 -26.25
CA LEU A 29 -8.89 -10.16 -25.44
C LEU A 29 -8.54 -10.43 -23.98
N VAL A 30 -7.82 -9.44 -23.42
CA VAL A 30 -7.08 -9.66 -22.20
C VAL A 30 -7.72 -8.80 -21.11
N GLU A 31 -7.96 -9.42 -19.94
CA GLU A 31 -8.55 -8.73 -18.80
C GLU A 31 -7.48 -7.78 -18.24
N GLY A 32 -7.65 -6.46 -18.49
CA GLY A 32 -6.85 -5.42 -17.86
C GLY A 32 -5.62 -4.98 -18.68
N ASP A 33 -5.25 -3.69 -18.58
CA ASP A 33 -4.10 -3.15 -19.31
C ASP A 33 -2.77 -3.75 -18.84
N SER A 34 -2.59 -4.02 -17.55
CA SER A 34 -1.37 -4.57 -17.02
C SER A 34 -1.10 -5.99 -17.54
N ALA A 35 -2.11 -6.87 -17.54
CA ALA A 35 -1.95 -8.21 -18.14
C ALA A 35 -1.85 -8.11 -19.67
N GLY A 36 -2.51 -7.08 -20.24
CA GLY A 36 -2.36 -6.76 -21.65
C GLY A 36 -0.92 -6.49 -22.02
N GLY A 37 -0.23 -5.74 -21.13
CA GLY A 37 1.19 -5.50 -21.22
C GLY A 37 2.00 -6.79 -21.19
N SER A 38 1.71 -7.70 -20.23
CA SER A 38 2.40 -8.98 -20.16
C SER A 38 2.18 -9.80 -21.43
N ALA A 39 0.95 -9.79 -21.94
CA ALA A 39 0.62 -10.52 -23.17
C ALA A 39 1.37 -9.95 -24.37
N LYS A 40 1.42 -8.61 -24.46
CA LYS A 40 2.25 -7.92 -25.46
C LYS A 40 3.69 -8.43 -25.41
N GLN A 41 4.26 -8.57 -24.22
CA GLN A 41 5.63 -9.00 -24.00
C GLN A 41 5.82 -10.48 -24.36
N GLY A 42 4.86 -11.34 -23.97
CA GLY A 42 5.02 -12.79 -24.10
C GLY A 42 4.62 -13.34 -25.46
N ARG A 43 3.85 -12.60 -26.27
CA ARG A 43 3.22 -13.15 -27.46
C ARG A 43 4.21 -13.49 -28.57
N ASP A 44 3.69 -14.09 -29.64
CA ASP A 44 4.35 -14.16 -30.94
C ASP A 44 3.75 -13.08 -31.82
N ARG A 45 4.54 -12.03 -32.06
CA ARG A 45 4.02 -10.77 -32.56
C ARG A 45 3.62 -10.89 -34.04
N LYS A 46 4.10 -11.94 -34.72
CA LYS A 46 3.84 -12.17 -36.13
C LYS A 46 2.35 -12.40 -36.37
N PHE A 47 1.70 -13.25 -35.54
CA PHE A 47 0.29 -13.57 -35.73
C PHE A 47 -0.63 -13.27 -34.54
N GLN A 48 -0.13 -12.94 -33.32
CA GLN A 48 -1.00 -12.70 -32.17
C GLN A 48 -1.13 -11.21 -31.90
N ALA A 49 -2.37 -10.68 -31.91
CA ALA A 49 -2.67 -9.30 -31.55
C ALA A 49 -3.26 -9.25 -30.15
N ILE A 50 -3.16 -8.07 -29.50
CA ILE A 50 -3.55 -7.89 -28.10
C ILE A 50 -4.52 -6.75 -28.04
N LEU A 51 -5.73 -7.01 -27.50
CA LEU A 51 -6.68 -5.96 -27.21
C LEU A 51 -7.03 -6.06 -25.73
N PRO A 52 -6.50 -5.15 -24.87
CA PRO A 52 -6.86 -5.18 -23.47
C PRO A 52 -8.29 -4.65 -23.26
N LEU A 53 -8.98 -5.31 -22.32
CA LEU A 53 -10.26 -4.90 -21.79
C LEU A 53 -10.04 -4.12 -20.48
N ARG A 54 -10.58 -2.89 -20.43
CA ARG A 54 -10.51 -2.09 -19.21
C ARG A 54 -11.63 -2.45 -18.22
N GLY A 55 -11.45 -3.60 -17.57
CA GLY A 55 -12.41 -4.08 -16.60
C GLY A 55 -13.73 -4.58 -17.24
N LYS A 56 -14.85 -4.30 -16.57
CA LYS A 56 -16.13 -4.92 -16.90
C LYS A 56 -16.61 -4.34 -18.24
N VAL A 57 -16.80 -5.27 -19.21
CA VAL A 57 -17.39 -4.98 -20.51
C VAL A 57 -18.89 -4.72 -20.35
N ILE A 58 -19.42 -3.71 -21.06
CA ILE A 58 -20.86 -3.48 -21.21
C ILE A 58 -21.67 -4.77 -21.47
N ASN A 59 -22.80 -4.90 -20.75
CA ASN A 59 -23.76 -6.00 -20.95
C ASN A 59 -24.64 -5.65 -22.16
N THR A 60 -24.41 -6.37 -23.27
CA THR A 60 -25.04 -6.06 -24.56
C THR A 60 -26.47 -6.62 -24.65
N ALA A 61 -26.86 -7.51 -23.72
CA ALA A 61 -28.25 -7.88 -23.52
C ALA A 61 -29.03 -6.83 -22.71
N LYS A 62 -28.41 -6.16 -21.74
CA LYS A 62 -29.09 -5.16 -20.93
C LYS A 62 -29.14 -3.81 -21.65
N ALA A 63 -28.05 -3.31 -22.22
CA ALA A 63 -28.00 -1.93 -22.67
C ALA A 63 -28.75 -1.78 -24.00
N LYS A 64 -29.01 -0.52 -24.38
CA LYS A 64 -29.72 -0.18 -25.61
C LYS A 64 -28.74 -0.12 -26.80
N MET A 65 -29.22 -0.55 -27.99
CA MET A 65 -28.39 -0.83 -29.17
C MET A 65 -27.70 0.43 -29.70
N ALA A 66 -28.32 1.62 -29.53
CA ALA A 66 -27.58 2.87 -29.48
C ALA A 66 -27.24 3.13 -28.01
N ASP A 67 -25.94 3.24 -27.71
CA ASP A 67 -25.32 3.11 -26.39
C ASP A 67 -24.33 1.96 -26.47
N ILE A 68 -24.77 0.78 -26.95
CA ILE A 68 -23.87 -0.32 -27.29
C ILE A 68 -22.95 0.14 -28.42
N LEU A 69 -23.52 0.76 -29.46
CA LEU A 69 -22.72 1.10 -30.62
C LEU A 69 -22.01 2.43 -30.36
N LYS A 70 -22.30 3.19 -29.27
CA LYS A 70 -21.42 4.27 -28.84
C LYS A 70 -20.48 3.88 -27.68
N ASN A 71 -20.21 2.58 -27.48
CA ASN A 71 -19.28 2.10 -26.47
C ASN A 71 -17.91 1.88 -27.12
N GLU A 72 -16.88 2.56 -26.58
CA GLU A 72 -15.54 2.59 -27.16
C GLU A 72 -14.92 1.20 -27.29
N GLU A 73 -14.95 0.40 -26.20
CA GLU A 73 -14.38 -0.94 -26.20
C GLU A 73 -15.03 -1.82 -27.29
N ILE A 74 -16.38 -1.84 -27.34
CA ILE A 74 -17.13 -2.57 -28.36
C ILE A 74 -16.71 -2.11 -29.76
N ASN A 75 -16.66 -0.78 -30.00
CA ASN A 75 -16.26 -0.25 -31.30
C ASN A 75 -14.87 -0.71 -31.74
N THR A 76 -13.93 -0.71 -30.79
CA THR A 76 -12.57 -1.05 -31.19
C THR A 76 -12.52 -2.58 -31.43
N MET A 77 -13.37 -3.39 -30.78
CA MET A 77 -13.47 -4.80 -31.14
C MET A 77 -14.02 -4.98 -32.55
N ILE A 78 -15.06 -4.18 -32.93
CA ILE A 78 -15.72 -4.39 -34.21
C ILE A 78 -14.74 -3.93 -35.30
N TYR A 79 -14.16 -2.73 -35.14
CA TYR A 79 -13.10 -2.26 -36.01
C TYR A 79 -12.09 -3.37 -36.29
N THR A 80 -11.44 -3.89 -35.25
CA THR A 80 -10.31 -4.80 -35.30
C THR A 80 -10.63 -6.12 -36.00
N ILE A 81 -11.80 -6.71 -35.69
CA ILE A 81 -12.15 -8.00 -36.27
C ILE A 81 -12.41 -7.82 -37.77
N GLY A 82 -12.89 -6.62 -38.15
CA GLY A 82 -12.87 -6.13 -39.53
C GLY A 82 -13.97 -6.78 -40.38
N ALA A 83 -15.14 -6.98 -39.77
CA ALA A 83 -16.17 -7.89 -40.27
C ALA A 83 -17.59 -7.34 -40.03
N GLY A 84 -17.75 -6.03 -39.77
CA GLY A 84 -19.03 -5.44 -39.38
C GLY A 84 -19.61 -6.04 -38.09
N VAL A 85 -20.88 -5.73 -37.85
CA VAL A 85 -21.60 -6.21 -36.69
C VAL A 85 -22.96 -6.78 -37.13
N GLY A 86 -23.44 -7.79 -36.39
CA GLY A 86 -24.38 -8.81 -36.86
C GLY A 86 -25.62 -8.21 -37.50
N ALA A 87 -26.10 -8.85 -38.55
CA ALA A 87 -26.83 -8.25 -39.67
C ALA A 87 -25.83 -8.12 -40.80
N ASP A 88 -24.82 -7.25 -40.64
CA ASP A 88 -23.82 -6.91 -41.67
C ASP A 88 -22.53 -7.72 -41.52
N PHE A 89 -22.60 -8.82 -40.75
CA PHE A 89 -21.43 -9.52 -40.27
C PHE A 89 -21.00 -10.50 -41.35
N SER A 90 -19.80 -10.25 -41.93
CA SER A 90 -19.22 -11.11 -42.95
C SER A 90 -18.00 -11.84 -42.37
N ILE A 91 -18.17 -13.12 -42.00
CA ILE A 91 -17.11 -13.93 -41.40
C ILE A 91 -15.90 -14.08 -42.35
N GLU A 92 -16.15 -14.06 -43.66
CA GLU A 92 -15.10 -14.09 -44.67
C GLU A 92 -14.27 -12.79 -44.71
N ASP A 93 -14.69 -11.66 -44.09
CA ASP A 93 -13.84 -10.47 -43.92
C ASP A 93 -13.00 -10.44 -42.62
N ALA A 94 -13.19 -11.44 -41.74
CA ALA A 94 -12.64 -11.45 -40.39
C ALA A 94 -11.12 -11.53 -40.44
N ASN A 95 -10.45 -10.71 -39.62
CA ASN A 95 -9.00 -10.61 -39.63
C ASN A 95 -8.31 -11.67 -38.78
N TYR A 96 -9.04 -12.45 -37.99
CA TYR A 96 -8.44 -13.48 -37.14
C TYR A 96 -9.19 -14.77 -37.41
N ASP A 97 -8.52 -15.91 -37.29
CA ASP A 97 -9.13 -17.22 -37.25
C ASP A 97 -9.62 -17.58 -35.83
N LYS A 98 -9.05 -16.92 -34.80
CA LYS A 98 -9.43 -17.17 -33.41
C LYS A 98 -9.53 -15.85 -32.65
N ILE A 99 -10.64 -15.65 -31.93
CA ILE A 99 -10.77 -14.62 -30.89
C ILE A 99 -10.60 -15.35 -29.56
N ILE A 100 -9.54 -15.03 -28.81
CA ILE A 100 -9.19 -15.80 -27.61
C ILE A 100 -9.34 -14.88 -26.40
N ILE A 101 -10.29 -15.23 -25.52
CA ILE A 101 -10.58 -14.48 -24.30
C ILE A 101 -9.66 -15.01 -23.20
N MET A 102 -8.86 -14.10 -22.61
CA MET A 102 -7.86 -14.43 -21.61
C MET A 102 -8.07 -13.53 -20.39
N THR A 103 -8.65 -14.12 -19.33
CA THR A 103 -8.94 -13.42 -18.09
C THR A 103 -8.22 -14.15 -16.97
N ASP A 104 -8.30 -13.52 -15.78
CA ASP A 104 -7.86 -14.13 -14.55
C ASP A 104 -8.69 -15.37 -14.33
N ALA A 105 -8.07 -16.39 -13.75
CA ALA A 105 -8.77 -17.58 -13.30
C ALA A 105 -9.43 -17.27 -11.97
N ASP A 106 -10.42 -16.38 -12.01
CA ASP A 106 -11.07 -15.93 -10.79
C ASP A 106 -12.52 -15.57 -11.14
N THR A 107 -13.31 -15.13 -10.15
CA THR A 107 -14.75 -14.99 -10.38
C THR A 107 -15.02 -13.75 -11.24
N ASP A 108 -14.27 -12.63 -11.06
CA ASP A 108 -14.53 -11.50 -11.95
C ASP A 108 -14.08 -11.79 -13.38
N GLY A 109 -13.03 -12.61 -13.52
CA GLY A 109 -12.68 -13.17 -14.82
C GLY A 109 -13.86 -13.92 -15.48
N ALA A 110 -14.49 -14.78 -14.68
CA ALA A 110 -15.66 -15.54 -15.14
C ALA A 110 -16.77 -14.58 -15.62
N HIS A 111 -17.01 -13.52 -14.87
CA HIS A 111 -17.98 -12.51 -15.27
C HIS A 111 -17.66 -11.93 -16.62
N ILE A 112 -16.37 -11.62 -16.86
CA ILE A 112 -15.98 -10.90 -18.07
C ILE A 112 -16.20 -11.82 -19.29
N GLN A 113 -15.90 -13.11 -19.12
CA GLN A 113 -16.12 -14.11 -20.14
C GLN A 113 -17.60 -14.10 -20.56
N THR A 114 -18.46 -14.21 -19.56
CA THR A 114 -19.89 -14.10 -19.66
C THR A 114 -20.28 -12.87 -20.50
N LEU A 115 -19.75 -11.67 -20.22
CA LEU A 115 -20.23 -10.45 -20.87
C LEU A 115 -19.82 -10.40 -22.34
N LEU A 116 -18.61 -10.91 -22.60
CA LEU A 116 -18.04 -10.92 -23.94
C LEU A 116 -18.79 -11.94 -24.78
N LEU A 117 -18.90 -13.17 -24.26
CA LEU A 117 -19.70 -14.21 -24.91
C LEU A 117 -21.10 -13.73 -25.27
N THR A 118 -21.73 -12.87 -24.45
CA THR A 118 -23.05 -12.38 -24.82
C THR A 118 -22.92 -11.40 -26.00
N PHE A 119 -21.86 -10.59 -26.06
CA PHE A 119 -21.67 -9.72 -27.23
C PHE A 119 -21.49 -10.53 -28.52
N PHE A 120 -20.63 -11.55 -28.50
CA PHE A 120 -20.36 -12.39 -29.67
C PHE A 120 -21.59 -13.19 -30.07
N TYR A 121 -22.32 -13.73 -29.09
CA TYR A 121 -23.57 -14.44 -29.34
C TYR A 121 -24.58 -13.49 -30.00
N ARG A 122 -24.68 -12.26 -29.50
CA ARG A 122 -25.72 -11.37 -29.96
C ARG A 122 -25.34 -10.60 -31.21
N TYR A 123 -24.06 -10.35 -31.51
CA TYR A 123 -23.74 -9.48 -32.65
C TYR A 123 -22.70 -10.08 -33.62
N MET A 124 -22.28 -11.32 -33.42
CA MET A 124 -21.24 -11.92 -34.23
C MET A 124 -21.43 -13.44 -34.20
N ARG A 125 -22.70 -13.85 -34.34
CA ARG A 125 -23.06 -15.23 -34.05
C ARG A 125 -22.35 -16.19 -35.00
N PRO A 126 -22.15 -15.87 -36.32
CA PRO A 126 -21.43 -16.76 -37.24
C PRO A 126 -20.06 -17.12 -36.68
N LEU A 127 -19.40 -16.11 -36.09
CA LEU A 127 -18.10 -16.24 -35.44
C LEU A 127 -18.15 -17.28 -34.34
N VAL A 128 -19.20 -17.26 -33.52
CA VAL A 128 -19.37 -18.23 -32.44
C VAL A 128 -19.67 -19.59 -33.08
N GLU A 129 -20.65 -19.58 -34.00
CA GLU A 129 -21.18 -20.74 -34.74
C GLU A 129 -20.07 -21.53 -35.40
N ALA A 130 -19.15 -20.82 -36.09
CA ALA A 130 -17.98 -21.40 -36.76
C ALA A 130 -16.88 -21.89 -35.81
N GLY A 131 -17.01 -21.65 -34.48
CA GLY A 131 -16.11 -22.19 -33.49
C GLY A 131 -14.79 -21.41 -33.43
N HIS A 132 -14.88 -20.09 -33.68
CA HIS A 132 -13.72 -19.21 -33.77
C HIS A 132 -13.52 -18.45 -32.45
N VAL A 133 -14.41 -18.61 -31.45
CA VAL A 133 -14.29 -17.91 -30.20
C VAL A 133 -13.85 -18.91 -29.14
N TYR A 134 -12.77 -18.57 -28.42
CA TYR A 134 -12.12 -19.46 -27.46
C TYR A 134 -11.92 -18.76 -26.12
N ILE A 135 -11.54 -19.58 -25.11
CA ILE A 135 -11.16 -19.12 -23.78
C ILE A 135 -9.83 -19.74 -23.32
N ALA A 136 -8.81 -18.88 -23.11
CA ALA A 136 -7.92 -18.74 -21.94
C ALA A 136 -7.30 -20.02 -21.42
N LEU A 137 -7.74 -20.41 -20.21
CA LEU A 137 -7.15 -21.35 -19.26
C LEU A 137 -5.71 -21.05 -18.84
N PRO A 138 -5.50 -19.98 -18.03
CA PRO A 138 -4.28 -19.88 -17.23
C PRO A 138 -4.18 -20.94 -16.13
N PRO A 139 -2.96 -21.34 -15.70
CA PRO A 139 -2.80 -22.24 -14.57
C PRO A 139 -3.16 -21.57 -13.26
N LEU A 140 -3.50 -22.41 -12.28
CA LEU A 140 -3.88 -21.99 -10.96
C LEU A 140 -2.68 -22.10 -10.05
N TYR A 141 -1.74 -23.00 -10.40
CA TYR A 141 -0.67 -23.43 -9.51
C TYR A 141 0.65 -23.49 -10.29
N LYS A 142 1.73 -23.09 -9.62
CA LYS A 142 3.08 -23.32 -10.10
C LYS A 142 3.80 -24.03 -8.96
N MET A 143 4.52 -25.10 -9.32
CA MET A 143 5.23 -25.92 -8.34
C MET A 143 6.73 -25.83 -8.59
N SER A 144 7.49 -25.64 -7.50
CA SER A 144 8.81 -26.22 -7.24
C SER A 144 9.87 -25.12 -7.28
N LYS A 145 11.07 -25.39 -6.69
CA LYS A 145 12.26 -24.54 -6.82
C LYS A 145 13.54 -25.34 -6.50
N GLY A 146 14.46 -25.46 -7.50
CA GLY A 146 15.81 -25.97 -7.30
C GLY A 146 16.84 -25.22 -8.14
N LYS A 147 16.96 -23.90 -7.88
CA LYS A 147 17.95 -22.94 -8.41
C LYS A 147 17.98 -22.91 -9.94
N GLY A 148 19.17 -22.70 -10.55
CA GLY A 148 19.31 -22.01 -11.83
C GLY A 148 19.00 -22.90 -13.05
N LYS A 149 19.86 -23.91 -13.32
CA LYS A 149 19.44 -25.17 -13.90
C LYS A 149 18.40 -25.80 -12.97
N LYS A 150 17.12 -25.70 -13.38
CA LYS A 150 16.01 -25.56 -12.43
C LYS A 150 15.43 -26.89 -11.97
N GLU A 151 15.06 -27.77 -12.91
CA GLU A 151 14.51 -29.10 -12.65
C GLU A 151 13.25 -29.03 -11.79
N GLU A 152 12.59 -27.86 -11.72
CA GLU A 152 11.66 -27.51 -10.63
C GLU A 152 10.83 -26.28 -10.99
N VAL A 153 10.13 -26.34 -12.16
CA VAL A 153 8.89 -25.59 -12.37
C VAL A 153 7.99 -26.45 -13.26
N ALA A 154 6.84 -26.86 -12.71
CA ALA A 154 5.68 -27.31 -13.47
C ALA A 154 4.45 -26.56 -12.98
N TYR A 155 3.37 -26.67 -13.78
CA TYR A 155 2.14 -25.90 -13.63
C TYR A 155 0.97 -26.86 -13.44
N ALA A 156 -0.09 -26.41 -12.77
CA ALA A 156 -1.28 -27.22 -12.56
C ALA A 156 -2.55 -26.36 -12.63
N TRP A 157 -3.64 -26.95 -13.18
CA TRP A 157 -4.94 -26.31 -13.37
C TRP A 157 -6.05 -26.87 -12.44
N THR A 158 -5.87 -28.07 -11.84
CA THR A 158 -6.83 -28.73 -10.93
C THR A 158 -6.09 -29.20 -9.67
N ASP A 159 -6.84 -29.46 -8.58
CA ASP A 159 -6.31 -30.08 -7.36
C ASP A 159 -5.69 -31.46 -7.63
N GLY A 160 -6.15 -32.18 -8.69
CA GLY A 160 -5.70 -33.52 -9.01
C GLY A 160 -4.38 -33.52 -9.75
N GLU A 161 -4.23 -32.55 -10.67
CA GLU A 161 -2.95 -32.22 -11.28
C GLU A 161 -1.96 -31.69 -10.23
N LEU A 162 -2.46 -30.94 -9.22
CA LEU A 162 -1.63 -30.46 -8.13
C LEU A 162 -1.11 -31.63 -7.28
N GLU A 163 -1.99 -32.57 -6.88
CA GLU A 163 -1.61 -33.75 -6.10
C GLU A 163 -0.51 -34.52 -6.80
N GLU A 164 -0.63 -34.69 -8.13
CA GLU A 164 0.36 -35.36 -8.94
C GLU A 164 1.76 -34.71 -8.83
N LEU A 165 1.80 -33.37 -8.92
CA LEU A 165 3.03 -32.58 -8.89
C LEU A 165 3.74 -32.63 -7.53
N ARG A 166 2.95 -32.75 -6.42
CA ARG A 166 3.46 -32.87 -5.06
C ARG A 166 4.35 -34.10 -4.90
N LYS A 167 3.96 -35.23 -5.52
CA LYS A 167 4.88 -36.36 -5.68
C LYS A 167 5.97 -35.93 -6.66
N GLN A 168 7.10 -35.45 -6.12
CA GLN A 168 8.36 -35.21 -6.82
C GLN A 168 9.52 -35.66 -5.91
N PHE A 169 10.41 -36.59 -6.34
CA PHE A 169 11.52 -37.13 -5.53
C PHE A 169 12.50 -35.99 -5.17
N GLY A 170 12.21 -35.28 -4.06
CA GLY A 170 12.83 -34.00 -3.70
C GLY A 170 12.64 -33.72 -2.20
N LYS A 171 11.72 -32.81 -1.84
CA LYS A 171 10.92 -32.93 -0.62
C LYS A 171 9.68 -32.05 -0.77
N GLY A 172 9.42 -31.14 0.21
CA GLY A 172 8.69 -29.91 -0.04
C GLY A 172 9.46 -29.01 -1.01
N ALA A 173 8.78 -28.56 -2.06
CA ALA A 173 9.25 -27.53 -2.98
C ALA A 173 8.45 -26.26 -2.67
N THR A 174 8.43 -25.27 -3.56
CA THR A 174 7.54 -24.12 -3.37
C THR A 174 6.31 -24.30 -4.26
N LEU A 175 5.10 -24.03 -3.71
CA LEU A 175 3.86 -23.94 -4.47
C LEU A 175 3.41 -22.47 -4.51
N GLN A 176 3.23 -21.92 -5.72
CA GLN A 176 2.48 -20.67 -5.91
C GLN A 176 1.04 -20.98 -6.32
N ARG A 177 0.07 -20.47 -5.53
CA ARG A 177 -1.33 -20.35 -5.95
C ARG A 177 -1.60 -19.03 -6.67
N TYR A 178 -1.77 -19.07 -8.00
CA TYR A 178 -1.98 -17.86 -8.80
C TYR A 178 -3.33 -17.23 -8.49
N LYS A 179 -3.31 -15.92 -8.18
CA LYS A 179 -4.49 -15.08 -7.98
C LYS A 179 -4.93 -14.37 -9.28
N GLY A 180 -4.03 -14.23 -10.25
CA GLY A 180 -4.38 -13.51 -11.47
C GLY A 180 -3.27 -13.59 -12.49
N LEU A 181 -3.56 -13.07 -13.68
CA LEU A 181 -2.57 -12.99 -14.77
C LEU A 181 -1.44 -12.02 -14.41
N GLY A 182 -1.77 -10.99 -13.58
CA GLY A 182 -0.84 -9.98 -13.11
C GLY A 182 0.29 -10.48 -12.17
N GLU A 183 0.29 -11.75 -11.74
CA GLU A 183 1.41 -12.36 -11.01
C GLU A 183 2.33 -13.17 -11.92
N MET A 184 2.03 -13.20 -13.24
CA MET A 184 2.76 -14.05 -14.17
C MET A 184 3.68 -13.18 -15.05
N ASN A 185 4.92 -13.69 -15.24
CA ASN A 185 5.90 -13.12 -16.14
C ASN A 185 5.52 -13.53 -17.56
N ALA A 186 5.95 -12.71 -18.52
CA ALA A 186 5.57 -12.88 -19.91
C ALA A 186 6.09 -14.20 -20.45
N ASP A 187 7.19 -14.73 -19.92
CA ASP A 187 7.65 -16.07 -20.28
C ASP A 187 6.62 -17.14 -19.94
N GLN A 188 6.14 -17.03 -18.68
CA GLN A 188 5.25 -18.01 -18.08
C GLN A 188 3.90 -17.97 -18.79
N LEU A 189 3.46 -16.78 -19.21
CA LEU A 189 2.18 -16.59 -19.88
C LEU A 189 2.19 -17.27 -21.24
N TRP A 190 3.34 -17.17 -21.92
CA TRP A 190 3.48 -17.75 -23.25
C TRP A 190 3.50 -19.28 -23.16
N GLU A 191 4.36 -19.82 -22.28
CA GLU A 191 4.52 -21.25 -22.08
C GLU A 191 3.20 -21.94 -21.72
N THR A 192 2.43 -21.32 -20.81
CA THR A 192 1.28 -21.96 -20.19
C THR A 192 -0.01 -21.71 -20.97
N THR A 193 -0.16 -20.52 -21.57
CA THR A 193 -1.48 -20.09 -22.05
C THR A 193 -1.51 -19.41 -23.41
N MET A 194 -0.37 -18.99 -24.03
CA MET A 194 -0.45 -18.30 -25.33
C MET A 194 0.22 -19.04 -26.49
N ASN A 195 1.13 -19.95 -26.19
CA ASN A 195 1.80 -20.71 -27.23
C ASN A 195 0.83 -21.80 -27.74
N PRO A 196 0.44 -21.80 -29.04
CA PRO A 196 -0.38 -22.89 -29.60
C PRO A 196 0.08 -24.31 -29.29
N GLU A 197 1.39 -24.51 -29.27
CA GLU A 197 1.99 -25.80 -28.95
C GLU A 197 1.63 -26.28 -27.55
N THR A 198 1.61 -25.41 -26.53
CA THR A 198 1.53 -25.85 -25.14
C THR A 198 0.26 -25.38 -24.41
N ARG A 199 -0.46 -24.40 -24.97
CA ARG A 199 -1.65 -23.87 -24.31
C ARG A 199 -2.77 -24.90 -24.32
N THR A 200 -3.78 -24.63 -23.48
CA THR A 200 -5.01 -25.40 -23.43
C THR A 200 -6.14 -24.39 -23.62
N LEU A 201 -6.95 -24.56 -24.68
CA LEU A 201 -8.09 -23.69 -24.94
C LEU A 201 -9.41 -24.42 -24.66
N ILE A 202 -10.49 -23.62 -24.64
CA ILE A 202 -11.85 -24.08 -24.75
C ILE A 202 -12.44 -23.43 -26.00
N ARG A 203 -12.85 -24.27 -26.99
CA ARG A 203 -13.63 -23.80 -28.12
C ARG A 203 -15.09 -23.69 -27.68
N VAL A 204 -15.69 -22.52 -27.92
CA VAL A 204 -17.08 -22.25 -27.61
C VAL A 204 -17.93 -22.54 -28.85
N THR A 205 -18.78 -23.57 -28.70
CA THR A 205 -19.76 -24.05 -29.67
C THR A 205 -21.17 -23.69 -29.20
N ILE A 206 -22.10 -23.56 -30.13
CA ILE A 206 -23.54 -23.58 -29.87
C ILE A 206 -24.06 -25.00 -30.18
N GLU A 207 -24.47 -25.73 -29.12
CA GLU A 207 -25.05 -27.07 -29.25
C GLU A 207 -26.55 -27.03 -29.54
N ASP A 208 -27.24 -25.90 -29.29
CA ASP A 208 -28.69 -25.78 -29.38
C ASP A 208 -29.08 -24.29 -29.35
N LEU A 209 -29.36 -23.65 -30.49
CA LEU A 209 -29.64 -22.20 -30.53
C LEU A 209 -30.76 -21.78 -29.55
N ALA A 210 -31.72 -22.66 -29.27
CA ALA A 210 -32.85 -22.35 -28.41
C ALA A 210 -32.45 -22.36 -26.93
N ARG A 211 -31.75 -23.42 -26.48
CA ARG A 211 -31.25 -23.52 -25.12
C ARG A 211 -30.21 -22.43 -24.81
N ALA A 212 -29.37 -22.07 -25.78
CA ALA A 212 -28.43 -20.97 -25.68
C ALA A 212 -29.18 -19.65 -25.52
N GLU A 213 -30.19 -19.38 -26.38
CA GLU A 213 -30.89 -18.10 -26.35
C GLU A 213 -31.52 -17.90 -24.97
N ARG A 214 -32.08 -18.98 -24.38
CA ARG A 214 -32.77 -18.91 -23.10
C ARG A 214 -31.77 -18.53 -22.00
N ARG A 215 -30.70 -19.35 -21.91
CA ARG A 215 -29.66 -19.27 -20.91
C ARG A 215 -29.00 -17.89 -20.90
N VAL A 216 -28.76 -17.26 -22.06
CA VAL A 216 -28.20 -15.92 -22.17
C VAL A 216 -29.22 -14.88 -21.71
N ASN A 217 -30.51 -15.01 -22.06
CA ASN A 217 -31.48 -14.00 -21.66
C ASN A 217 -31.75 -14.04 -20.17
N VAL A 218 -31.83 -15.24 -19.57
CA VAL A 218 -32.11 -15.35 -18.14
C VAL A 218 -30.95 -14.75 -17.35
N LEU A 219 -29.70 -15.12 -17.70
CA LEU A 219 -28.52 -14.68 -16.98
C LEU A 219 -28.24 -13.17 -17.17
N MET A 220 -28.47 -12.61 -18.37
N MET A 220 -28.45 -12.62 -18.37
CA MET A 220 -27.89 -11.32 -18.76
CA MET A 220 -27.88 -11.33 -18.75
C MET A 220 -28.94 -10.28 -19.14
C MET A 220 -28.94 -10.28 -19.13
N GLY A 221 -30.23 -10.65 -19.18
CA GLY A 221 -31.33 -9.73 -19.53
C GLY A 221 -31.68 -8.78 -18.39
N ASP A 222 -32.46 -7.71 -18.67
CA ASP A 222 -33.01 -6.74 -17.71
C ASP A 222 -33.83 -7.32 -16.55
N LYS A 223 -34.44 -8.49 -16.72
CA LYS A 223 -35.44 -8.95 -15.77
C LYS A 223 -34.66 -9.66 -14.66
N VAL A 224 -34.79 -9.15 -13.43
CA VAL A 224 -34.11 -9.73 -12.28
C VAL A 224 -34.70 -11.08 -11.88
N GLU A 225 -36.04 -11.15 -11.83
CA GLU A 225 -36.75 -12.22 -11.12
C GLU A 225 -36.38 -13.59 -11.72
N PRO A 226 -36.35 -13.76 -13.07
CA PRO A 226 -35.87 -15.02 -13.64
C PRO A 226 -34.41 -15.39 -13.29
N ARG A 227 -33.54 -14.36 -13.24
CA ARG A 227 -32.16 -14.57 -12.83
C ARG A 227 -32.10 -14.98 -11.37
N ARG A 228 -32.82 -14.27 -10.49
CA ARG A 228 -32.95 -14.70 -9.08
C ARG A 228 -33.37 -16.16 -9.02
N LYS A 229 -34.37 -16.54 -9.83
CA LYS A 229 -34.94 -17.88 -9.81
C LYS A 229 -33.90 -18.89 -10.29
N TRP A 230 -33.23 -18.53 -11.40
CA TRP A 230 -32.17 -19.36 -11.94
C TRP A 230 -31.11 -19.65 -10.86
N ILE A 231 -30.80 -18.61 -10.07
CA ILE A 231 -29.77 -18.70 -9.04
C ILE A 231 -30.27 -19.61 -7.91
N GLU A 232 -31.50 -19.38 -7.44
CA GLU A 232 -32.15 -20.24 -6.45
C GLU A 232 -32.21 -21.69 -6.95
N ASP A 233 -32.55 -21.91 -8.23
CA ASP A 233 -32.61 -23.26 -8.78
C ASP A 233 -31.24 -23.89 -8.98
N ASN A 234 -30.22 -23.12 -9.40
CA ASN A 234 -28.95 -23.70 -9.85
C ASN A 234 -27.81 -23.57 -8.83
N VAL A 235 -27.66 -22.41 -8.17
CA VAL A 235 -26.48 -22.19 -7.35
C VAL A 235 -26.62 -22.94 -6.02
N LYS A 236 -25.58 -23.69 -5.63
CA LYS A 236 -25.55 -24.46 -4.40
C LYS A 236 -24.80 -23.67 -3.33
N PHE A 237 -25.54 -22.87 -2.55
CA PHE A 237 -24.92 -21.96 -1.59
C PHE A 237 -24.09 -22.67 -0.53
N THR A 238 -24.42 -23.90 -0.12
CA THR A 238 -23.72 -24.55 1.00
C THR A 238 -22.76 -25.66 0.54
N LEU A 239 -22.50 -25.81 -0.78
CA LEU A 239 -21.66 -26.88 -1.32
C LEU A 239 -20.59 -26.24 -2.20
N GLU A 240 -19.37 -26.82 -2.25
CA GLU A 240 -18.33 -26.42 -3.19
C GLU A 240 -18.72 -26.94 -4.58
N GLU A 241 -18.05 -26.50 -5.66
CA GLU A 241 -18.28 -27.08 -6.98
C GLU A 241 -17.08 -27.97 -7.32
N ALA A 242 -17.31 -29.04 -8.13
CA ALA A 242 -16.36 -30.13 -8.30
C ALA A 242 -15.20 -29.78 -9.24
N THR A 243 -15.50 -29.14 -10.39
CA THR A 243 -14.55 -28.52 -11.32
C THR A 243 -13.88 -29.56 -12.24
N VAL A 244 -13.72 -29.16 -13.51
CA VAL A 244 -13.59 -30.08 -14.65
C VAL A 244 -12.21 -30.75 -14.58
N PHE A 245 -12.18 -32.06 -14.86
CA PHE A 245 -11.00 -32.75 -15.37
C PHE A 245 -10.52 -31.90 -16.56
N HIS A 246 -9.37 -31.20 -16.39
CA HIS A 246 -8.76 -30.35 -17.40
C HIS A 246 -8.22 -31.22 -18.54
N MET A 247 -8.88 -31.17 -19.73
CA MET A 247 -8.40 -31.86 -20.93
C MET A 247 -7.38 -30.95 -21.61
N SER A 248 -6.31 -31.52 -22.19
CA SER A 248 -5.32 -30.73 -22.90
C SER A 248 -5.79 -30.51 -24.34
N ASN A 249 -4.91 -29.90 -25.16
CA ASN A 249 -5.24 -29.34 -26.46
C ASN A 249 -6.48 -28.45 -26.32
N ILE A 250 -7.40 -28.52 -27.28
CA ILE A 250 -8.62 -27.75 -27.27
C ILE A 250 -9.68 -28.68 -26.67
N GLN A 251 -10.78 -28.11 -26.19
CA GLN A 251 -11.88 -28.83 -25.57
C GLN A 251 -13.14 -28.01 -25.83
N ASN A 252 -14.15 -28.59 -26.46
CA ASN A 252 -15.38 -27.87 -26.77
C ASN A 252 -16.29 -27.78 -25.55
N MET A 253 -17.01 -26.67 -25.47
CA MET A 253 -18.09 -26.50 -24.51
C MET A 253 -19.16 -25.65 -25.16
N SER A 254 -20.40 -25.96 -24.79
CA SER A 254 -21.57 -25.28 -25.31
C SER A 254 -21.58 -23.88 -24.70
N LEU A 255 -22.06 -22.89 -25.47
CA LEU A 255 -22.37 -21.57 -24.94
C LEU A 255 -23.26 -21.69 -23.70
N GLU A 256 -24.21 -22.66 -23.71
CA GLU A 256 -25.12 -22.89 -22.62
C GLU A 256 -24.35 -23.16 -21.33
N ASP A 257 -23.44 -24.15 -21.34
CA ASP A 257 -22.75 -24.57 -20.13
C ASP A 257 -21.70 -23.58 -19.66
N ILE A 258 -20.94 -23.00 -20.60
CA ILE A 258 -19.98 -21.99 -20.25
C ILE A 258 -20.71 -20.83 -19.55
N MET A 259 -21.83 -20.32 -20.12
CA MET A 259 -22.51 -19.18 -19.53
C MET A 259 -23.04 -19.52 -18.14
N GLY A 260 -23.66 -20.69 -18.02
CA GLY A 260 -24.18 -21.13 -16.74
C GLY A 260 -23.09 -21.37 -15.69
N GLU A 261 -21.99 -22.04 -16.05
CA GLU A 261 -20.94 -22.31 -15.06
C GLU A 261 -20.29 -20.98 -14.63
N ARG A 262 -19.97 -20.11 -15.59
CA ARG A 262 -19.29 -18.85 -15.31
C ARG A 262 -20.17 -17.91 -14.48
N PHE A 263 -21.40 -17.68 -14.93
CA PHE A 263 -22.30 -16.77 -14.20
C PHE A 263 -22.72 -17.32 -12.84
N GLY A 264 -22.83 -18.65 -12.74
CA GLY A 264 -23.07 -19.30 -11.46
C GLY A 264 -21.99 -19.00 -10.45
N ARG A 265 -20.71 -19.17 -10.88
CA ARG A 265 -19.52 -18.94 -10.07
CA ARG A 265 -19.54 -18.95 -10.05
C ARG A 265 -19.50 -17.49 -9.59
N TYR A 266 -19.76 -16.55 -10.51
CA TYR A 266 -19.70 -15.12 -10.23
C TYR A 266 -20.79 -14.73 -9.23
N SER A 267 -22.04 -15.08 -9.58
CA SER A 267 -23.23 -14.87 -8.76
C SER A 267 -23.01 -15.29 -7.32
N LYS A 268 -22.61 -16.55 -7.17
CA LYS A 268 -22.47 -17.11 -5.84
C LYS A 268 -21.44 -16.26 -5.06
N TYR A 269 -20.30 -15.95 -5.72
CA TYR A 269 -19.22 -15.22 -5.11
C TYR A 269 -19.70 -13.82 -4.69
N ILE A 270 -20.39 -13.07 -5.57
CA ILE A 270 -20.70 -11.72 -5.15
C ILE A 270 -21.90 -11.65 -4.20
N ILE A 271 -22.74 -12.70 -4.17
CA ILE A 271 -23.79 -12.82 -3.18
C ILE A 271 -23.18 -13.08 -1.81
N GLN A 272 -22.40 -14.15 -1.70
CA GLN A 272 -21.86 -14.60 -0.44
C GLN A 272 -20.63 -13.80 0.02
N ASP A 273 -19.82 -13.29 -0.91
CA ASP A 273 -18.49 -12.86 -0.59
C ASP A 273 -18.18 -11.49 -1.17
N ARG A 274 -19.14 -10.56 -1.22
CA ARG A 274 -18.84 -9.22 -1.70
C ARG A 274 -19.84 -8.21 -1.18
N ALA A 275 -21.04 -8.17 -1.77
CA ALA A 275 -21.93 -7.03 -1.69
C ALA A 275 -22.97 -7.14 -0.57
N LEU A 276 -23.19 -8.33 0.03
CA LEU A 276 -24.23 -8.52 1.03
C LEU A 276 -23.60 -8.76 2.40
N PRO A 277 -24.14 -8.15 3.49
CA PRO A 277 -23.63 -8.34 4.86
C PRO A 277 -24.02 -9.71 5.40
N ASP A 278 -23.17 -10.24 6.28
CA ASP A 278 -23.55 -11.30 7.16
C ASP A 278 -24.59 -10.76 8.15
N ILE A 279 -25.67 -11.54 8.37
CA ILE A 279 -26.78 -11.15 9.24
C ILE A 279 -26.35 -11.01 10.70
N ARG A 280 -25.29 -11.72 11.13
CA ARG A 280 -24.87 -11.73 12.53
C ARG A 280 -24.05 -10.49 12.93
N ASP A 281 -22.97 -10.18 12.20
CA ASP A 281 -22.08 -9.08 12.55
C ASP A 281 -22.32 -7.83 11.70
N GLY A 282 -23.16 -7.93 10.65
CA GLY A 282 -23.47 -6.79 9.80
C GLY A 282 -22.39 -6.37 8.80
N LEU A 283 -21.35 -7.21 8.59
CA LEU A 283 -20.20 -6.82 7.81
C LEU A 283 -20.23 -7.46 6.44
N LYS A 284 -19.77 -6.69 5.44
CA LYS A 284 -19.31 -7.29 4.20
C LYS A 284 -17.89 -7.86 4.38
N PRO A 285 -17.44 -8.85 3.59
CA PRO A 285 -16.10 -9.41 3.79
C PRO A 285 -14.94 -8.39 3.80
N VAL A 286 -14.98 -7.39 2.92
CA VAL A 286 -13.94 -6.38 2.88
C VAL A 286 -13.94 -5.61 4.20
N GLN A 287 -15.09 -5.31 4.78
CA GLN A 287 -15.13 -4.55 6.01
C GLN A 287 -14.58 -5.36 7.18
N ARG A 288 -14.89 -6.67 7.20
CA ARG A 288 -14.45 -7.56 8.25
C ARG A 288 -12.92 -7.68 8.20
N ARG A 289 -12.39 -7.80 6.98
CA ARG A 289 -10.95 -7.92 6.81
C ARG A 289 -10.21 -6.66 7.20
N ILE A 290 -10.74 -5.50 6.87
CA ILE A 290 -10.23 -4.24 7.37
C ILE A 290 -10.12 -4.28 8.89
N LEU A 291 -11.22 -4.59 9.58
CA LEU A 291 -11.21 -4.61 11.03
C LEU A 291 -10.23 -5.66 11.58
N TYR A 292 -10.30 -6.87 11.06
CA TYR A 292 -9.51 -7.96 11.64
C TYR A 292 -8.02 -7.61 11.46
N SER A 293 -7.65 -7.12 10.27
CA SER A 293 -6.25 -6.84 9.94
C SER A 293 -5.73 -5.70 10.81
N MET A 294 -6.52 -4.62 10.91
CA MET A 294 -6.09 -3.52 11.72
C MET A 294 -5.95 -3.94 13.18
N ASN A 295 -6.86 -4.79 13.65
CA ASN A 295 -6.84 -5.19 15.05
C ASN A 295 -5.64 -6.12 15.30
N LYS A 296 -5.35 -7.01 14.34
CA LYS A 296 -4.26 -7.96 14.47
C LYS A 296 -2.94 -7.19 14.54
N ASP A 297 -2.83 -6.07 13.81
CA ASP A 297 -1.67 -5.20 13.78
C ASP A 297 -1.70 -4.17 14.92
N SER A 298 -2.58 -4.28 15.94
CA SER A 298 -2.57 -3.39 17.11
C SER A 298 -2.88 -1.94 16.75
N ASN A 299 -3.58 -1.74 15.63
CA ASN A 299 -3.99 -0.42 15.15
C ASN A 299 -5.35 -0.03 15.77
N THR A 300 -5.43 -0.01 17.10
CA THR A 300 -6.62 0.21 17.87
C THR A 300 -6.71 1.68 18.30
N PHE A 301 -7.84 2.02 18.95
CA PHE A 301 -8.26 3.38 19.24
C PHE A 301 -7.36 4.08 20.26
N ASP A 302 -6.76 3.28 21.12
CA ASP A 302 -5.92 3.67 22.24
C ASP A 302 -4.46 3.86 21.83
N LYS A 303 -4.10 3.67 20.56
CA LYS A 303 -2.72 3.70 20.11
C LYS A 303 -2.65 4.64 18.93
N SER A 304 -1.44 5.04 18.53
CA SER A 304 -1.35 6.12 17.57
C SER A 304 -1.82 5.64 16.19
N TYR A 305 -2.24 6.62 15.43
CA TYR A 305 -2.69 6.41 14.08
C TYR A 305 -1.54 5.83 13.26
N ARG A 306 -1.89 5.17 12.17
CA ARG A 306 -0.95 4.48 11.32
C ARG A 306 -1.32 4.81 9.88
N LYS A 307 -0.30 5.08 9.09
CA LYS A 307 -0.49 5.43 7.69
C LYS A 307 -1.47 4.47 6.99
N SER A 308 -2.47 5.06 6.33
CA SER A 308 -3.49 4.26 5.65
C SER A 308 -2.87 3.28 4.65
N ALA A 309 -1.87 3.72 3.88
CA ALA A 309 -1.28 2.87 2.85
C ALA A 309 -0.70 1.60 3.50
N LYS A 310 -0.22 1.69 4.74
CA LYS A 310 0.32 0.53 5.42
C LYS A 310 -0.79 -0.45 5.76
N SER A 311 -1.87 0.03 6.36
CA SER A 311 -3.03 -0.79 6.68
C SER A 311 -3.55 -1.51 5.44
N VAL A 312 -3.75 -0.71 4.38
CA VAL A 312 -4.36 -1.19 3.15
C VAL A 312 -3.46 -2.26 2.53
N GLY A 313 -2.14 -2.05 2.57
CA GLY A 313 -1.22 -3.01 1.99
C GLY A 313 -1.24 -4.33 2.74
N ASN A 314 -1.35 -4.26 4.07
CA ASN A 314 -1.43 -5.45 4.89
C ASN A 314 -2.75 -6.18 4.61
N ILE A 315 -3.83 -5.42 4.46
CA ILE A 315 -5.14 -6.02 4.20
C ILE A 315 -5.09 -6.78 2.88
N MET A 316 -4.49 -6.14 1.86
CA MET A 316 -4.44 -6.72 0.53
C MET A 316 -3.53 -7.95 0.51
N GLY A 317 -2.35 -7.84 1.12
CA GLY A 317 -1.36 -8.93 1.07
C GLY A 317 -1.75 -10.13 1.93
N ASN A 318 -2.49 -9.92 3.01
CA ASN A 318 -2.83 -11.00 3.95
C ASN A 318 -4.24 -11.57 3.74
N PHE A 319 -5.22 -10.79 3.26
CA PHE A 319 -6.63 -11.19 3.40
C PHE A 319 -7.45 -10.93 2.13
N HIS A 320 -7.26 -9.80 1.43
CA HIS A 320 -8.25 -9.36 0.47
C HIS A 320 -7.59 -9.13 -0.89
N PRO A 321 -7.58 -10.14 -1.78
CA PRO A 321 -6.85 -10.05 -3.04
C PRO A 321 -7.58 -9.26 -4.12
N HIS A 322 -7.74 -7.95 -3.88
CA HIS A 322 -8.47 -7.05 -4.75
C HIS A 322 -7.79 -5.70 -4.70
N GLY A 323 -8.29 -4.77 -5.52
CA GLY A 323 -7.64 -3.50 -5.71
C GLY A 323 -7.63 -2.69 -4.41
N ASP A 324 -6.56 -1.91 -4.23
CA ASP A 324 -6.42 -1.05 -3.07
C ASP A 324 -7.50 0.02 -3.08
N SER A 325 -7.96 0.49 -4.26
CA SER A 325 -8.98 1.53 -4.26
C SER A 325 -10.27 0.99 -3.59
N SER A 326 -10.65 -0.28 -3.87
CA SER A 326 -11.79 -0.91 -3.23
C SER A 326 -11.61 -0.98 -1.72
N ILE A 327 -10.43 -1.38 -1.27
CA ILE A 327 -10.16 -1.53 0.15
C ILE A 327 -10.20 -0.16 0.81
N TYR A 328 -9.50 0.82 0.21
CA TYR A 328 -9.34 2.11 0.85
C TYR A 328 -10.68 2.84 0.92
N ASP A 329 -11.42 2.84 -0.19
CA ASP A 329 -12.76 3.45 -0.19
C ASP A 329 -13.68 2.87 0.88
N ALA A 330 -13.66 1.54 1.05
CA ALA A 330 -14.43 0.91 2.13
C ALA A 330 -13.98 1.37 3.52
N MET A 331 -12.66 1.45 3.76
CA MET A 331 -12.11 1.93 5.02
C MET A 331 -12.52 3.38 5.26
N VAL A 332 -12.42 4.22 4.23
CA VAL A 332 -12.82 5.62 4.37
C VAL A 332 -14.31 5.73 4.76
N ARG A 333 -15.18 4.94 4.08
CA ARG A 333 -16.60 4.94 4.38
C ARG A 333 -16.84 4.59 5.84
N MET A 334 -16.10 3.60 6.37
CA MET A 334 -16.23 3.21 7.77
C MET A 334 -15.83 4.34 8.72
N SER A 335 -15.23 5.43 8.22
CA SER A 335 -14.76 6.55 9.01
C SER A 335 -15.65 7.77 8.93
N GLN A 336 -16.65 7.72 8.04
CA GLN A 336 -17.47 8.87 7.74
C GLN A 336 -18.75 8.79 8.55
N ASN A 337 -18.95 9.80 9.41
CA ASN A 337 -20.08 9.81 10.32
C ASN A 337 -21.39 10.37 9.73
N TRP A 338 -21.42 10.67 8.43
CA TRP A 338 -22.63 10.85 7.66
C TRP A 338 -23.03 9.59 6.90
N LYS A 339 -22.18 8.56 6.89
CA LYS A 339 -22.55 7.26 6.31
C LYS A 339 -22.84 6.19 7.37
N ASN A 340 -22.06 6.17 8.46
CA ASN A 340 -22.18 5.19 9.53
C ASN A 340 -22.65 5.88 10.79
N ARG A 341 -23.63 5.27 11.47
CA ARG A 341 -24.14 5.80 12.72
C ARG A 341 -23.17 5.61 13.88
N GLU A 342 -22.24 4.66 13.76
CA GLU A 342 -21.24 4.36 14.78
C GLU A 342 -19.96 4.05 13.98
N ILE A 343 -19.10 5.07 13.76
CA ILE A 343 -17.98 4.87 12.87
C ILE A 343 -17.06 3.81 13.48
N LEU A 344 -16.58 2.95 12.61
CA LEU A 344 -15.74 1.83 12.96
C LEU A 344 -14.24 2.16 12.76
N VAL A 345 -13.90 3.14 11.91
CA VAL A 345 -12.54 3.61 11.71
C VAL A 345 -12.46 5.10 12.02
N GLU A 346 -11.41 5.53 12.75
CA GLU A 346 -11.07 6.91 12.91
C GLU A 346 -9.96 7.23 11.92
N MET A 347 -10.14 8.29 11.13
CA MET A 347 -9.22 8.66 10.08
C MET A 347 -8.84 10.11 10.27
N HIS A 348 -7.56 10.41 10.52
CA HIS A 348 -7.00 11.75 10.36
C HIS A 348 -6.74 12.11 8.90
N GLY A 349 -6.96 13.38 8.57
CA GLY A 349 -6.84 13.87 7.21
C GLY A 349 -8.20 14.15 6.56
N ASN A 350 -8.15 14.29 5.24
CA ASN A 350 -9.32 14.54 4.41
C ASN A 350 -9.92 13.17 4.11
N ASN A 351 -10.94 12.83 4.93
CA ASN A 351 -11.79 11.66 4.70
C ASN A 351 -13.10 12.00 4.00
N GLY A 352 -13.07 12.99 3.08
CA GLY A 352 -14.24 13.45 2.34
C GLY A 352 -15.17 14.35 3.17
N SER A 353 -16.40 14.51 2.67
CA SER A 353 -17.39 15.44 3.24
C SER A 353 -18.76 15.08 2.69
N MET A 354 -19.77 15.73 3.27
CA MET A 354 -21.13 15.59 2.75
C MET A 354 -21.31 16.21 1.36
N ASP A 355 -20.33 17.02 0.88
CA ASP A 355 -20.33 17.47 -0.50
C ASP A 355 -19.75 16.44 -1.46
N GLY A 356 -19.33 15.27 -0.97
CA GLY A 356 -18.76 14.22 -1.81
C GLY A 356 -17.40 14.64 -2.38
N ASP A 357 -16.66 15.52 -1.69
CA ASP A 357 -15.38 15.91 -2.26
C ASP A 357 -14.44 14.71 -2.08
N PRO A 358 -13.55 14.40 -3.04
CA PRO A 358 -12.70 13.20 -2.97
C PRO A 358 -11.89 13.11 -1.67
N PRO A 359 -11.89 11.98 -0.92
CA PRO A 359 -11.02 11.85 0.23
C PRO A 359 -9.57 11.90 -0.30
N ALA A 360 -8.68 12.40 0.55
CA ALA A 360 -7.25 12.28 0.24
C ALA A 360 -6.94 10.79 0.04
N ALA A 361 -5.99 10.52 -0.88
CA ALA A 361 -5.50 9.17 -1.12
C ALA A 361 -4.71 8.66 0.10
N MET A 362 -4.52 7.34 0.09
CA MET A 362 -4.03 6.61 1.25
C MET A 362 -2.61 7.01 1.65
N ARG A 363 -1.83 7.62 0.73
CA ARG A 363 -0.52 8.17 1.03
C ARG A 363 -0.58 9.30 2.07
N TYR A 364 -1.72 10.01 2.18
CA TYR A 364 -1.86 11.16 3.07
C TYR A 364 -2.42 10.81 4.43
N THR A 365 -3.46 9.97 4.45
CA THR A 365 -4.26 9.83 5.66
C THR A 365 -3.62 8.82 6.58
N GLU A 366 -4.14 8.76 7.79
CA GLU A 366 -3.79 7.74 8.75
C GLU A 366 -5.02 7.40 9.58
N ALA A 367 -5.01 6.19 10.17
CA ALA A 367 -6.24 5.62 10.68
C ALA A 367 -5.90 4.68 11.82
N ARG A 368 -6.94 4.38 12.59
CA ARG A 368 -7.02 3.27 13.50
C ARG A 368 -8.50 2.92 13.71
N LEU A 369 -8.75 1.78 14.36
CA LEU A 369 -10.08 1.35 14.73
C LEU A 369 -10.66 2.29 15.79
N SER A 370 -11.98 2.51 15.71
CA SER A 370 -12.68 3.24 16.76
C SER A 370 -12.77 2.36 18.00
N GLU A 371 -13.11 2.96 19.13
CA GLU A 371 -13.30 2.19 20.34
C GLU A 371 -14.44 1.16 20.19
N ILE A 372 -15.60 1.59 19.65
CA ILE A 372 -16.73 0.69 19.51
C ILE A 372 -16.39 -0.46 18.55
N ALA A 373 -15.52 -0.23 17.59
CA ALA A 373 -15.15 -1.30 16.70
C ALA A 373 -14.44 -2.43 17.45
N GLY A 374 -13.69 -2.08 18.50
CA GLY A 374 -13.10 -3.08 19.37
C GLY A 374 -14.12 -4.05 19.96
N TYR A 375 -15.33 -3.54 20.24
CA TYR A 375 -16.47 -4.34 20.65
C TYR A 375 -16.96 -5.29 19.58
N LEU A 376 -16.72 -5.04 18.29
CA LEU A 376 -16.99 -6.05 17.28
C LEU A 376 -16.02 -7.21 17.36
N LEU A 377 -14.79 -6.93 17.79
CA LEU A 377 -13.71 -7.92 17.85
C LEU A 377 -13.51 -8.54 19.22
N GLN A 378 -14.24 -8.06 20.24
CA GLN A 378 -14.06 -8.51 21.61
C GLN A 378 -14.09 -10.04 21.68
N ASP A 379 -13.05 -10.62 22.32
CA ASP A 379 -12.91 -12.04 22.55
C ASP A 379 -12.66 -12.82 21.26
N ILE A 380 -12.14 -12.17 20.20
CA ILE A 380 -11.73 -12.94 19.02
C ILE A 380 -10.55 -13.89 19.31
N GLU A 381 -9.75 -13.57 20.34
CA GLU A 381 -8.63 -14.39 20.73
C GLU A 381 -9.04 -15.60 21.58
N LYS A 382 -10.34 -15.83 21.88
CA LYS A 382 -10.75 -16.94 22.73
C LYS A 382 -11.55 -18.00 21.99
N LYS A 383 -11.19 -18.26 20.73
CA LYS A 383 -11.86 -19.31 19.94
C LYS A 383 -13.39 -19.23 19.99
N THR A 384 -13.90 -18.02 19.76
CA THR A 384 -15.30 -17.67 19.82
C THR A 384 -15.96 -17.77 18.44
N VAL A 385 -15.22 -17.95 17.34
CA VAL A 385 -15.82 -17.71 16.04
C VAL A 385 -15.07 -18.50 14.99
N PRO A 386 -15.72 -19.06 13.97
CA PRO A 386 -15.04 -19.89 12.98
C PRO A 386 -14.00 -19.12 12.15
N PHE A 387 -12.79 -19.70 12.04
CA PHE A 387 -11.76 -19.17 11.16
C PHE A 387 -11.62 -20.06 9.93
N ALA A 388 -11.14 -19.47 8.84
CA ALA A 388 -10.88 -20.16 7.59
C ALA A 388 -9.51 -19.72 7.06
N TRP A 389 -8.91 -20.56 6.20
CA TRP A 389 -7.66 -20.22 5.55
C TRP A 389 -7.87 -19.00 4.68
N ASN A 390 -6.92 -18.05 4.70
CA ASN A 390 -6.88 -16.98 3.72
C ASN A 390 -6.64 -17.52 2.30
N PHE A 391 -6.63 -16.58 1.35
CA PHE A 391 -6.68 -16.88 -0.08
C PHE A 391 -5.50 -17.71 -0.56
N ASP A 392 -4.37 -17.75 0.18
CA ASP A 392 -3.20 -18.50 -0.21
C ASP A 392 -2.70 -19.42 0.92
N ASP A 393 -3.57 -19.78 1.88
CA ASP A 393 -3.28 -20.81 2.86
C ASP A 393 -2.08 -20.46 3.72
N THR A 394 -1.78 -19.19 3.99
CA THR A 394 -0.67 -18.82 4.86
C THR A 394 -1.13 -18.34 6.23
N GLU A 395 -2.43 -18.03 6.38
CA GLU A 395 -2.92 -17.37 7.57
C GLU A 395 -4.43 -17.58 7.67
N LYS A 396 -4.94 -17.59 8.90
CA LYS A 396 -6.38 -17.83 9.12
C LYS A 396 -7.07 -16.48 9.32
N GLU A 397 -8.36 -16.41 8.91
CA GLU A 397 -9.15 -15.21 9.10
C GLU A 397 -10.55 -15.58 9.60
N PRO A 398 -11.21 -14.72 10.42
CA PRO A 398 -12.56 -15.00 10.89
C PRO A 398 -13.58 -14.92 9.76
N THR A 399 -14.54 -15.85 9.70
CA THR A 399 -15.68 -15.79 8.78
C THR A 399 -16.78 -14.90 9.33
N VAL A 400 -16.72 -14.56 10.62
CA VAL A 400 -17.67 -13.66 11.26
C VAL A 400 -17.01 -13.17 12.53
N LEU A 401 -17.37 -11.98 12.99
CA LEU A 401 -16.79 -11.40 14.19
C LEU A 401 -17.68 -11.65 15.41
N PRO A 402 -17.11 -11.65 16.63
CA PRO A 402 -17.89 -11.85 17.84
C PRO A 402 -19.10 -10.93 18.02
N ALA A 403 -18.94 -9.67 17.59
CA ALA A 403 -20.02 -8.70 17.45
C ALA A 403 -20.78 -8.42 18.76
N ALA A 404 -20.15 -7.74 19.71
CA ALA A 404 -20.78 -7.45 20.99
C ALA A 404 -21.79 -6.31 20.94
N PHE A 405 -21.96 -5.66 19.76
CA PHE A 405 -23.17 -4.89 19.53
C PHE A 405 -23.75 -5.32 18.17
N PRO A 406 -25.07 -5.18 17.97
CA PRO A 406 -25.75 -5.63 16.74
C PRO A 406 -25.63 -4.69 15.53
N ASN A 407 -24.42 -4.68 14.99
CA ASN A 407 -23.96 -3.80 13.94
C ASN A 407 -24.83 -3.84 12.67
N LEU A 408 -25.44 -4.96 12.34
CA LEU A 408 -26.27 -5.04 11.14
C LEU A 408 -27.32 -3.93 11.14
N LEU A 409 -28.05 -3.79 12.24
CA LEU A 409 -29.06 -2.73 12.33
C LEU A 409 -28.47 -1.37 12.67
N VAL A 410 -27.44 -1.35 13.52
CA VAL A 410 -26.88 -0.11 14.00
C VAL A 410 -26.26 0.70 12.86
N ASN A 411 -25.43 0.07 12.02
CA ASN A 411 -24.76 0.77 10.92
C ASN A 411 -25.38 0.49 9.54
N GLY A 412 -26.24 -0.52 9.44
CA GLY A 412 -26.92 -0.76 8.19
C GLY A 412 -25.99 -1.32 7.14
N SER A 413 -26.51 -1.46 5.93
CA SER A 413 -25.72 -1.96 4.82
C SER A 413 -26.43 -1.51 3.56
N THR A 414 -25.66 -1.02 2.60
CA THR A 414 -26.21 -0.84 1.28
C THR A 414 -25.27 -1.47 0.26
N GLY A 415 -25.85 -2.38 -0.52
CA GLY A 415 -25.12 -3.21 -1.47
C GLY A 415 -25.99 -3.62 -2.66
N ILE A 416 -25.30 -3.92 -3.77
CA ILE A 416 -25.86 -4.43 -5.00
C ILE A 416 -25.08 -5.67 -5.43
N SER A 417 -25.77 -6.81 -5.52
CA SER A 417 -25.19 -8.09 -5.83
C SER A 417 -25.70 -8.56 -7.22
N ALA A 418 -25.79 -9.90 -7.42
CA ALA A 418 -26.40 -10.54 -8.58
C ALA A 418 -27.69 -11.23 -8.13
N GLY A 419 -28.81 -10.84 -8.79
CA GLY A 419 -30.12 -11.34 -8.41
C GLY A 419 -30.67 -10.82 -7.08
N TYR A 420 -29.88 -10.07 -6.30
CA TYR A 420 -30.26 -9.52 -5.00
C TYR A 420 -29.56 -8.20 -4.78
N ALA A 421 -30.16 -7.34 -3.95
CA ALA A 421 -29.57 -6.09 -3.47
C ALA A 421 -29.96 -5.99 -2.00
N THR A 422 -29.42 -4.99 -1.30
CA THR A 422 -29.74 -4.81 0.12
C THR A 422 -29.71 -3.32 0.45
N ASP A 423 -30.71 -2.89 1.20
CA ASP A 423 -30.76 -1.62 1.88
C ASP A 423 -31.29 -1.80 3.28
N ILE A 424 -30.38 -1.74 4.25
CA ILE A 424 -30.74 -1.80 5.65
C ILE A 424 -30.31 -0.46 6.22
N PRO A 425 -31.20 0.40 6.74
CA PRO A 425 -30.79 1.71 7.21
C PRO A 425 -30.17 1.56 8.59
N PRO A 426 -29.39 2.57 9.05
CA PRO A 426 -28.87 2.60 10.42
C PRO A 426 -29.95 2.78 11.46
N HIS A 427 -29.61 2.46 12.73
CA HIS A 427 -30.51 2.51 13.86
C HIS A 427 -29.73 2.98 15.08
N ASN A 428 -30.48 3.44 16.07
CA ASN A 428 -29.94 3.92 17.32
C ASN A 428 -29.50 2.71 18.17
N LEU A 429 -28.27 2.70 18.67
CA LEU A 429 -27.66 1.57 19.36
C LEU A 429 -28.46 1.20 20.60
N ALA A 430 -28.81 2.18 21.43
CA ALA A 430 -29.56 1.91 22.64
C ALA A 430 -30.91 1.23 22.36
N GLU A 431 -31.62 1.72 21.33
CA GLU A 431 -32.92 1.22 20.96
C GLU A 431 -32.78 -0.20 20.44
N VAL A 432 -31.75 -0.51 19.66
CA VAL A 432 -31.58 -1.85 19.10
C VAL A 432 -31.30 -2.83 20.25
N ILE A 433 -30.44 -2.44 21.19
CA ILE A 433 -30.14 -3.25 22.34
C ILE A 433 -31.40 -3.46 23.18
N ASP A 434 -32.22 -2.41 23.35
CA ASP A 434 -33.47 -2.55 24.10
C ASP A 434 -34.37 -3.63 23.49
N ALA A 435 -34.49 -3.66 22.17
CA ALA A 435 -35.27 -4.70 21.52
C ALA A 435 -34.65 -6.08 21.70
N ALA A 436 -33.34 -6.15 21.61
CA ALA A 436 -32.65 -7.42 21.71
C ALA A 436 -32.80 -7.99 23.11
N VAL A 437 -32.63 -7.15 24.11
CA VAL A 437 -32.79 -7.58 25.46
C VAL A 437 -34.22 -8.05 25.72
N TYR A 438 -35.23 -7.31 25.22
CA TYR A 438 -36.60 -7.74 25.35
C TYR A 438 -36.75 -9.15 24.76
N MET A 439 -36.21 -9.37 23.56
CA MET A 439 -36.39 -10.61 22.86
C MET A 439 -35.63 -11.73 23.55
N ILE A 440 -34.53 -11.44 24.26
CA ILE A 440 -33.87 -12.48 25.04
C ILE A 440 -34.84 -13.05 26.08
N ASP A 441 -35.66 -12.18 26.69
CA ASP A 441 -36.65 -12.60 27.66
C ASP A 441 -37.95 -13.09 27.06
N HIS A 442 -38.25 -12.79 25.80
CA HIS A 442 -39.52 -13.06 25.20
C HIS A 442 -39.25 -13.47 23.76
N PRO A 443 -38.74 -14.70 23.54
CA PRO A 443 -38.35 -15.11 22.20
C PRO A 443 -39.43 -15.04 21.15
N THR A 444 -40.71 -15.12 21.55
CA THR A 444 -41.81 -15.07 20.59
C THR A 444 -42.30 -13.65 20.38
N ALA A 445 -41.59 -12.64 20.89
CA ALA A 445 -42.07 -11.28 20.87
C ALA A 445 -42.44 -10.84 19.47
N LYS A 446 -43.45 -9.98 19.42
CA LYS A 446 -44.03 -9.56 18.16
C LYS A 446 -43.63 -8.15 17.82
N ILE A 447 -43.81 -7.82 16.54
CA ILE A 447 -43.35 -6.58 15.96
C ILE A 447 -43.91 -5.38 16.71
N ASP A 448 -45.20 -5.36 17.00
CA ASP A 448 -45.78 -4.24 17.72
C ASP A 448 -45.09 -3.99 19.05
N LYS A 449 -44.76 -5.08 19.75
CA LYS A 449 -44.14 -4.93 21.05
C LYS A 449 -42.68 -4.51 20.86
N LEU A 450 -41.98 -5.12 19.88
CA LEU A 450 -40.59 -4.75 19.62
C LEU A 450 -40.47 -3.28 19.22
N MET A 451 -41.48 -2.76 18.51
CA MET A 451 -41.43 -1.39 18.03
C MET A 451 -41.63 -0.38 19.16
N GLU A 452 -42.06 -0.81 20.34
CA GLU A 452 -41.97 0.08 21.49
C GLU A 452 -40.52 0.39 21.86
N PHE A 453 -39.58 -0.52 21.57
CA PHE A 453 -38.18 -0.29 21.88
C PHE A 453 -37.46 0.28 20.67
N LEU A 454 -37.86 -0.16 19.47
CA LEU A 454 -37.18 0.14 18.23
C LEU A 454 -38.23 0.67 17.26
N PRO A 455 -38.58 1.96 17.39
CA PRO A 455 -39.68 2.52 16.60
C PRO A 455 -39.35 2.78 15.14
N GLY A 456 -38.05 2.86 14.84
CA GLY A 456 -37.65 3.11 13.47
C GLY A 456 -36.16 3.35 13.31
N PRO A 457 -35.69 3.61 12.08
CA PRO A 457 -34.28 3.93 11.80
C PRO A 457 -33.87 5.22 12.49
N ASP A 458 -32.54 5.41 12.54
CA ASP A 458 -31.89 6.55 13.14
C ASP A 458 -30.70 6.87 12.25
N PHE A 459 -30.96 7.64 11.19
CA PHE A 459 -29.92 8.04 10.25
C PHE A 459 -28.90 8.95 10.94
N PRO A 460 -27.59 8.81 10.65
CA PRO A 460 -26.59 9.72 11.22
C PRO A 460 -26.73 11.16 10.74
N THR A 461 -27.40 11.36 9.58
CA THR A 461 -27.77 12.66 9.03
C THR A 461 -29.07 13.25 9.59
N GLY A 462 -29.75 12.55 10.52
CA GLY A 462 -30.93 13.05 11.19
C GLY A 462 -32.13 13.07 10.24
N ALA A 463 -32.76 14.25 10.13
CA ALA A 463 -33.91 14.53 9.28
C ALA A 463 -35.17 13.89 9.86
N ILE A 464 -36.27 13.82 9.07
CA ILE A 464 -37.58 13.40 9.55
C ILE A 464 -37.97 12.18 8.75
N ILE A 465 -38.31 11.10 9.46
CA ILE A 465 -38.77 9.89 8.82
C ILE A 465 -40.28 9.81 9.02
N GLN A 466 -41.06 9.65 7.94
CA GLN A 466 -42.51 9.64 7.96
C GLN A 466 -43.01 8.29 7.42
N GLY A 467 -43.94 7.63 8.13
CA GLY A 467 -44.63 6.46 7.59
C GLY A 467 -44.52 5.25 8.53
N ARG A 468 -45.22 5.35 9.68
CA ARG A 468 -45.22 4.33 10.73
C ARG A 468 -45.64 2.97 10.18
N ASP A 469 -46.65 2.95 9.34
CA ASP A 469 -47.15 1.71 8.77
C ASP A 469 -46.10 1.06 7.90
N GLU A 470 -45.37 1.88 7.13
CA GLU A 470 -44.33 1.38 6.22
C GLU A 470 -43.12 0.89 7.02
N ILE A 471 -42.81 1.53 8.16
CA ILE A 471 -41.77 0.99 9.03
C ILE A 471 -42.15 -0.42 9.48
N LYS A 472 -43.41 -0.55 9.91
CA LYS A 472 -43.89 -1.80 10.43
C LYS A 472 -43.83 -2.87 9.35
N LYS A 473 -44.26 -2.52 8.13
CA LYS A 473 -44.22 -3.48 7.03
C LYS A 473 -42.78 -3.93 6.78
N ALA A 474 -41.85 -2.97 6.74
CA ALA A 474 -40.44 -3.30 6.58
C ALA A 474 -39.91 -4.18 7.72
N TYR A 475 -40.30 -3.88 8.96
CA TYR A 475 -39.85 -4.68 10.10
C TYR A 475 -40.45 -6.08 10.07
N GLU A 476 -41.63 -6.24 9.44
CA GLU A 476 -42.25 -7.54 9.29
C GLU A 476 -41.64 -8.32 8.13
N THR A 477 -41.47 -7.68 6.97
CA THR A 477 -41.18 -8.40 5.73
C THR A 477 -39.76 -8.19 5.23
N GLY A 478 -39.15 -7.06 5.61
CA GLY A 478 -37.89 -6.64 5.05
C GLY A 478 -38.07 -5.56 3.98
N LYS A 479 -39.33 -5.32 3.55
CA LYS A 479 -39.55 -4.31 2.50
C LYS A 479 -40.62 -3.33 2.95
N GLY A 480 -40.37 -2.05 2.66
CA GLY A 480 -41.31 -0.98 2.91
C GLY A 480 -40.72 0.29 2.30
N ARG A 481 -41.53 1.33 2.17
CA ARG A 481 -41.07 2.61 1.67
C ARG A 481 -41.44 3.68 2.68
N VAL A 482 -40.49 4.47 3.11
CA VAL A 482 -40.72 5.53 4.07
C VAL A 482 -40.25 6.84 3.43
N VAL A 483 -40.76 7.97 3.92
CA VAL A 483 -40.37 9.27 3.43
C VAL A 483 -39.29 9.78 4.39
N VAL A 484 -38.21 10.34 3.83
CA VAL A 484 -37.22 11.01 4.64
C VAL A 484 -37.17 12.45 4.16
N ARG A 485 -37.35 13.38 5.09
CA ARG A 485 -37.54 14.77 4.73
C ARG A 485 -36.62 15.66 5.53
N SER A 486 -36.02 16.64 4.86
CA SER A 486 -35.05 17.54 5.46
C SER A 486 -35.71 18.30 6.61
N LYS A 487 -34.92 18.55 7.63
CA LYS A 487 -35.36 19.39 8.71
C LYS A 487 -35.21 20.82 8.23
N THR A 488 -36.31 21.61 8.33
CA THR A 488 -36.38 22.97 7.88
C THR A 488 -37.00 23.83 8.97
N GLU A 489 -36.75 25.13 8.90
CA GLU A 489 -37.46 26.10 9.71
C GLU A 489 -37.49 27.40 8.91
N ILE A 490 -38.51 28.25 9.17
CA ILE A 490 -38.61 29.55 8.54
C ILE A 490 -37.98 30.61 9.44
N GLU A 491 -37.28 31.58 8.83
CA GLU A 491 -36.64 32.70 9.52
C GLU A 491 -37.04 33.98 8.81
N LYS A 492 -37.49 34.95 9.64
CA LYS A 492 -37.89 36.26 9.17
C LYS A 492 -36.67 37.05 8.76
N LEU A 493 -36.86 38.08 7.94
CA LEU A 493 -35.77 38.98 7.57
C LEU A 493 -36.26 40.44 7.55
N LYS A 494 -35.34 41.35 7.20
CA LYS A 494 -35.70 42.67 6.69
C LYS A 494 -36.44 42.51 5.35
N GLY A 495 -37.33 43.47 5.08
CA GLY A 495 -37.93 43.65 3.77
C GLY A 495 -39.29 42.97 3.66
N GLY A 496 -39.88 42.50 4.77
CA GLY A 496 -41.04 41.62 4.75
C GLY A 496 -40.69 40.26 4.12
N LYS A 497 -39.48 39.77 4.40
CA LYS A 497 -38.94 38.63 3.68
C LYS A 497 -38.74 37.45 4.64
N GLU A 498 -38.83 36.26 4.06
CA GLU A 498 -38.56 35.03 4.77
C GLU A 498 -37.42 34.29 4.08
N GLN A 499 -36.74 33.42 4.85
CA GLN A 499 -35.93 32.37 4.24
C GLN A 499 -36.20 31.02 4.90
N ILE A 500 -36.14 29.99 4.05
CA ILE A 500 -36.18 28.59 4.45
C ILE A 500 -34.75 28.20 4.82
N VAL A 501 -34.56 27.64 6.02
CA VAL A 501 -33.25 27.26 6.48
C VAL A 501 -33.27 25.75 6.70
N ILE A 502 -32.38 25.03 6.00
CA ILE A 502 -32.25 23.58 6.09
C ILE A 502 -31.05 23.23 7.00
N THR A 503 -31.26 22.41 8.03
CA THR A 503 -30.22 22.02 8.98
C THR A 503 -29.92 20.51 9.00
N GLU A 504 -30.79 19.67 8.42
CA GLU A 504 -30.49 18.25 8.28
C GLU A 504 -31.06 17.81 6.95
N ILE A 505 -30.34 16.94 6.25
CA ILE A 505 -30.76 16.48 4.93
C ILE A 505 -30.91 14.95 4.97
N PRO A 506 -31.52 14.38 3.92
CA PRO A 506 -31.71 12.93 3.89
C PRO A 506 -30.41 12.17 3.75
N TYR A 507 -30.36 11.00 4.39
CA TYR A 507 -29.26 10.06 4.25
C TYR A 507 -28.94 9.78 2.79
N GLU A 508 -27.65 9.77 2.49
CA GLU A 508 -27.08 9.37 1.21
C GLU A 508 -27.17 10.47 0.16
N ILE A 509 -27.52 11.69 0.57
CA ILE A 509 -27.70 12.79 -0.36
C ILE A 509 -26.46 13.68 -0.24
N ASN A 510 -25.97 14.07 -1.41
CA ASN A 510 -24.85 14.95 -1.53
C ASN A 510 -25.34 16.39 -1.36
N LYS A 511 -24.78 17.11 -0.38
CA LYS A 511 -25.26 18.46 -0.09
C LYS A 511 -25.00 19.42 -1.24
N ALA A 512 -23.77 19.41 -1.77
CA ALA A 512 -23.44 20.32 -2.85
C ALA A 512 -24.39 20.11 -4.04
N ASN A 513 -24.72 18.86 -4.38
CA ASN A 513 -25.57 18.61 -5.53
C ASN A 513 -27.02 19.05 -5.26
N LEU A 514 -27.46 18.91 -4.01
CA LEU A 514 -28.78 19.36 -3.60
C LEU A 514 -28.87 20.89 -3.77
N VAL A 515 -27.83 21.58 -3.26
CA VAL A 515 -27.79 23.03 -3.35
C VAL A 515 -27.87 23.46 -4.81
N LYS A 516 -27.08 22.82 -5.65
CA LYS A 516 -27.14 23.10 -7.08
C LYS A 516 -28.55 22.82 -7.63
N LYS A 517 -29.19 21.71 -7.25
CA LYS A 517 -30.51 21.37 -7.81
C LYS A 517 -31.53 22.44 -7.42
N ILE A 518 -31.46 22.95 -6.19
CA ILE A 518 -32.35 23.99 -5.71
C ILE A 518 -32.08 25.28 -6.43
N ASP A 519 -30.81 25.61 -6.59
CA ASP A 519 -30.46 26.81 -7.32
C ASP A 519 -30.94 26.75 -8.78
N ASP A 520 -30.90 25.59 -9.44
CA ASP A 520 -31.43 25.45 -10.80
C ASP A 520 -32.94 25.69 -10.86
N VAL A 521 -33.68 25.34 -9.78
CA VAL A 521 -35.10 25.66 -9.64
C VAL A 521 -35.28 27.17 -9.81
N ARG A 522 -34.54 27.95 -9.01
CA ARG A 522 -34.54 29.40 -9.04
C ARG A 522 -34.18 29.96 -10.41
N VAL A 523 -33.07 29.49 -10.97
CA VAL A 523 -32.57 29.95 -12.25
C VAL A 523 -33.64 29.74 -13.31
N ASN A 524 -34.25 28.54 -13.38
CA ASN A 524 -35.25 28.22 -14.40
C ASN A 524 -36.65 28.74 -14.04
N ASN A 525 -36.79 29.26 -12.83
CA ASN A 525 -38.02 29.82 -12.33
C ASN A 525 -39.17 28.80 -12.43
N LYS A 526 -38.92 27.58 -11.95
CA LYS A 526 -39.83 26.47 -12.11
C LYS A 526 -40.98 26.72 -11.15
N VAL A 527 -40.60 27.26 -9.99
CA VAL A 527 -41.52 27.82 -9.03
C VAL A 527 -41.01 29.23 -8.73
N ALA A 528 -41.95 30.11 -8.48
CA ALA A 528 -41.68 31.52 -8.32
C ALA A 528 -41.43 31.77 -6.83
N GLY A 529 -40.55 32.75 -6.52
CA GLY A 529 -40.41 33.20 -5.13
C GLY A 529 -38.96 33.17 -4.63
N ILE A 530 -38.02 32.51 -5.36
CA ILE A 530 -36.71 32.24 -4.78
C ILE A 530 -35.77 33.37 -5.16
N ALA A 531 -35.22 34.06 -4.14
CA ALA A 531 -34.26 35.14 -4.34
C ALA A 531 -32.83 34.60 -4.49
N GLU A 532 -32.38 33.80 -3.52
CA GLU A 532 -31.04 33.24 -3.53
C GLU A 532 -30.97 31.92 -2.75
N VAL A 533 -30.04 31.05 -3.17
CA VAL A 533 -29.70 29.83 -2.44
C VAL A 533 -28.25 29.96 -1.95
N ARG A 534 -28.03 29.83 -0.66
CA ARG A 534 -26.67 29.92 -0.11
C ARG A 534 -26.42 28.72 0.79
N ASP A 535 -25.36 27.96 0.50
CA ASP A 535 -24.79 27.05 1.48
C ASP A 535 -24.00 27.84 2.50
N GLU A 536 -24.44 27.87 3.74
CA GLU A 536 -23.73 28.58 4.80
C GLU A 536 -23.14 27.58 5.76
N SER A 537 -23.04 26.30 5.33
CA SER A 537 -22.50 25.26 6.18
C SER A 537 -21.03 25.59 6.45
N ASP A 538 -20.55 25.15 7.60
CA ASP A 538 -19.14 25.29 7.95
C ASP A 538 -18.75 24.03 8.73
N ARG A 539 -17.50 24.00 9.21
CA ARG A 539 -17.00 22.87 10.00
C ARG A 539 -17.89 22.53 11.21
N ASP A 540 -18.69 23.48 11.75
CA ASP A 540 -19.46 23.23 12.96
C ASP A 540 -20.90 22.79 12.71
N GLY A 541 -21.44 22.91 11.49
CA GLY A 541 -22.88 22.78 11.30
C GLY A 541 -23.33 22.89 9.84
N LEU A 542 -24.32 22.09 9.46
CA LEU A 542 -24.98 22.16 8.15
C LEU A 542 -26.01 23.29 8.19
N ARG A 543 -25.98 24.19 7.21
CA ARG A 543 -26.95 25.26 7.14
C ARG A 543 -27.08 25.72 5.70
N ILE A 544 -28.23 25.43 5.08
CA ILE A 544 -28.54 25.91 3.75
C ILE A 544 -29.69 26.91 3.89
N ALA A 545 -29.52 28.10 3.32
CA ALA A 545 -30.48 29.20 3.42
C ALA A 545 -31.03 29.43 2.02
N ILE A 546 -32.37 29.29 1.90
CA ILE A 546 -33.11 29.60 0.70
C ILE A 546 -33.90 30.88 0.96
N GLU A 547 -33.39 31.99 0.43
CA GLU A 547 -33.93 33.29 0.70
C GLU A 547 -35.01 33.58 -0.33
N LEU A 548 -36.19 33.94 0.17
CA LEU A 548 -37.34 34.15 -0.68
C LEU A 548 -37.53 35.65 -0.93
N LYS A 549 -38.11 35.94 -2.11
CA LYS A 549 -38.55 37.27 -2.49
C LYS A 549 -39.70 37.74 -1.59
N LYS A 550 -39.85 39.08 -1.53
CA LYS A 550 -40.93 39.75 -0.81
C LYS A 550 -42.28 39.18 -1.27
N ASP A 551 -43.07 38.76 -0.28
CA ASP A 551 -44.38 38.16 -0.49
C ASP A 551 -44.32 37.01 -1.50
N ALA A 552 -43.36 36.11 -1.32
CA ALA A 552 -43.38 34.81 -1.97
C ALA A 552 -44.25 33.89 -1.10
N ASN A 553 -44.85 32.88 -1.75
CA ASN A 553 -45.57 31.85 -1.04
C ASN A 553 -44.60 30.78 -0.52
N THR A 554 -44.26 30.88 0.76
CA THR A 554 -43.17 30.05 1.24
C THR A 554 -43.63 28.58 1.23
N GLU A 555 -44.91 28.29 1.54
CA GLU A 555 -45.37 26.91 1.54
C GLU A 555 -45.36 26.32 0.12
N LEU A 556 -45.69 27.12 -0.90
CA LEU A 556 -45.70 26.62 -2.27
C LEU A 556 -44.25 26.25 -2.64
N VAL A 557 -43.28 27.05 -2.20
CA VAL A 557 -41.90 26.88 -2.59
C VAL A 557 -41.37 25.63 -1.87
N LEU A 558 -41.60 25.54 -0.57
CA LEU A 558 -41.10 24.44 0.23
C LEU A 558 -41.69 23.10 -0.26
N ASN A 559 -42.98 23.08 -0.56
CA ASN A 559 -43.59 21.86 -1.08
C ASN A 559 -43.07 21.51 -2.47
N TYR A 560 -42.86 22.50 -3.36
CA TYR A 560 -42.24 22.24 -4.65
C TYR A 560 -40.87 21.54 -4.47
N LEU A 561 -40.11 22.04 -3.50
CA LEU A 561 -38.75 21.59 -3.30
C LEU A 561 -38.74 20.18 -2.70
N PHE A 562 -39.65 19.89 -1.77
CA PHE A 562 -39.79 18.52 -1.26
C PHE A 562 -40.11 17.53 -2.39
N LYS A 563 -40.97 17.93 -3.30
CA LYS A 563 -41.49 17.03 -4.31
C LYS A 563 -40.47 16.81 -5.40
N TYR A 564 -39.80 17.85 -5.88
CA TYR A 564 -39.05 17.82 -7.14
C TYR A 564 -37.54 17.88 -6.89
N THR A 565 -37.07 17.99 -5.63
CA THR A 565 -35.66 17.81 -5.30
C THR A 565 -35.54 16.72 -4.25
N ASP A 566 -34.28 16.44 -3.91
CA ASP A 566 -33.93 15.47 -2.90
C ASP A 566 -33.95 16.14 -1.54
N LEU A 567 -34.56 17.33 -1.41
CA LEU A 567 -34.82 17.88 -0.09
C LEU A 567 -35.71 16.93 0.73
N GLN A 568 -36.44 16.09 0.01
CA GLN A 568 -37.11 14.91 0.54
C GLN A 568 -36.99 13.79 -0.47
N ILE A 569 -36.82 12.57 0.05
CA ILE A 569 -36.70 11.35 -0.76
C ILE A 569 -37.62 10.25 -0.22
N ASN A 570 -37.69 9.16 -0.97
CA ASN A 570 -38.15 7.89 -0.41
C ASN A 570 -36.97 6.99 -0.05
N TYR A 571 -36.97 6.37 1.13
CA TYR A 571 -36.05 5.31 1.48
C TYR A 571 -36.81 4.00 1.36
N ASN A 572 -36.36 3.15 0.45
CA ASN A 572 -36.91 1.82 0.30
C ASN A 572 -36.07 0.84 1.10
N PHE A 573 -36.61 0.29 2.18
CA PHE A 573 -36.00 -0.83 2.84
C PHE A 573 -36.02 -2.02 1.88
N ASN A 574 -34.90 -2.72 1.78
CA ASN A 574 -34.80 -4.01 1.13
C ASN A 574 -33.80 -4.85 1.94
N MET A 575 -34.27 -5.37 3.08
CA MET A 575 -33.36 -5.92 4.06
C MET A 575 -32.99 -7.36 3.70
N VAL A 576 -31.82 -7.51 3.08
CA VAL A 576 -31.26 -8.80 2.70
C VAL A 576 -29.89 -8.96 3.34
N ALA A 577 -29.63 -10.16 3.85
CA ALA A 577 -28.39 -10.50 4.50
C ALA A 577 -28.16 -11.99 4.27
N ILE A 578 -26.92 -12.39 4.55
CA ILE A 578 -26.47 -13.76 4.37
C ILE A 578 -26.70 -14.45 5.69
N ASP A 579 -27.48 -15.53 5.59
CA ASP A 579 -27.84 -16.35 6.71
C ASP A 579 -27.68 -17.80 6.28
N ASN A 580 -26.84 -18.55 7.00
CA ASN A 580 -26.57 -19.91 6.59
C ASN A 580 -26.14 -19.95 5.12
N PHE A 581 -25.15 -19.11 4.78
CA PHE A 581 -24.48 -19.03 3.49
C PHE A 581 -25.41 -18.59 2.38
N THR A 582 -26.65 -18.21 2.66
CA THR A 582 -27.55 -18.02 1.55
C THR A 582 -28.25 -16.68 1.74
N PRO A 583 -28.56 -15.93 0.66
CA PRO A 583 -29.10 -14.59 0.79
C PRO A 583 -30.53 -14.75 1.25
N ARG A 584 -31.01 -13.85 2.08
CA ARG A 584 -32.34 -14.05 2.67
C ARG A 584 -32.93 -12.67 2.96
N GLN A 585 -34.18 -12.45 2.53
CA GLN A 585 -34.86 -11.23 2.89
C GLN A 585 -35.43 -11.39 4.29
N VAL A 586 -35.16 -10.42 5.18
CA VAL A 586 -35.45 -10.58 6.59
C VAL A 586 -36.05 -9.31 7.18
N GLY A 587 -37.02 -9.51 8.05
CA GLY A 587 -37.47 -8.47 8.97
C GLY A 587 -36.64 -8.51 10.24
N ILE A 588 -37.08 -7.71 11.21
CA ILE A 588 -36.47 -7.49 12.51
C ILE A 588 -36.41 -8.76 13.32
N VAL A 589 -37.40 -9.65 13.23
CA VAL A 589 -37.41 -10.80 14.11
C VAL A 589 -36.23 -11.73 13.75
N PRO A 590 -36.07 -12.13 12.48
CA PRO A 590 -34.92 -12.95 12.13
C PRO A 590 -33.56 -12.25 12.38
N ILE A 591 -33.50 -10.95 12.13
CA ILE A 591 -32.27 -10.20 12.37
C ILE A 591 -31.87 -10.32 13.82
N LEU A 592 -32.81 -10.02 14.73
CA LEU A 592 -32.53 -10.06 16.16
C LEU A 592 -32.34 -11.48 16.67
N SER A 593 -33.07 -12.48 16.16
CA SER A 593 -32.91 -13.82 16.69
C SER A 593 -31.58 -14.40 16.22
N SER A 594 -31.12 -14.02 15.03
CA SER A 594 -29.82 -14.43 14.54
C SER A 594 -28.68 -13.85 15.38
N TYR A 595 -28.82 -12.57 15.71
CA TYR A 595 -27.87 -11.91 16.57
C TYR A 595 -27.78 -12.64 17.91
N ILE A 596 -28.94 -12.91 18.53
CA ILE A 596 -29.01 -13.58 19.81
C ILE A 596 -28.38 -14.98 19.73
N ALA A 597 -28.68 -15.71 18.64
CA ALA A 597 -28.14 -17.06 18.46
C ALA A 597 -26.62 -17.01 18.32
N HIS A 598 -26.12 -15.94 17.66
CA HIS A 598 -24.70 -15.70 17.49
C HIS A 598 -24.03 -15.42 18.83
N ARG A 599 -24.58 -14.48 19.59
CA ARG A 599 -24.03 -14.16 20.89
C ARG A 599 -24.02 -15.37 21.79
N ARG A 600 -25.03 -16.23 21.65
CA ARG A 600 -25.06 -17.46 22.42
C ARG A 600 -23.83 -18.29 22.06
N GLU A 601 -23.55 -18.50 20.76
CA GLU A 601 -22.40 -19.30 20.38
C GLU A 601 -21.09 -18.70 20.89
N VAL A 602 -20.98 -17.36 20.84
CA VAL A 602 -19.79 -16.66 21.26
C VAL A 602 -19.56 -16.85 22.77
N ILE A 603 -20.60 -16.61 23.56
CA ILE A 603 -20.46 -16.63 25.00
C ILE A 603 -20.16 -18.05 25.41
N LEU A 604 -20.81 -19.03 24.77
CA LEU A 604 -20.52 -20.42 25.14
C LEU A 604 -19.08 -20.78 24.80
N ALA A 605 -18.62 -20.47 23.56
CA ALA A 605 -17.25 -20.77 23.15
C ALA A 605 -16.20 -20.04 23.98
N ARG A 606 -16.47 -18.77 24.32
CA ARG A 606 -15.60 -18.00 25.19
C ARG A 606 -15.51 -18.68 26.54
N SER A 607 -16.64 -19.16 27.06
CA SER A 607 -16.71 -19.72 28.39
C SER A 607 -15.94 -21.03 28.40
N ARG A 608 -16.05 -21.81 27.33
CA ARG A 608 -15.26 -23.03 27.21
C ARG A 608 -13.75 -22.73 27.16
N PHE A 609 -13.37 -21.71 26.38
CA PHE A 609 -11.98 -21.32 26.24
C PHE A 609 -11.42 -20.92 27.59
N ASP A 610 -12.12 -20.04 28.30
CA ASP A 610 -11.65 -19.59 29.59
C ASP A 610 -11.63 -20.70 30.62
N LYS A 611 -12.51 -21.70 30.48
CA LYS A 611 -12.60 -22.71 31.50
C LYS A 611 -11.42 -23.67 31.31
N GLU A 612 -11.17 -24.06 30.06
CA GLU A 612 -9.99 -24.83 29.72
C GLU A 612 -8.69 -24.18 30.24
N LYS A 613 -8.57 -22.85 30.11
CA LYS A 613 -7.38 -22.15 30.56
C LYS A 613 -7.28 -22.27 32.06
N ALA A 614 -8.42 -22.03 32.73
CA ALA A 614 -8.36 -22.02 34.19
C ALA A 614 -8.09 -23.43 34.75
N GLU A 615 -8.59 -24.46 34.05
CA GLU A 615 -8.39 -25.82 34.51
C GLU A 615 -6.91 -26.23 34.34
N LYS A 616 -6.33 -25.84 33.22
CA LYS A 616 -4.92 -26.07 33.01
C LYS A 616 -4.09 -25.44 34.12
N ARG A 617 -4.38 -24.19 34.45
CA ARG A 617 -3.61 -23.53 35.49
C ARG A 617 -3.83 -24.22 36.82
N LEU A 618 -5.08 -24.58 37.12
CA LEU A 618 -5.39 -25.28 38.34
C LEU A 618 -4.61 -26.56 38.42
N HIS A 619 -4.61 -27.36 37.33
CA HIS A 619 -3.90 -28.63 37.39
C HIS A 619 -2.40 -28.41 37.61
N ILE A 620 -1.85 -27.35 37.00
CA ILE A 620 -0.45 -27.05 37.15
C ILE A 620 -0.21 -26.66 38.61
N VAL A 621 -1.05 -25.80 39.18
CA VAL A 621 -0.85 -25.39 40.56
C VAL A 621 -0.93 -26.56 41.54
N GLU A 622 -1.84 -27.51 41.31
CA GLU A 622 -1.92 -28.70 42.13
C GLU A 622 -0.61 -29.48 42.07
N GLY A 623 -0.10 -29.69 40.86
CA GLY A 623 1.18 -30.36 40.64
C GLY A 623 2.35 -29.66 41.35
N LEU A 624 2.38 -28.32 41.33
CA LEU A 624 3.47 -27.60 41.98
C LEU A 624 3.43 -27.79 43.50
N ILE A 625 2.27 -27.71 44.12
CA ILE A 625 2.11 -27.99 45.55
C ILE A 625 2.53 -29.43 45.88
N ARG A 626 2.18 -30.39 45.05
CA ARG A 626 2.60 -31.75 45.32
C ARG A 626 4.12 -31.91 45.21
N VAL A 627 4.74 -31.20 44.23
CA VAL A 627 6.17 -31.27 43.98
C VAL A 627 6.97 -30.92 45.23
N ILE A 628 6.51 -29.94 46.02
CA ILE A 628 7.20 -29.55 47.23
C ILE A 628 7.57 -30.77 48.08
N SER A 629 6.56 -31.60 48.31
CA SER A 629 6.66 -32.75 49.18
C SER A 629 7.67 -33.77 48.67
N ILE A 630 8.00 -33.81 47.37
CA ILE A 630 8.92 -34.81 46.83
C ILE A 630 10.12 -34.18 46.06
N LEU A 631 10.54 -33.00 46.54
CA LEU A 631 11.46 -32.18 45.79
C LEU A 631 12.81 -32.87 45.52
N ASP A 632 13.34 -33.54 46.54
CA ASP A 632 14.68 -34.12 46.44
C ASP A 632 14.68 -35.26 45.44
N GLU A 633 13.58 -36.00 45.46
CA GLU A 633 13.37 -37.15 44.60
C GLU A 633 13.21 -36.67 43.15
N VAL A 634 12.47 -35.55 43.00
CA VAL A 634 12.26 -34.95 41.68
C VAL A 634 13.59 -34.46 41.07
N ILE A 635 14.41 -33.81 41.90
CA ILE A 635 15.67 -33.28 41.42
C ILE A 635 16.57 -34.43 40.99
N ALA A 636 16.66 -35.46 41.84
CA ALA A 636 17.47 -36.65 41.52
C ALA A 636 17.04 -37.32 40.22
N LEU A 637 15.71 -37.43 40.06
CA LEU A 637 15.08 -38.03 38.90
C LEU A 637 15.45 -37.26 37.65
N ILE A 638 15.31 -35.92 37.72
CA ILE A 638 15.62 -35.09 36.58
C ILE A 638 17.10 -35.19 36.22
N ARG A 639 17.98 -35.22 37.24
CA ARG A 639 19.43 -35.32 36.97
C ARG A 639 19.79 -36.63 36.26
N ALA A 640 19.11 -37.73 36.69
CA ALA A 640 19.26 -39.06 36.10
C ALA A 640 18.78 -39.13 34.64
N SER A 641 17.87 -38.24 34.22
CA SER A 641 17.17 -38.44 32.96
C SER A 641 17.99 -37.99 31.75
N GLU A 642 17.70 -38.59 30.60
CA GLU A 642 18.53 -38.45 29.42
C GLU A 642 18.34 -37.08 28.79
N ASN A 643 17.17 -36.46 29.02
CA ASN A 643 16.81 -35.20 28.40
C ASN A 643 15.46 -34.74 28.98
N LYS A 644 14.91 -33.65 28.42
CA LYS A 644 13.65 -33.09 28.89
C LYS A 644 12.51 -34.10 28.79
N ALA A 645 12.33 -34.66 27.58
CA ALA A 645 11.29 -35.65 27.25
C ALA A 645 11.36 -36.82 28.24
N ASP A 646 12.58 -37.27 28.51
CA ASP A 646 12.79 -38.40 29.38
C ASP A 646 12.46 -38.07 30.82
N ALA A 647 12.85 -36.87 31.27
CA ALA A 647 12.57 -36.41 32.63
C ALA A 647 11.06 -36.37 32.86
N LYS A 648 10.30 -35.84 31.89
CA LYS A 648 8.85 -35.76 32.01
C LYS A 648 8.22 -37.14 32.11
N GLU A 649 8.66 -38.03 31.21
CA GLU A 649 8.27 -39.45 31.23
C GLU A 649 8.49 -40.05 32.63
N ASN A 650 9.68 -39.84 33.20
CA ASN A 650 9.98 -40.38 34.51
C ASN A 650 9.08 -39.76 35.56
N LEU A 651 8.72 -38.46 35.42
CA LEU A 651 7.82 -37.85 36.40
C LEU A 651 6.41 -38.48 36.40
N LYS A 652 5.88 -38.75 35.20
CA LYS A 652 4.54 -39.30 35.07
C LYS A 652 4.48 -40.69 35.69
N VAL A 653 5.40 -41.55 35.21
CA VAL A 653 5.45 -42.98 35.55
C VAL A 653 5.69 -43.12 37.05
N SER A 654 6.76 -42.52 37.53
CA SER A 654 7.11 -42.64 38.93
C SER A 654 6.14 -41.93 39.86
N TYR A 655 5.54 -40.80 39.47
CA TYR A 655 4.83 -39.95 40.43
C TYR A 655 3.41 -39.50 40.04
N ASP A 656 2.91 -39.93 38.87
CA ASP A 656 1.50 -39.69 38.51
C ASP A 656 1.22 -38.21 38.25
N PHE A 657 2.17 -37.51 37.66
CA PHE A 657 1.92 -36.17 37.19
C PHE A 657 1.34 -36.35 35.80
N THR A 658 0.47 -35.42 35.40
CA THR A 658 0.05 -35.36 34.00
C THR A 658 1.15 -34.78 33.16
N GLU A 659 0.98 -34.92 31.86
CA GLU A 659 1.80 -34.25 30.90
C GLU A 659 1.94 -32.77 31.22
N GLU A 660 0.82 -32.08 31.45
CA GLU A 660 0.83 -30.64 31.63
C GLU A 660 1.58 -30.28 32.92
N GLN A 661 1.36 -31.06 33.98
CA GLN A 661 2.06 -30.83 35.21
C GLN A 661 3.57 -31.06 35.04
N ALA A 662 3.96 -32.12 34.30
CA ALA A 662 5.34 -32.51 34.15
C ALA A 662 6.08 -31.45 33.34
N GLU A 663 5.46 -30.96 32.27
CA GLU A 663 6.00 -29.90 31.45
C GLU A 663 6.23 -28.65 32.30
N ALA A 664 5.31 -28.33 33.18
CA ALA A 664 5.45 -27.17 34.02
C ALA A 664 6.59 -27.35 35.02
N ILE A 665 6.77 -28.54 35.58
CA ILE A 665 7.77 -28.76 36.63
C ILE A 665 9.20 -28.66 36.09
N VAL A 666 9.42 -29.24 34.94
CA VAL A 666 10.71 -29.39 34.30
C VAL A 666 11.15 -28.08 33.63
N THR A 667 10.19 -27.16 33.36
CA THR A 667 10.52 -25.85 32.85
C THR A 667 10.57 -24.79 33.96
N LEU A 668 10.40 -25.14 35.25
CA LEU A 668 10.65 -24.19 36.31
C LEU A 668 12.12 -23.78 36.26
N GLN A 669 12.38 -22.48 36.42
CA GLN A 669 13.73 -21.98 36.67
C GLN A 669 14.18 -22.29 38.10
N LEU A 670 15.50 -22.51 38.24
CA LEU A 670 16.07 -22.93 39.49
C LEU A 670 15.66 -22.02 40.64
N TYR A 671 15.62 -20.70 40.40
CA TYR A 671 15.34 -19.72 41.45
C TYR A 671 13.94 -19.93 42.04
N ARG A 672 13.00 -20.55 41.31
CA ARG A 672 11.69 -20.86 41.85
C ARG A 672 11.77 -21.80 43.04
N LEU A 673 12.86 -22.55 43.23
CA LEU A 673 12.97 -23.44 44.37
C LEU A 673 13.16 -22.68 45.67
N THR A 674 13.41 -21.35 45.61
CA THR A 674 13.45 -20.52 46.81
C THR A 674 12.04 -20.45 47.43
N ASN A 675 10.97 -20.58 46.65
CA ASN A 675 9.63 -20.32 47.15
C ASN A 675 8.95 -21.62 47.56
N THR A 676 8.66 -21.79 48.85
CA THR A 676 7.84 -22.90 49.28
C THR A 676 6.52 -22.41 49.93
N ASP A 677 5.93 -21.31 49.47
CA ASP A 677 4.68 -20.81 50.01
C ASP A 677 3.43 -21.41 49.33
N VAL A 678 2.90 -22.50 49.90
CA VAL A 678 1.68 -23.12 49.40
C VAL A 678 0.42 -22.27 49.63
N VAL A 679 0.41 -21.34 50.57
CA VAL A 679 -0.76 -20.56 50.92
C VAL A 679 -1.19 -19.67 49.77
N VAL A 680 -0.23 -19.00 49.11
CA VAL A 680 -0.59 -18.12 48.01
C VAL A 680 -1.15 -18.99 46.87
N LEU A 681 -0.62 -20.22 46.74
CA LEU A 681 -1.03 -21.11 45.66
C LEU A 681 -2.44 -21.67 45.94
N GLN A 682 -2.70 -22.03 47.20
CA GLN A 682 -4.02 -22.45 47.65
C GLN A 682 -5.07 -21.38 47.43
N GLU A 683 -4.76 -20.13 47.76
CA GLU A 683 -5.65 -19.02 47.44
C GLU A 683 -5.95 -19.00 45.94
N GLU A 684 -4.93 -19.24 45.09
CA GLU A 684 -5.12 -19.25 43.65
C GLU A 684 -5.99 -20.44 43.23
N GLU A 685 -5.75 -21.64 43.79
CA GLU A 685 -6.61 -22.78 43.50
C GLU A 685 -8.07 -22.43 43.78
N ALA A 686 -8.36 -21.80 44.92
CA ALA A 686 -9.72 -21.49 45.30
C ALA A 686 -10.36 -20.53 44.31
N GLU A 687 -9.59 -19.51 43.89
CA GLU A 687 -10.08 -18.51 42.97
C GLU A 687 -10.39 -19.16 41.63
N LEU A 688 -9.51 -20.07 41.20
CA LEU A 688 -9.70 -20.76 39.95
C LEU A 688 -10.95 -21.65 40.00
N ARG A 689 -11.14 -22.39 41.10
CA ARG A 689 -12.31 -23.25 41.26
CA ARG A 689 -12.31 -23.25 41.27
C ARG A 689 -13.59 -22.42 41.21
N GLU A 690 -13.61 -21.22 41.81
CA GLU A 690 -14.77 -20.36 41.75
C GLU A 690 -15.07 -19.93 40.34
N LYS A 691 -14.02 -19.61 39.61
CA LYS A 691 -14.20 -19.14 38.26
C LYS A 691 -14.74 -20.27 37.37
N ILE A 692 -14.12 -21.44 37.48
CA ILE A 692 -14.54 -22.62 36.73
C ILE A 692 -16.03 -22.92 36.98
N ALA A 693 -16.48 -22.77 38.23
CA ALA A 693 -17.87 -22.96 38.61
C ALA A 693 -18.77 -21.99 37.88
N MET A 694 -18.41 -20.69 37.88
CA MET A 694 -19.22 -19.71 37.18
C MET A 694 -19.27 -20.01 35.69
N LEU A 695 -18.12 -20.37 35.12
CA LEU A 695 -18.06 -20.61 33.69
C LEU A 695 -18.83 -21.88 33.32
N ALA A 696 -18.70 -22.91 34.13
CA ALA A 696 -19.41 -24.14 33.93
C ALA A 696 -20.94 -23.94 33.96
N ALA A 697 -21.40 -23.08 34.88
CA ALA A 697 -22.84 -22.85 35.03
C ALA A 697 -23.38 -22.09 33.82
N ILE A 698 -22.58 -21.21 33.21
CA ILE A 698 -22.95 -20.54 31.97
C ILE A 698 -23.12 -21.55 30.86
N ILE A 699 -22.22 -22.51 30.79
CA ILE A 699 -22.30 -23.56 29.79
C ILE A 699 -23.46 -24.50 30.07
N GLY A 700 -23.73 -24.80 31.33
CA GLY A 700 -24.70 -25.81 31.68
C GLY A 700 -26.15 -25.34 31.78
N ASP A 701 -26.43 -24.03 31.63
CA ASP A 701 -27.74 -23.47 31.93
C ASP A 701 -28.08 -22.30 31.01
N GLU A 702 -29.06 -22.52 30.11
CA GLU A 702 -29.41 -21.53 29.11
C GLU A 702 -29.69 -20.18 29.73
N ARG A 703 -30.43 -20.16 30.85
CA ARG A 703 -30.84 -18.88 31.40
C ARG A 703 -29.67 -18.12 32.03
N THR A 704 -28.73 -18.83 32.66
CA THR A 704 -27.51 -18.22 33.15
C THR A 704 -26.76 -17.56 31.99
N MET A 705 -26.71 -18.24 30.85
CA MET A 705 -26.05 -17.73 29.66
C MET A 705 -26.78 -16.50 29.14
N TYR A 706 -28.11 -16.59 28.97
CA TYR A 706 -28.87 -15.46 28.51
C TYR A 706 -28.77 -14.27 29.47
N ASN A 707 -28.76 -14.48 30.77
CA ASN A 707 -28.65 -13.35 31.66
C ASN A 707 -27.30 -12.68 31.54
N LEU A 708 -26.23 -13.44 31.22
CA LEU A 708 -24.94 -12.83 30.97
C LEU A 708 -24.99 -12.05 29.66
N MET A 709 -25.65 -12.59 28.63
CA MET A 709 -25.83 -11.90 27.36
C MET A 709 -26.48 -10.52 27.54
N LYS A 710 -27.54 -10.45 28.34
CA LYS A 710 -28.18 -9.19 28.66
C LYS A 710 -27.28 -8.26 29.48
N LYS A 711 -26.61 -8.80 30.48
CA LYS A 711 -25.76 -7.92 31.26
C LYS A 711 -24.74 -7.25 30.34
N GLU A 712 -24.16 -7.99 29.41
CA GLU A 712 -23.13 -7.44 28.55
C GLU A 712 -23.73 -6.44 27.56
N LEU A 713 -24.90 -6.73 26.99
CA LEU A 713 -25.57 -5.79 26.10
C LEU A 713 -25.92 -4.48 26.81
N ARG A 714 -26.36 -4.57 28.05
CA ARG A 714 -26.66 -3.37 28.81
C ARG A 714 -25.40 -2.52 29.07
N GLU A 715 -24.26 -3.18 29.29
CA GLU A 715 -22.99 -2.49 29.50
C GLU A 715 -22.60 -1.73 28.22
N VAL A 716 -22.73 -2.39 27.06
CA VAL A 716 -22.41 -1.76 25.79
C VAL A 716 -23.32 -0.53 25.56
N LYS A 717 -24.60 -0.71 25.85
CA LYS A 717 -25.52 0.38 25.77
C LYS A 717 -25.06 1.52 26.66
N LYS A 718 -24.75 1.22 27.89
CA LYS A 718 -24.48 2.30 28.81
C LYS A 718 -23.26 3.07 28.30
N LYS A 719 -22.27 2.37 27.77
CA LYS A 719 -21.06 3.02 27.37
C LYS A 719 -21.24 3.80 26.07
N PHE A 720 -22.06 3.35 25.10
CA PHE A 720 -22.01 3.91 23.75
C PHE A 720 -23.31 4.59 23.34
N ALA A 721 -24.35 4.58 24.18
CA ALA A 721 -25.64 5.16 23.83
C ALA A 721 -25.48 6.63 23.47
N THR A 722 -26.18 7.07 22.41
CA THR A 722 -26.33 8.47 22.06
C THR A 722 -27.79 8.74 21.75
N PRO A 723 -28.24 10.02 21.86
CA PRO A 723 -29.61 10.38 21.50
C PRO A 723 -29.91 10.11 20.04
N ARG A 724 -31.17 9.79 19.81
CA ARG A 724 -31.76 9.66 18.48
C ARG A 724 -31.55 10.96 17.72
N LEU A 725 -31.29 10.88 16.41
CA LEU A 725 -31.05 12.04 15.58
C LEU A 725 -32.22 12.31 14.65
N SER A 726 -32.73 11.28 13.98
CA SER A 726 -33.92 11.40 13.15
C SER A 726 -35.17 11.44 14.03
N SER A 727 -36.11 12.33 13.69
CA SER A 727 -37.44 12.31 14.26
C SER A 727 -38.35 11.42 13.40
N LEU A 728 -39.31 10.77 14.08
CA LEU A 728 -40.32 9.91 13.48
C LEU A 728 -41.67 10.62 13.49
N GLU A 729 -42.41 10.55 12.37
CA GLU A 729 -43.77 11.03 12.19
C GLU A 729 -44.62 9.96 11.47
N ASP A 730 -45.94 10.10 11.59
CA ASP A 730 -46.86 9.01 11.28
C ASP A 730 -47.23 8.92 9.81
N THR A 731 -47.41 10.04 9.04
CA THR A 731 -48.06 10.00 7.71
C THR A 731 -47.40 10.91 6.65
N ALA A 732 -47.87 12.17 6.44
CA ALA A 732 -47.68 13.02 5.25
C ALA A 732 -46.45 12.66 4.41
N LEU B 9 -8.20 22.34 -17.13
CA LEU B 9 -7.76 20.94 -17.37
C LEU B 9 -6.64 20.55 -16.39
N LEU B 10 -5.49 21.25 -16.43
CA LEU B 10 -4.23 20.86 -15.78
C LEU B 10 -3.99 21.57 -14.43
N SER B 11 -4.77 22.60 -14.11
CA SER B 11 -4.56 23.49 -12.99
C SER B 11 -5.42 23.05 -11.80
N GLY B 12 -5.06 23.43 -10.58
CA GLY B 12 -6.02 23.42 -9.48
C GLY B 12 -7.26 24.30 -9.78
N LYS B 13 -8.44 23.83 -9.32
CA LYS B 13 -9.74 24.47 -9.48
C LYS B 13 -9.95 25.46 -8.33
N LEU B 14 -10.39 26.68 -8.63
CA LEU B 14 -10.61 27.68 -7.60
C LEU B 14 -11.92 27.43 -6.86
N THR B 15 -11.91 27.46 -5.52
CA THR B 15 -13.09 27.55 -4.67
C THR B 15 -13.15 28.99 -4.22
N PRO B 16 -14.05 29.82 -4.78
CA PRO B 16 -14.04 31.25 -4.49
C PRO B 16 -14.70 31.53 -3.15
N ALA B 17 -14.45 32.72 -2.60
CA ALA B 17 -15.21 33.19 -1.44
C ALA B 17 -16.63 33.56 -1.86
N GLN B 18 -17.54 33.47 -0.90
CA GLN B 18 -18.95 33.70 -1.12
C GLN B 18 -19.18 35.16 -1.57
N SER B 19 -18.57 36.12 -0.85
CA SER B 19 -18.75 37.56 -1.07
C SER B 19 -17.44 38.19 -1.51
N LYS B 20 -17.47 39.00 -2.59
CA LYS B 20 -16.38 39.89 -2.98
C LYS B 20 -16.10 40.93 -1.91
N ASN B 21 -14.82 41.15 -1.59
CA ASN B 21 -14.40 42.18 -0.64
C ASN B 21 -12.87 42.29 -0.68
N PRO B 22 -12.30 43.07 -1.65
CA PRO B 22 -10.85 43.29 -1.71
C PRO B 22 -10.13 43.85 -0.49
N ALA B 23 -10.89 44.42 0.46
CA ALA B 23 -10.35 44.84 1.75
C ALA B 23 -9.93 43.65 2.61
N LYS B 24 -10.70 42.54 2.61
CA LYS B 24 -10.45 41.49 3.59
C LYS B 24 -10.17 40.10 2.99
N ASN B 25 -10.61 39.82 1.77
CA ASN B 25 -10.57 38.47 1.23
C ASN B 25 -9.13 37.93 1.11
N GLU B 26 -9.01 36.59 1.23
CA GLU B 26 -7.76 35.86 1.27
C GLU B 26 -7.81 34.76 0.21
N LEU B 27 -6.77 34.63 -0.62
CA LEU B 27 -6.58 33.51 -1.52
C LEU B 27 -5.55 32.59 -0.91
N TYR B 28 -5.97 31.37 -0.53
CA TYR B 28 -5.07 30.33 -0.02
C TYR B 28 -4.56 29.55 -1.21
N LEU B 29 -3.23 29.61 -1.42
CA LEU B 29 -2.52 28.75 -2.35
C LEU B 29 -1.96 27.57 -1.57
N VAL B 30 -2.56 26.40 -1.86
CA VAL B 30 -2.45 25.23 -0.99
C VAL B 30 -1.68 24.14 -1.73
N GLU B 31 -0.69 23.55 -1.04
CA GLU B 31 0.13 22.48 -1.60
C GLU B 31 -0.73 21.22 -1.75
N GLY B 32 -1.15 20.92 -2.99
CA GLY B 32 -1.82 19.67 -3.31
C GLY B 32 -3.36 19.77 -3.26
N ASP B 33 -4.03 18.95 -4.10
CA ASP B 33 -5.49 18.89 -4.11
C ASP B 33 -6.09 18.36 -2.79
N SER B 34 -5.45 17.41 -2.13
CA SER B 34 -5.99 16.77 -0.95
C SER B 34 -6.06 17.76 0.22
N ALA B 35 -4.98 18.49 0.45
CA ALA B 35 -4.97 19.53 1.50
C ALA B 35 -5.85 20.72 1.08
N GLY B 36 -5.96 20.95 -0.22
CA GLY B 36 -6.90 21.92 -0.74
C GLY B 36 -8.33 21.59 -0.34
N GLY B 37 -8.65 20.28 -0.39
CA GLY B 37 -9.93 19.78 0.09
C GLY B 37 -10.14 20.06 1.58
N SER B 38 -9.12 19.79 2.42
CA SER B 38 -9.21 20.07 3.86
C SER B 38 -9.37 21.56 4.10
N ALA B 39 -8.66 22.39 3.32
CA ALA B 39 -8.77 23.83 3.44
C ALA B 39 -10.17 24.31 3.08
N LYS B 40 -10.70 23.78 1.98
CA LYS B 40 -12.10 24.02 1.58
C LYS B 40 -13.06 23.69 2.73
N GLN B 41 -12.86 22.57 3.41
CA GLN B 41 -13.71 22.13 4.50
C GLN B 41 -13.56 23.04 5.73
N GLY B 42 -12.31 23.43 6.08
CA GLY B 42 -12.02 24.11 7.33
C GLY B 42 -12.16 25.64 7.26
N ARG B 43 -12.25 26.21 6.05
CA ARG B 43 -12.17 27.66 5.88
C ARG B 43 -13.39 28.39 6.42
N ASP B 44 -13.28 29.73 6.41
CA ASP B 44 -14.42 30.62 6.50
C ASP B 44 -14.78 31.06 5.08
N ARG B 45 -15.90 30.54 4.58
CA ARG B 45 -16.21 30.58 3.16
C ARG B 45 -16.58 31.98 2.71
N LYS B 46 -16.90 32.88 3.67
CA LYS B 46 -17.30 34.24 3.36
C LYS B 46 -16.19 35.01 2.68
N PHE B 47 -14.96 34.93 3.24
CA PHE B 47 -13.84 35.70 2.73
C PHE B 47 -12.63 34.89 2.29
N GLN B 48 -12.53 33.56 2.54
CA GLN B 48 -11.35 32.79 2.20
C GLN B 48 -11.61 31.95 0.96
N ALA B 49 -10.83 32.15 -0.12
CA ALA B 49 -10.85 31.31 -1.31
C ALA B 49 -9.68 30.32 -1.29
N ILE B 50 -9.81 29.22 -2.05
CA ILE B 50 -8.85 28.13 -2.06
C ILE B 50 -8.45 27.87 -3.51
N LEU B 51 -7.14 27.98 -3.82
CA LEU B 51 -6.63 27.54 -5.09
C LEU B 51 -5.56 26.47 -4.79
N PRO B 52 -5.85 25.17 -5.03
CA PRO B 52 -4.84 24.14 -4.89
C PRO B 52 -3.79 24.21 -6.00
N LEU B 53 -2.54 23.95 -5.57
CA LEU B 53 -1.39 23.81 -6.44
C LEU B 53 -1.12 22.33 -6.65
N ARG B 54 -1.04 21.92 -7.92
CA ARG B 54 -0.76 20.55 -8.28
C ARG B 54 0.73 20.28 -8.32
N GLY B 55 1.34 20.20 -7.13
CA GLY B 55 2.75 19.85 -7.05
C GLY B 55 3.64 21.05 -7.38
N LYS B 56 4.77 20.76 -8.05
CA LYS B 56 5.81 21.77 -8.26
C LYS B 56 5.31 22.79 -9.29
N VAL B 57 5.33 24.06 -8.88
CA VAL B 57 5.00 25.22 -9.72
C VAL B 57 6.19 25.49 -10.65
N ILE B 58 5.92 25.77 -11.92
CA ILE B 58 6.90 26.28 -12.89
C ILE B 58 7.82 27.38 -12.32
N ASN B 59 9.13 27.23 -12.62
CA ASN B 59 10.16 28.20 -12.26
C ASN B 59 10.13 29.34 -13.29
N THR B 60 9.62 30.51 -12.87
CA THR B 60 9.35 31.62 -13.78
C THR B 60 10.62 32.44 -14.06
N ALA B 61 11.68 32.22 -13.26
CA ALA B 61 13.02 32.69 -13.56
C ALA B 61 13.71 31.83 -14.62
N LYS B 62 13.49 30.52 -14.64
CA LYS B 62 14.14 29.64 -15.61
C LYS B 62 13.38 29.64 -16.91
N ALA B 63 12.08 29.41 -16.90
CA ALA B 63 11.38 28.98 -18.11
C ALA B 63 11.12 30.20 -18.98
N LYS B 64 10.72 29.97 -20.24
CA LYS B 64 10.71 30.98 -21.29
C LYS B 64 9.67 32.09 -21.03
N MET B 65 8.69 32.28 -21.91
CA MET B 65 7.61 33.25 -21.70
C MET B 65 6.40 32.84 -22.56
N ALA B 66 6.71 32.26 -23.74
CA ALA B 66 5.98 31.18 -24.40
C ALA B 66 5.41 30.18 -23.39
N ASP B 67 6.30 29.61 -22.56
CA ASP B 67 5.98 28.54 -21.63
C ASP B 67 5.26 29.06 -20.40
N ILE B 68 5.68 30.22 -19.87
CA ILE B 68 5.13 30.79 -18.64
C ILE B 68 3.67 31.16 -18.84
N LEU B 69 3.36 31.83 -19.96
CA LEU B 69 1.99 32.28 -20.16
C LEU B 69 1.17 31.12 -20.72
N LYS B 70 1.79 30.06 -21.29
CA LYS B 70 1.08 28.82 -21.61
C LYS B 70 0.78 27.94 -20.39
N ASN B 71 1.22 28.30 -19.16
CA ASN B 71 1.11 27.44 -17.99
C ASN B 71 -0.23 27.65 -17.29
N GLU B 72 -1.01 26.56 -17.18
CA GLU B 72 -2.38 26.62 -16.67
C GLU B 72 -2.47 27.15 -15.23
N GLU B 73 -1.62 26.65 -14.33
CA GLU B 73 -1.60 27.06 -12.92
C GLU B 73 -1.34 28.57 -12.80
N ILE B 74 -0.30 29.08 -13.49
CA ILE B 74 0.01 30.50 -13.52
C ILE B 74 -1.18 31.31 -14.01
N ASN B 75 -1.77 30.88 -15.13
CA ASN B 75 -2.91 31.63 -15.70
C ASN B 75 -4.09 31.71 -14.73
N THR B 76 -4.36 30.61 -14.02
CA THR B 76 -5.52 30.61 -13.14
C THR B 76 -5.20 31.46 -11.90
N MET B 77 -3.92 31.59 -11.51
CA MET B 77 -3.55 32.54 -10.47
C MET B 77 -3.75 33.98 -10.93
N ILE B 78 -3.39 34.29 -12.20
CA ILE B 78 -3.50 35.64 -12.73
C ILE B 78 -4.98 35.99 -12.81
N TYR B 79 -5.76 35.12 -13.48
CA TYR B 79 -7.21 35.26 -13.53
C TYR B 79 -7.74 35.68 -12.16
N THR B 80 -7.56 34.82 -11.15
CA THR B 80 -8.19 34.93 -9.84
C THR B 80 -7.81 36.20 -9.08
N ILE B 81 -6.54 36.60 -9.13
CA ILE B 81 -6.09 37.78 -8.39
C ILE B 81 -6.75 39.01 -9.01
N GLY B 82 -6.95 38.97 -10.35
CA GLY B 82 -7.82 39.88 -11.09
C GLY B 82 -7.20 41.26 -11.27
N ALA B 83 -5.87 41.28 -11.49
CA ALA B 83 -5.07 42.47 -11.41
C ALA B 83 -4.02 42.52 -12.52
N GLY B 84 -4.21 41.78 -13.63
CA GLY B 84 -3.24 41.65 -14.70
C GLY B 84 -1.93 41.02 -14.21
N VAL B 85 -0.93 41.04 -15.10
CA VAL B 85 0.36 40.47 -14.77
C VAL B 85 1.46 41.47 -15.14
N GLY B 86 2.51 41.48 -14.30
CA GLY B 86 3.81 42.07 -14.61
C GLY B 86 3.69 43.56 -14.89
N ALA B 87 3.83 43.88 -16.19
CA ALA B 87 3.75 45.22 -16.75
C ALA B 87 2.44 45.93 -16.38
N ASP B 88 1.30 45.21 -16.56
CA ASP B 88 -0.06 45.75 -16.47
C ASP B 88 -0.70 45.53 -15.10
N PHE B 89 0.13 45.37 -14.06
CA PHE B 89 -0.32 44.93 -12.77
C PHE B 89 -0.87 46.15 -11.98
N SER B 90 -2.18 46.11 -11.67
CA SER B 90 -2.85 47.16 -10.93
C SER B 90 -3.29 46.61 -9.56
N ILE B 91 -2.58 46.97 -8.50
CA ILE B 91 -2.85 46.46 -7.15
C ILE B 91 -4.24 46.87 -6.61
N GLU B 92 -4.77 48.02 -7.06
CA GLU B 92 -6.10 48.45 -6.67
C GLU B 92 -7.20 47.62 -7.38
N ASP B 93 -6.91 46.82 -8.44
CA ASP B 93 -7.85 45.83 -8.99
C ASP B 93 -7.83 44.44 -8.32
N ALA B 94 -6.89 44.22 -7.37
CA ALA B 94 -6.66 42.93 -6.75
C ALA B 94 -7.88 42.50 -5.94
N ASN B 95 -8.27 41.22 -6.10
CA ASN B 95 -9.48 40.72 -5.47
C ASN B 95 -9.24 40.28 -4.01
N TYR B 96 -7.99 40.24 -3.53
CA TYR B 96 -7.69 39.79 -2.16
C TYR B 96 -6.80 40.85 -1.55
N ASP B 97 -6.91 41.05 -0.24
CA ASP B 97 -5.96 41.81 0.54
C ASP B 97 -4.74 40.98 0.96
N LYS B 98 -4.89 39.63 0.95
CA LYS B 98 -3.81 38.71 1.30
C LYS B 98 -3.78 37.52 0.34
N ILE B 99 -2.59 37.20 -0.19
CA ILE B 99 -2.32 35.95 -0.87
C ILE B 99 -1.52 35.12 0.11
N ILE B 100 -2.10 33.97 0.55
CA ILE B 100 -1.51 33.21 1.64
C ILE B 100 -1.07 31.85 1.10
N ILE B 101 0.26 31.62 1.11
CA ILE B 101 0.86 30.36 0.68
C ILE B 101 0.89 29.39 1.86
N MET B 102 0.27 28.22 1.69
CA MET B 102 0.10 27.21 2.74
C MET B 102 0.58 25.88 2.17
N THR B 103 1.77 25.45 2.62
CA THR B 103 2.40 24.22 2.20
C THR B 103 2.60 23.34 3.43
N ASP B 104 3.03 22.10 3.16
CA ASP B 104 3.58 21.23 4.19
C ASP B 104 4.79 21.93 4.82
N ALA B 105 4.95 21.74 6.15
CA ALA B 105 6.15 22.14 6.86
C ALA B 105 7.24 21.09 6.62
N ASP B 106 7.68 21.00 5.38
CA ASP B 106 8.65 20.00 4.96
C ASP B 106 9.49 20.62 3.83
N THR B 107 10.48 19.85 3.31
CA THR B 107 11.44 20.45 2.39
C THR B 107 10.82 20.73 1.02
N ASP B 108 9.94 19.83 0.51
CA ASP B 108 9.31 20.12 -0.78
C ASP B 108 8.33 21.28 -0.65
N GLY B 109 7.72 21.44 0.54
CA GLY B 109 6.96 22.65 0.85
C GLY B 109 7.79 23.93 0.68
N ALA B 110 9.01 23.88 1.24
CA ALA B 110 9.93 25.01 1.16
C ALA B 110 10.23 25.32 -0.30
N HIS B 111 10.44 24.28 -1.12
CA HIS B 111 10.71 24.49 -2.53
C HIS B 111 9.54 25.22 -3.18
N ILE B 112 8.29 24.83 -2.85
CA ILE B 112 7.13 25.37 -3.54
C ILE B 112 6.96 26.87 -3.21
N GLN B 113 7.23 27.23 -1.94
CA GLN B 113 7.25 28.59 -1.49
C GLN B 113 8.19 29.43 -2.35
N THR B 114 9.40 28.91 -2.46
CA THR B 114 10.45 29.48 -3.28
C THR B 114 9.93 29.73 -4.70
N LEU B 115 9.25 28.77 -5.34
CA LEU B 115 8.88 28.91 -6.76
C LEU B 115 7.77 29.96 -6.96
N LEU B 116 6.87 30.01 -5.95
CA LEU B 116 5.74 30.93 -5.96
C LEU B 116 6.27 32.35 -5.75
N LEU B 117 7.07 32.52 -4.69
CA LEU B 117 7.69 33.80 -4.39
C LEU B 117 8.47 34.34 -5.57
N THR B 118 9.09 33.47 -6.42
CA THR B 118 9.78 33.98 -7.60
C THR B 118 8.76 34.49 -8.60
N PHE B 119 7.60 33.84 -8.73
CA PHE B 119 6.58 34.33 -9.65
C PHE B 119 6.07 35.72 -9.23
N PHE B 120 5.74 35.87 -7.94
CA PHE B 120 5.21 37.12 -7.42
C PHE B 120 6.26 38.21 -7.47
N TYR B 121 7.51 37.90 -7.13
CA TYR B 121 8.59 38.87 -7.22
C TYR B 121 8.77 39.33 -8.68
N ARG B 122 8.70 38.41 -9.62
CA ARG B 122 8.98 38.78 -10.99
C ARG B 122 7.77 39.34 -11.73
N TYR B 123 6.52 38.97 -11.39
CA TYR B 123 5.39 39.38 -12.22
C TYR B 123 4.24 40.00 -11.43
N MET B 124 4.41 40.26 -10.13
CA MET B 124 3.39 40.91 -9.33
C MET B 124 4.07 41.65 -8.18
N ARG B 125 5.14 42.39 -8.53
CA ARG B 125 6.04 42.93 -7.52
C ARG B 125 5.29 43.90 -6.59
N PRO B 126 4.37 44.78 -7.09
CA PRO B 126 3.64 45.70 -6.21
C PRO B 126 2.93 44.96 -5.08
N LEU B 127 2.39 43.77 -5.42
CA LEU B 127 1.72 42.87 -4.50
C LEU B 127 2.65 42.47 -3.36
N VAL B 128 3.90 42.11 -3.73
CA VAL B 128 4.90 41.72 -2.74
C VAL B 128 5.29 42.96 -1.95
N GLU B 129 5.58 44.06 -2.71
CA GLU B 129 6.03 45.36 -2.22
C GLU B 129 5.08 45.90 -1.15
N ALA B 130 3.76 45.85 -1.42
CA ALA B 130 2.73 46.29 -0.50
C ALA B 130 2.50 45.36 0.72
N GLY B 131 3.21 44.21 0.77
CA GLY B 131 3.16 43.33 1.93
C GLY B 131 1.88 42.49 1.98
N HIS B 132 1.36 42.14 0.80
CA HIS B 132 0.11 41.40 0.66
C HIS B 132 0.36 39.89 0.47
N VAL B 133 1.64 39.46 0.37
CA VAL B 133 1.97 38.06 0.16
C VAL B 133 2.49 37.51 1.48
N TYR B 134 1.88 36.39 1.95
CA TYR B 134 2.16 35.80 3.23
C TYR B 134 2.43 34.30 3.07
N ILE B 135 2.93 33.71 4.18
CA ILE B 135 3.19 32.29 4.29
C ILE B 135 2.58 31.77 5.60
N ALA B 136 1.61 30.85 5.45
CA ALA B 136 1.00 30.15 6.58
C ALA B 136 2.01 29.17 7.14
N LEU B 137 2.00 29.07 8.46
CA LEU B 137 2.86 28.22 9.26
C LEU B 137 2.01 27.15 9.93
N PRO B 138 1.83 25.96 9.33
CA PRO B 138 1.27 24.82 10.05
C PRO B 138 2.11 24.36 11.23
N PRO B 139 1.50 23.77 12.28
CA PRO B 139 2.26 23.19 13.40
C PRO B 139 3.03 21.95 12.99
N LEU B 140 4.08 21.68 13.77
CA LEU B 140 4.91 20.51 13.55
C LEU B 140 4.45 19.41 14.49
N TYR B 141 3.84 19.78 15.62
CA TYR B 141 3.58 18.86 16.71
C TYR B 141 2.16 19.06 17.25
N LYS B 142 1.52 17.95 17.61
CA LYS B 142 0.28 17.97 18.38
C LYS B 142 0.50 17.07 19.59
N MET B 143 0.09 17.59 20.76
CA MET B 143 0.28 16.90 22.02
C MET B 143 -1.08 16.53 22.59
N SER B 144 -1.23 15.24 23.02
CA SER B 144 -2.50 14.73 23.54
C SER B 144 -2.38 13.72 24.69
N LYS B 145 -3.46 13.67 25.51
CA LYS B 145 -3.63 12.87 26.73
C LYS B 145 -5.06 12.31 26.72
N GLY B 146 -5.21 10.97 26.61
CA GLY B 146 -6.20 10.34 25.73
C GLY B 146 -7.63 10.16 26.30
N LYS B 147 -8.65 10.30 25.41
CA LYS B 147 -10.08 10.57 25.67
C LYS B 147 -10.21 11.64 26.77
N GLY B 148 -11.24 11.55 27.64
CA GLY B 148 -11.12 12.03 29.01
C GLY B 148 -11.47 13.51 29.15
N LYS B 149 -11.05 14.12 30.28
CA LYS B 149 -11.43 15.45 30.79
C LYS B 149 -12.19 16.27 29.75
N LYS B 150 -11.49 17.10 28.96
CA LYS B 150 -11.70 17.15 27.52
C LYS B 150 -10.45 16.51 26.91
N GLU B 151 -10.55 16.08 25.64
CA GLU B 151 -9.57 15.24 24.96
C GLU B 151 -8.12 15.70 25.20
N GLU B 152 -7.96 17.03 25.28
CA GLU B 152 -6.75 17.70 25.74
C GLU B 152 -5.69 17.63 24.63
N VAL B 153 -5.67 18.69 23.79
CA VAL B 153 -4.89 18.80 22.57
C VAL B 153 -4.32 20.22 22.52
N ALA B 154 -2.98 20.33 22.50
CA ALA B 154 -2.27 21.57 22.16
C ALA B 154 -1.24 21.30 21.05
N TYR B 155 -0.79 22.42 20.44
CA TYR B 155 -0.01 22.43 19.21
C TYR B 155 1.34 23.11 19.46
N ALA B 156 2.38 22.71 18.70
CA ALA B 156 3.70 23.30 18.82
C ALA B 156 4.37 23.41 17.45
N TRP B 157 5.14 24.51 17.24
CA TRP B 157 5.88 24.80 16.01
C TRP B 157 7.42 24.69 16.14
N THR B 158 7.97 24.70 17.37
CA THR B 158 9.41 24.62 17.68
C THR B 158 9.64 23.56 18.75
N ASP B 159 10.90 23.10 18.88
CA ASP B 159 11.30 22.17 19.94
C ASP B 159 11.12 22.80 21.33
N GLY B 160 11.16 24.15 21.42
CA GLY B 160 11.05 24.88 22.67
C GLY B 160 9.61 24.98 23.17
N GLU B 161 8.70 25.23 22.21
CA GLU B 161 7.27 25.11 22.45
C GLU B 161 6.88 23.66 22.76
N LEU B 162 7.55 22.68 22.13
CA LEU B 162 7.33 21.27 22.41
C LEU B 162 7.75 20.93 23.84
N GLU B 163 8.96 21.35 24.28
CA GLU B 163 9.44 21.12 25.64
C GLU B 163 8.44 21.65 26.66
N GLU B 164 7.88 22.85 26.41
CA GLU B 164 6.89 23.47 27.27
C GLU B 164 5.66 22.57 27.45
N LEU B 165 5.15 22.00 26.34
CA LEU B 165 3.94 21.17 26.30
C LEU B 165 4.12 19.85 27.04
N ARG B 166 5.35 19.31 27.07
CA ARG B 166 5.72 18.12 27.84
C ARG B 166 5.37 18.25 29.32
N LYS B 167 5.65 19.44 29.90
CA LYS B 167 5.15 19.79 31.21
C LYS B 167 3.66 20.06 31.08
N GLN B 168 3.27 21.33 30.91
CA GLN B 168 1.88 21.77 30.76
C GLN B 168 0.87 20.85 31.45
N PHE B 169 0.04 20.09 30.70
CA PHE B 169 -0.84 19.06 31.24
C PHE B 169 -0.34 17.68 30.76
N GLY B 170 0.92 17.59 30.28
CA GLY B 170 1.49 16.39 29.70
C GLY B 170 2.29 15.59 30.75
N LYS B 171 2.20 14.25 30.67
CA LYS B 171 3.02 13.22 31.34
C LYS B 171 2.20 11.93 31.26
N GLY B 172 2.70 10.90 30.53
CA GLY B 172 1.88 9.89 29.88
C GLY B 172 0.95 10.50 28.80
N ALA B 173 1.54 11.32 27.91
CA ALA B 173 0.86 12.05 26.85
C ALA B 173 1.46 11.63 25.51
N THR B 174 0.67 11.64 24.43
CA THR B 174 1.19 11.26 23.12
C THR B 174 1.40 12.53 22.27
N LEU B 175 2.52 12.47 21.53
CA LEU B 175 3.01 13.53 20.65
C LEU B 175 2.93 13.07 19.20
N GLN B 176 2.09 13.71 18.36
CA GLN B 176 2.15 13.51 16.91
C GLN B 176 3.12 14.54 16.27
N ARG B 177 4.15 14.02 15.56
CA ARG B 177 4.98 14.81 14.66
C ARG B 177 4.36 14.90 13.26
N TYR B 178 3.82 16.08 12.89
CA TYR B 178 3.14 16.24 11.60
C TYR B 178 4.15 16.20 10.46
N LYS B 179 3.88 15.34 9.47
CA LYS B 179 4.67 15.18 8.24
C LYS B 179 4.08 15.98 7.06
N GLY B 180 2.83 16.42 7.16
CA GLY B 180 2.16 17.13 6.08
C GLY B 180 0.80 17.68 6.53
N LEU B 181 0.24 18.59 5.73
CA LEU B 181 -1.13 19.09 5.87
C LEU B 181 -2.17 17.95 5.75
N GLY B 182 -1.80 16.90 4.96
CA GLY B 182 -2.51 15.65 4.74
C GLY B 182 -2.90 14.83 5.97
N GLU B 183 -2.27 15.07 7.13
CA GLU B 183 -2.58 14.37 8.39
C GLU B 183 -3.48 15.21 9.30
N MET B 184 -3.91 16.39 8.83
CA MET B 184 -4.71 17.31 9.63
C MET B 184 -6.18 17.31 9.19
N ASN B 185 -7.09 17.30 10.19
CA ASN B 185 -8.53 17.46 10.00
C ASN B 185 -8.81 18.92 9.77
N ALA B 186 -9.89 19.20 9.05
CA ALA B 186 -10.24 20.55 8.64
C ALA B 186 -10.43 21.48 9.84
N ASP B 187 -10.88 20.98 10.99
CA ASP B 187 -11.03 21.84 12.16
C ASP B 187 -9.65 22.20 12.71
N GLN B 188 -8.70 21.23 12.68
CA GLN B 188 -7.33 21.43 13.16
C GLN B 188 -6.62 22.48 12.31
N LEU B 189 -6.86 22.44 10.99
CA LEU B 189 -6.28 23.36 10.02
C LEU B 189 -6.72 24.78 10.29
N TRP B 190 -7.99 24.92 10.64
CA TRP B 190 -8.59 26.23 10.86
C TRP B 190 -8.03 26.83 12.15
N GLU B 191 -8.10 26.06 13.25
CA GLU B 191 -7.65 26.49 14.57
C GLU B 191 -6.19 26.96 14.50
N THR B 192 -5.34 26.16 13.82
CA THR B 192 -3.88 26.32 13.90
C THR B 192 -3.35 27.27 12.84
N THR B 193 -3.94 27.30 11.63
CA THR B 193 -3.28 27.93 10.48
C THR B 193 -4.18 28.75 9.56
N MET B 194 -5.53 28.71 9.68
CA MET B 194 -6.36 29.50 8.77
C MET B 194 -7.21 30.59 9.46
N ASN B 195 -7.50 30.41 10.75
CA ASN B 195 -8.28 31.39 11.47
C ASN B 195 -7.43 32.64 11.76
N PRO B 196 -7.78 33.84 11.25
CA PRO B 196 -7.06 35.08 11.58
C PRO B 196 -6.77 35.33 13.06
N GLU B 197 -7.70 34.96 13.94
CA GLU B 197 -7.50 35.06 15.38
C GLU B 197 -6.29 34.27 15.87
N THR B 198 -6.13 33.02 15.42
CA THR B 198 -5.21 32.09 16.07
C THR B 198 -4.03 31.67 15.20
N ARG B 199 -4.09 31.91 13.88
CA ARG B 199 -2.99 31.58 12.99
C ARG B 199 -1.78 32.45 13.28
N THR B 200 -0.65 32.02 12.72
CA THR B 200 0.61 32.75 12.73
C THR B 200 1.07 32.80 11.27
N LEU B 201 1.28 34.02 10.73
CA LEU B 201 1.71 34.22 9.35
C LEU B 201 3.13 34.79 9.32
N ILE B 202 3.70 34.83 8.11
CA ILE B 202 4.91 35.57 7.80
C ILE B 202 4.53 36.50 6.67
N ARG B 203 4.65 37.82 6.91
CA ARG B 203 4.53 38.79 5.84
C ARG B 203 5.87 38.87 5.11
N VAL B 204 5.85 38.71 3.78
CA VAL B 204 7.01 38.81 2.92
C VAL B 204 7.14 40.25 2.43
N THR B 205 8.26 40.86 2.87
CA THR B 205 8.67 42.22 2.57
C THR B 205 9.89 42.17 1.65
N ILE B 206 10.03 43.23 0.84
CA ILE B 206 11.28 43.59 0.18
C ILE B 206 11.97 44.70 0.99
N GLU B 207 13.10 44.35 1.65
CA GLU B 207 13.99 45.28 2.34
C GLU B 207 14.98 45.96 1.39
N ASP B 208 15.28 45.36 0.21
CA ASP B 208 16.37 45.81 -0.62
C ASP B 208 16.24 45.22 -2.03
N LEU B 209 15.66 45.96 -2.99
CA LEU B 209 15.39 45.43 -4.33
C LEU B 209 16.64 44.81 -5.00
N ALA B 210 17.84 45.33 -4.68
CA ALA B 210 19.06 44.89 -5.34
C ALA B 210 19.55 43.54 -4.78
N ARG B 211 19.60 43.42 -3.43
CA ARG B 211 19.94 42.18 -2.75
C ARG B 211 18.93 41.06 -3.07
N ALA B 212 17.63 41.39 -3.14
CA ALA B 212 16.56 40.49 -3.54
C ALA B 212 16.81 39.99 -4.95
N GLU B 213 17.02 40.92 -5.92
CA GLU B 213 17.16 40.53 -7.31
C GLU B 213 18.28 39.50 -7.46
N ARG B 214 19.39 39.71 -6.73
CA ARG B 214 20.57 38.85 -6.87
C ARG B 214 20.24 37.44 -6.34
N ARG B 215 19.74 37.39 -5.10
CA ARG B 215 19.37 36.18 -4.40
C ARG B 215 18.35 35.32 -5.15
N VAL B 216 17.38 35.93 -5.84
CA VAL B 216 16.41 35.24 -6.68
C VAL B 216 17.09 34.70 -7.93
N ASN B 217 17.98 35.48 -8.58
CA ASN B 217 18.62 35.00 -9.80
C ASN B 217 19.60 33.86 -9.56
N VAL B 218 20.36 33.94 -8.48
CA VAL B 218 21.35 32.92 -8.21
C VAL B 218 20.64 31.60 -7.90
N LEU B 219 19.62 31.64 -7.00
CA LEU B 219 18.93 30.44 -6.54
C LEU B 219 18.08 29.83 -7.66
N MET B 220 17.44 30.64 -8.52
CA MET B 220 16.36 30.17 -9.38
C MET B 220 16.63 30.37 -10.87
N GLY B 221 17.78 31.01 -11.24
CA GLY B 221 18.13 31.28 -12.64
C GLY B 221 18.63 30.03 -13.34
N ASP B 222 18.76 30.02 -14.69
CA ASP B 222 19.23 28.80 -15.38
C ASP B 222 20.74 28.52 -15.22
N LYS B 223 21.54 29.43 -14.64
CA LYS B 223 22.97 29.21 -14.50
C LYS B 223 23.17 28.36 -13.26
N VAL B 224 23.78 27.18 -13.47
CA VAL B 224 24.02 26.25 -12.39
C VAL B 224 25.14 26.74 -11.49
N GLU B 225 26.25 27.21 -12.10
CA GLU B 225 27.53 27.38 -11.42
C GLU B 225 27.36 28.33 -10.23
N PRO B 226 26.71 29.51 -10.39
CA PRO B 226 26.46 30.40 -9.24
C PRO B 226 25.66 29.73 -8.11
N ARG B 227 24.66 28.92 -8.50
CA ARG B 227 23.87 28.19 -7.54
C ARG B 227 24.71 27.16 -6.81
N ARG B 228 25.48 26.34 -7.57
CA ARG B 228 26.45 25.42 -6.96
C ARG B 228 27.32 26.17 -5.92
N LYS B 229 27.82 27.35 -6.32
CA LYS B 229 28.73 28.12 -5.51
C LYS B 229 28.02 28.63 -4.26
N TRP B 230 26.82 29.19 -4.49
CA TRP B 230 26.00 29.68 -3.39
C TRP B 230 25.80 28.56 -2.36
N ILE B 231 25.58 27.31 -2.86
CA ILE B 231 25.32 26.17 -1.99
C ILE B 231 26.58 25.83 -1.19
N GLU B 232 27.72 25.72 -1.90
CA GLU B 232 29.02 25.50 -1.29
C GLU B 232 29.30 26.57 -0.23
N ASP B 233 29.02 27.84 -0.56
CA ASP B 233 29.28 28.96 0.36
C ASP B 233 28.31 28.97 1.54
N ASN B 234 27.02 28.62 1.34
CA ASN B 234 26.00 28.85 2.37
C ASN B 234 25.55 27.58 3.10
N VAL B 235 25.36 26.43 2.40
CA VAL B 235 24.76 25.28 3.03
C VAL B 235 25.79 24.58 3.91
N LYS B 236 25.42 24.25 5.14
CA LYS B 236 26.29 23.58 6.10
C LYS B 236 25.91 22.11 6.09
N PHE B 237 26.56 21.33 5.21
CA PHE B 237 26.24 19.92 5.06
C PHE B 237 26.43 19.11 6.34
N THR B 238 27.36 19.49 7.25
CA THR B 238 27.65 18.66 8.42
C THR B 238 27.09 19.26 9.71
N LEU B 239 26.27 20.34 9.67
CA LEU B 239 25.62 20.91 10.84
C LEU B 239 24.10 20.88 10.65
N GLU B 240 23.34 20.78 11.76
CA GLU B 240 21.89 20.97 11.76
C GLU B 240 21.59 22.44 11.53
N GLU B 241 20.33 22.77 11.21
CA GLU B 241 19.90 24.15 11.14
C GLU B 241 19.28 24.56 12.49
N ALA B 242 19.34 25.86 12.84
CA ALA B 242 18.74 26.39 14.07
C ALA B 242 17.23 26.53 13.91
N THR B 243 16.48 26.43 15.03
CA THR B 243 15.01 26.47 15.04
C THR B 243 14.56 27.93 14.83
N VAL B 244 13.36 28.12 14.25
CA VAL B 244 12.92 29.42 13.73
C VAL B 244 12.66 30.40 14.89
N PHE B 245 12.09 29.94 16.02
CA PHE B 245 11.82 30.69 17.25
C PHE B 245 10.40 31.30 17.23
N HIS B 246 9.64 31.14 16.11
CA HIS B 246 8.20 31.32 15.94
C HIS B 246 7.59 32.40 16.84
N MET B 247 7.33 33.60 16.30
CA MET B 247 6.65 34.69 17.03
C MET B 247 5.15 34.62 16.75
N SER B 248 4.38 35.34 17.58
CA SER B 248 2.94 35.41 17.47
C SER B 248 2.55 36.24 16.25
N ASN B 249 1.23 36.25 15.97
CA ASN B 249 0.58 37.20 15.07
C ASN B 249 1.26 37.08 13.71
N ILE B 250 1.51 38.22 13.06
CA ILE B 250 2.27 38.27 11.83
C ILE B 250 3.73 38.51 12.22
N GLN B 251 4.66 38.21 11.31
CA GLN B 251 6.06 38.51 11.49
C GLN B 251 6.70 38.70 10.12
N ASN B 252 7.31 39.86 9.90
CA ASN B 252 7.90 40.19 8.60
C ASN B 252 9.23 39.48 8.39
N MET B 253 9.50 39.14 7.13
CA MET B 253 10.77 38.61 6.72
C MET B 253 11.03 39.07 5.29
N SER B 254 12.31 39.28 5.02
CA SER B 254 12.75 39.81 3.75
C SER B 254 12.61 38.68 2.72
N LEU B 255 12.27 39.02 1.47
CA LEU B 255 12.34 38.07 0.36
C LEU B 255 13.73 37.42 0.30
N GLU B 256 14.78 38.19 0.62
CA GLU B 256 16.15 37.71 0.57
C GLU B 256 16.30 36.53 1.52
N ASP B 257 15.92 36.69 2.79
CA ASP B 257 16.17 35.67 3.80
C ASP B 257 15.25 34.46 3.65
N ILE B 258 13.98 34.69 3.34
CA ILE B 258 13.02 33.65 3.02
C ILE B 258 13.64 32.78 1.93
N MET B 259 14.04 33.39 0.79
CA MET B 259 14.48 32.61 -0.35
C MET B 259 15.71 31.76 0.02
N GLY B 260 16.66 32.39 0.71
CA GLY B 260 17.86 31.69 1.15
C GLY B 260 17.56 30.56 2.13
N GLU B 261 16.73 30.82 3.17
CA GLU B 261 16.44 29.79 4.16
C GLU B 261 15.74 28.59 3.50
N ARG B 262 14.73 28.87 2.67
CA ARG B 262 13.88 27.85 2.07
C ARG B 262 14.68 27.04 1.06
N PHE B 263 15.35 27.71 0.11
CA PHE B 263 16.09 27.01 -0.93
C PHE B 263 17.31 26.27 -0.36
N GLY B 264 17.90 26.81 0.70
CA GLY B 264 18.97 26.14 1.42
C GLY B 264 18.51 24.82 1.98
N ARG B 265 17.35 24.83 2.66
CA ARG B 265 16.72 23.65 3.26
C ARG B 265 16.45 22.59 2.19
N TYR B 266 15.86 23.03 1.07
CA TYR B 266 15.49 22.15 -0.03
C TYR B 266 16.76 21.50 -0.63
N SER B 267 17.68 22.36 -1.09
CA SER B 267 18.97 21.99 -1.67
C SER B 267 19.66 20.92 -0.87
N LYS B 268 19.87 21.24 0.42
CA LYS B 268 20.61 20.34 1.28
C LYS B 268 19.91 18.97 1.31
N TYR B 269 18.57 18.98 1.46
CA TYR B 269 17.77 17.78 1.57
C TYR B 269 17.88 16.95 0.28
N ILE B 270 17.73 17.57 -0.91
CA ILE B 270 17.73 16.72 -2.09
CA ILE B 270 17.74 16.85 -2.19
C ILE B 270 19.15 16.33 -2.52
N ILE B 271 20.18 17.08 -2.09
CA ILE B 271 21.57 16.69 -2.26
C ILE B 271 21.89 15.48 -1.39
N GLN B 272 21.65 15.59 -0.08
CA GLN B 272 22.00 14.56 0.86
C GLN B 272 21.02 13.40 0.91
N ASP B 273 19.72 13.66 0.75
CA ASP B 273 18.71 12.70 1.13
C ASP B 273 17.72 12.46 0.01
N ARG B 274 18.14 12.42 -1.26
CA ARG B 274 17.19 12.13 -2.33
C ARG B 274 17.88 11.57 -3.57
N ALA B 275 18.52 12.43 -4.35
CA ALA B 275 18.90 12.13 -5.73
C ALA B 275 20.33 11.60 -5.89
N LEU B 276 21.20 11.75 -4.86
CA LEU B 276 22.59 11.38 -4.96
C LEU B 276 22.86 10.14 -4.12
N PRO B 277 23.65 9.16 -4.63
CA PRO B 277 23.98 7.95 -3.87
C PRO B 277 25.05 8.23 -2.84
N ASP B 278 24.99 7.45 -1.76
CA ASP B 278 26.11 7.34 -0.83
C ASP B 278 27.26 6.63 -1.54
N ILE B 279 28.47 7.20 -1.43
CA ILE B 279 29.67 6.68 -2.08
C ILE B 279 30.04 5.27 -1.59
N ARG B 280 29.66 4.90 -0.36
CA ARG B 280 30.01 3.60 0.20
C ARG B 280 29.12 2.47 -0.30
N ASP B 281 27.80 2.55 -0.14
CA ASP B 281 26.91 1.43 -0.51
C ASP B 281 26.23 1.63 -1.87
N GLY B 282 26.37 2.83 -2.46
CA GLY B 282 25.84 3.14 -3.78
C GLY B 282 24.33 3.37 -3.82
N LEU B 283 23.68 3.60 -2.66
CA LEU B 283 22.24 3.67 -2.57
C LEU B 283 21.78 5.10 -2.37
N LYS B 284 20.63 5.40 -2.97
CA LYS B 284 19.83 6.56 -2.57
C LYS B 284 18.99 6.18 -1.35
N PRO B 285 18.59 7.12 -0.49
CA PRO B 285 17.79 6.78 0.68
C PRO B 285 16.55 5.93 0.42
N VAL B 286 15.85 6.19 -0.67
CA VAL B 286 14.65 5.43 -0.97
C VAL B 286 15.04 3.98 -1.25
N GLN B 287 16.16 3.77 -1.95
CA GLN B 287 16.56 2.43 -2.30
C GLN B 287 17.02 1.66 -1.06
N ARG B 288 17.75 2.34 -0.16
CA ARG B 288 18.22 1.72 1.07
C ARG B 288 17.05 1.34 1.96
N ARG B 289 16.04 2.22 2.02
CA ARG B 289 14.84 1.92 2.77
C ARG B 289 14.05 0.75 2.21
N ILE B 290 13.95 0.65 0.90
CA ILE B 290 13.30 -0.50 0.27
C ILE B 290 14.00 -1.79 0.70
N LEU B 291 15.33 -1.82 0.60
CA LEU B 291 16.08 -3.00 0.99
C LEU B 291 15.95 -3.28 2.48
N TYR B 292 16.14 -2.27 3.33
CA TYR B 292 16.16 -2.53 4.77
C TYR B 292 14.79 -3.03 5.22
N SER B 293 13.72 -2.41 4.68
CA SER B 293 12.37 -2.72 5.10
C SER B 293 12.00 -4.13 4.62
N MET B 294 12.28 -4.46 3.38
CA MET B 294 11.96 -5.79 2.89
C MET B 294 12.80 -6.83 3.62
N ASN B 295 14.05 -6.50 4.00
CA ASN B 295 14.88 -7.46 4.69
C ASN B 295 14.33 -7.68 6.11
N LYS B 296 13.93 -6.59 6.76
CA LYS B 296 13.39 -6.65 8.12
C LYS B 296 12.11 -7.48 8.14
N ASP B 297 11.30 -7.39 7.08
CA ASP B 297 10.05 -8.13 6.94
C ASP B 297 10.27 -9.54 6.39
N SER B 298 11.50 -10.07 6.34
CA SER B 298 11.76 -11.44 5.94
C SER B 298 11.40 -11.70 4.48
N ASN B 299 11.38 -10.62 3.67
CA ASN B 299 11.02 -10.68 2.26
C ASN B 299 12.30 -10.94 1.42
N THR B 300 12.97 -12.06 1.69
CA THR B 300 14.25 -12.39 1.09
C THR B 300 14.04 -13.37 -0.04
N PHE B 301 15.15 -13.67 -0.76
CA PHE B 301 15.16 -14.38 -2.03
C PHE B 301 14.73 -15.85 -1.87
N ASP B 302 14.95 -16.38 -0.69
CA ASP B 302 14.70 -17.77 -0.33
C ASP B 302 13.27 -18.01 0.15
N LYS B 303 12.40 -16.99 0.19
CA LYS B 303 11.05 -17.10 0.76
C LYS B 303 10.07 -16.57 -0.26
N SER B 304 8.78 -16.82 -0.04
CA SER B 304 7.74 -16.53 -1.00
C SER B 304 7.75 -15.06 -1.37
N TYR B 305 7.37 -14.79 -2.61
CA TYR B 305 7.11 -13.43 -2.99
C TYR B 305 5.98 -12.84 -2.14
N ARG B 306 5.94 -11.52 -2.09
CA ARG B 306 5.01 -10.81 -1.24
C ARG B 306 4.44 -9.67 -2.07
N LYS B 307 3.16 -9.43 -1.88
CA LYS B 307 2.46 -8.40 -2.65
C LYS B 307 3.17 -7.05 -2.55
N SER B 308 3.44 -6.44 -3.69
CA SER B 308 4.17 -5.20 -3.74
C SER B 308 3.54 -4.12 -2.86
N ALA B 309 2.19 -4.05 -2.87
CA ALA B 309 1.50 -3.02 -2.13
C ALA B 309 1.75 -3.17 -0.64
N LYS B 310 1.93 -4.40 -0.15
CA LYS B 310 2.29 -4.60 1.24
C LYS B 310 3.70 -4.06 1.56
N SER B 311 4.69 -4.37 0.73
CA SER B 311 6.04 -3.93 0.94
C SER B 311 6.08 -2.41 0.95
N VAL B 312 5.46 -1.83 -0.08
CA VAL B 312 5.46 -0.41 -0.30
C VAL B 312 4.81 0.28 0.90
N GLY B 313 3.68 -0.27 1.38
CA GLY B 313 2.98 0.40 2.47
C GLY B 313 3.81 0.36 3.77
N ASN B 314 4.52 -0.75 4.00
CA ASN B 314 5.42 -0.82 5.14
C ASN B 314 6.58 0.17 5.00
N ILE B 315 7.13 0.28 3.78
CA ILE B 315 8.23 1.21 3.56
C ILE B 315 7.77 2.61 3.87
N MET B 316 6.57 2.97 3.38
CA MET B 316 6.04 4.29 3.52
C MET B 316 5.73 4.60 4.99
N GLY B 317 5.08 3.64 5.69
CA GLY B 317 4.65 3.85 7.06
C GLY B 317 5.78 3.87 8.09
N ASN B 318 6.86 3.12 7.83
CA ASN B 318 7.95 2.97 8.76
C ASN B 318 9.17 3.87 8.44
N PHE B 319 9.46 4.21 7.17
CA PHE B 319 10.75 4.77 6.79
C PHE B 319 10.66 5.95 5.84
N HIS B 320 9.76 5.93 4.85
CA HIS B 320 9.90 6.83 3.71
C HIS B 320 8.63 7.63 3.51
N PRO B 321 8.53 8.84 4.09
CA PRO B 321 7.26 9.57 4.13
C PRO B 321 7.01 10.38 2.86
N HIS B 322 6.78 9.65 1.77
CA HIS B 322 6.63 10.20 0.45
C HIS B 322 5.68 9.29 -0.31
N GLY B 323 5.38 9.66 -1.55
CA GLY B 323 4.32 9.00 -2.27
C GLY B 323 4.69 7.57 -2.60
N ASP B 324 3.70 6.68 -2.61
CA ASP B 324 3.85 5.31 -3.00
C ASP B 324 4.35 5.19 -4.44
N SER B 325 3.97 6.10 -5.33
CA SER B 325 4.44 5.96 -6.71
C SER B 325 5.98 6.14 -6.78
N SER B 326 6.55 7.08 -6.00
CA SER B 326 7.99 7.22 -5.91
C SER B 326 8.64 5.93 -5.42
N ILE B 327 8.10 5.35 -4.34
CA ILE B 327 8.67 4.16 -3.75
C ILE B 327 8.56 2.98 -4.73
N TYR B 328 7.39 2.82 -5.32
CA TYR B 328 7.12 1.64 -6.14
C TYR B 328 7.95 1.70 -7.41
N ASP B 329 8.00 2.84 -8.07
CA ASP B 329 8.83 3.03 -9.23
C ASP B 329 10.31 2.76 -8.95
N ALA B 330 10.84 3.19 -7.78
CA ALA B 330 12.21 2.86 -7.39
C ALA B 330 12.39 1.37 -7.18
N MET B 331 11.43 0.70 -6.56
CA MET B 331 11.48 -0.75 -6.36
C MET B 331 11.46 -1.44 -7.71
N VAL B 332 10.56 -1.01 -8.61
CA VAL B 332 10.45 -1.62 -9.92
C VAL B 332 11.80 -1.46 -10.66
N ARG B 333 12.40 -0.26 -10.64
CA ARG B 333 13.70 -0.05 -11.30
C ARG B 333 14.74 -1.01 -10.77
N MET B 334 14.74 -1.27 -9.45
CA MET B 334 15.69 -2.19 -8.83
C MET B 334 15.48 -3.61 -9.32
N SER B 335 14.37 -3.88 -10.02
CA SER B 335 14.02 -5.22 -10.50
C SER B 335 14.28 -5.38 -12.00
N GLN B 336 14.63 -4.30 -12.70
CA GLN B 336 14.74 -4.31 -14.15
C GLN B 336 16.21 -4.52 -14.54
N ASN B 337 16.48 -5.62 -15.24
CA ASN B 337 17.82 -6.02 -15.62
C ASN B 337 18.36 -5.33 -16.88
N TRP B 338 17.64 -4.38 -17.45
CA TRP B 338 18.15 -3.44 -18.42
C TRP B 338 18.50 -2.10 -17.80
N LYS B 339 18.25 -1.93 -16.49
CA LYS B 339 18.63 -0.73 -15.75
C LYS B 339 19.76 -0.99 -14.77
N ASN B 340 19.76 -2.16 -14.14
CA ASN B 340 20.69 -2.52 -13.09
C ASN B 340 21.43 -3.74 -13.58
N ARG B 341 22.76 -3.70 -13.41
CA ARG B 341 23.62 -4.81 -13.80
C ARG B 341 23.46 -6.01 -12.89
N GLU B 342 23.03 -5.76 -11.64
CA GLU B 342 22.84 -6.78 -10.62
C GLU B 342 21.54 -6.39 -9.90
N ILE B 343 20.41 -7.00 -10.32
CA ILE B 343 19.12 -6.56 -9.82
C ILE B 343 19.03 -6.85 -8.33
N LEU B 344 18.52 -5.87 -7.58
CA LEU B 344 18.40 -5.96 -6.12
C LEU B 344 17.01 -6.45 -5.68
N VAL B 345 15.99 -6.31 -6.54
CA VAL B 345 14.65 -6.82 -6.27
C VAL B 345 14.26 -7.80 -7.38
N GLU B 346 13.73 -8.96 -7.01
CA GLU B 346 13.08 -9.85 -7.96
C GLU B 346 11.58 -9.56 -7.92
N MET B 347 10.95 -9.31 -9.08
CA MET B 347 9.55 -8.92 -9.14
C MET B 347 8.83 -9.83 -10.12
N HIS B 348 7.82 -10.59 -9.65
CA HIS B 348 6.88 -11.28 -10.53
C HIS B 348 5.81 -10.35 -11.08
N GLY B 349 5.44 -10.62 -12.34
CA GLY B 349 4.47 -9.81 -13.07
C GLY B 349 5.12 -8.85 -14.05
N ASN B 350 4.35 -7.84 -14.42
CA ASN B 350 4.72 -6.88 -15.43
C ASN B 350 5.49 -5.77 -14.71
N ASN B 351 6.82 -5.92 -14.76
CA ASN B 351 7.75 -4.89 -14.31
C ASN B 351 8.32 -4.05 -15.45
N GLY B 352 7.50 -3.79 -16.49
CA GLY B 352 7.89 -2.97 -17.63
C GLY B 352 8.75 -3.73 -18.65
N SER B 353 9.41 -2.98 -19.54
CA SER B 353 10.17 -3.57 -20.65
C SER B 353 11.11 -2.52 -21.20
N MET B 354 11.98 -2.94 -22.13
CA MET B 354 12.82 -2.00 -22.83
C MET B 354 12.05 -1.07 -23.76
N ASP B 355 10.76 -1.35 -24.05
CA ASP B 355 9.91 -0.40 -24.75
C ASP B 355 9.33 0.65 -23.81
N GLY B 356 9.60 0.58 -22.50
CA GLY B 356 9.12 1.57 -21.56
C GLY B 356 7.62 1.39 -21.32
N ASP B 357 7.09 0.17 -21.51
CA ASP B 357 5.66 0.03 -21.34
C ASP B 357 5.40 0.13 -19.84
N PRO B 358 4.29 0.74 -19.36
CA PRO B 358 4.06 0.95 -17.92
C PRO B 358 4.15 -0.36 -17.13
N PRO B 359 4.90 -0.45 -16.02
CA PRO B 359 4.82 -1.63 -15.17
C PRO B 359 3.40 -1.72 -14.63
N ALA B 360 2.93 -2.94 -14.38
CA ALA B 360 1.70 -3.12 -13.60
C ALA B 360 1.83 -2.34 -12.29
N ALA B 361 0.70 -1.80 -11.81
CA ALA B 361 0.66 -1.17 -10.49
C ALA B 361 0.82 -2.23 -9.38
N MET B 362 1.10 -1.69 -8.18
CA MET B 362 1.57 -2.49 -7.05
C MET B 362 0.53 -3.49 -6.55
N ARG B 363 -0.74 -3.28 -6.89
CA ARG B 363 -1.82 -4.22 -6.57
C ARG B 363 -1.65 -5.57 -7.30
N TYR B 364 -0.95 -5.60 -8.46
CA TYR B 364 -0.76 -6.80 -9.24
C TYR B 364 0.51 -7.59 -8.91
N THR B 365 1.63 -6.88 -8.77
CA THR B 365 2.95 -7.50 -8.74
C THR B 365 3.26 -7.99 -7.34
N GLU B 366 4.31 -8.80 -7.26
CA GLU B 366 4.87 -9.23 -6.00
C GLU B 366 6.39 -9.34 -6.11
N ALA B 367 7.07 -9.29 -4.96
CA ALA B 367 8.47 -8.97 -4.96
C ALA B 367 9.10 -9.65 -3.77
N ARG B 368 10.43 -9.72 -3.86
CA ARG B 368 11.33 -10.04 -2.76
C ARG B 368 12.71 -9.52 -3.15
N LEU B 369 13.61 -9.46 -2.15
CA LEU B 369 14.98 -9.12 -2.42
C LEU B 369 15.66 -10.23 -3.22
N SER B 370 16.58 -9.84 -4.12
CA SER B 370 17.44 -10.78 -4.80
C SER B 370 18.45 -11.35 -3.81
N GLU B 371 19.08 -12.46 -4.20
CA GLU B 371 20.10 -13.03 -3.33
C GLU B 371 21.28 -12.08 -3.10
N ILE B 372 21.79 -11.45 -4.16
CA ILE B 372 22.94 -10.56 -4.05
C ILE B 372 22.57 -9.35 -3.19
N ALA B 373 21.29 -8.94 -3.20
CA ALA B 373 20.91 -7.83 -2.34
C ALA B 373 21.10 -8.14 -0.85
N GLY B 374 20.94 -9.42 -0.47
CA GLY B 374 21.22 -9.90 0.87
C GLY B 374 22.66 -9.61 1.29
N TYR B 375 23.59 -9.62 0.33
CA TYR B 375 24.98 -9.26 0.55
C TYR B 375 25.15 -7.78 0.81
N LEU B 376 24.23 -6.90 0.36
CA LEU B 376 24.30 -5.53 0.82
C LEU B 376 23.95 -5.40 2.29
N LEU B 377 23.13 -6.30 2.83
CA LEU B 377 22.63 -6.26 4.20
C LEU B 377 23.37 -7.20 5.14
N GLN B 378 24.29 -8.01 4.63
CA GLN B 378 25.03 -8.98 5.43
C GLN B 378 25.63 -8.31 6.67
N ASP B 379 25.37 -8.91 7.85
CA ASP B 379 25.88 -8.51 9.14
C ASP B 379 25.27 -7.20 9.63
N ILE B 380 24.11 -6.79 9.10
CA ILE B 380 23.49 -5.56 9.60
C ILE B 380 23.05 -5.71 11.08
N GLU B 381 22.80 -6.96 11.50
CA GLU B 381 22.41 -7.27 12.87
C GLU B 381 23.59 -7.30 13.85
N LYS B 382 24.84 -6.94 13.48
CA LYS B 382 26.00 -7.11 14.36
C LYS B 382 26.62 -5.77 14.63
N LYS B 383 25.80 -4.75 14.69
CA LYS B 383 26.20 -3.40 15.02
C LYS B 383 27.36 -2.94 14.17
N THR B 384 27.18 -3.11 12.85
CA THR B 384 28.23 -2.86 11.87
C THR B 384 28.10 -1.49 11.26
N VAL B 385 26.99 -0.78 11.48
CA VAL B 385 26.73 0.41 10.67
C VAL B 385 25.91 1.38 11.49
N PRO B 386 26.09 2.70 11.34
CA PRO B 386 25.30 3.66 12.12
C PRO B 386 23.81 3.65 11.78
N PHE B 387 22.96 3.60 12.82
CA PHE B 387 21.53 3.74 12.71
C PHE B 387 21.06 5.09 13.22
N ALA B 388 19.89 5.53 12.76
CA ALA B 388 19.31 6.80 13.16
C ALA B 388 17.80 6.62 13.30
N TRP B 389 17.17 7.54 14.02
CA TRP B 389 15.73 7.47 14.21
C TRP B 389 15.04 7.71 12.87
N ASN B 390 13.98 6.95 12.64
CA ASN B 390 13.07 7.23 11.53
C ASN B 390 12.35 8.57 11.70
N PHE B 391 11.53 8.91 10.72
CA PHE B 391 10.94 10.23 10.59
C PHE B 391 10.04 10.62 11.77
N ASP B 392 9.56 9.65 12.56
CA ASP B 392 8.70 9.91 13.71
C ASP B 392 9.23 9.25 14.99
N ASP B 393 10.52 8.92 15.06
CA ASP B 393 11.18 8.48 16.28
C ASP B 393 10.54 7.24 16.89
N THR B 394 10.02 6.32 16.08
CA THR B 394 9.47 5.07 16.58
C THR B 394 10.38 3.88 16.32
N GLU B 395 11.32 4.02 15.37
CA GLU B 395 12.08 2.90 14.84
C GLU B 395 13.40 3.43 14.28
N LYS B 396 14.44 2.60 14.35
CA LYS B 396 15.77 2.99 13.89
C LYS B 396 15.95 2.44 12.48
N GLU B 397 16.75 3.15 11.66
CA GLU B 397 17.05 2.71 10.31
C GLU B 397 18.54 2.94 10.02
N PRO B 398 19.19 2.13 9.17
CA PRO B 398 20.60 2.33 8.84
C PRO B 398 20.77 3.56 7.99
N THR B 399 21.85 4.34 8.23
CA THR B 399 22.25 5.44 7.37
C THR B 399 23.06 4.95 6.17
N VAL B 400 23.54 3.69 6.23
CA VAL B 400 24.33 3.10 5.17
C VAL B 400 24.30 1.61 5.44
N LEU B 401 24.43 0.80 4.39
CA LEU B 401 24.40 -0.63 4.53
C LEU B 401 25.81 -1.21 4.58
N PRO B 402 25.98 -2.40 5.19
CA PRO B 402 27.31 -3.04 5.25
C PRO B 402 28.04 -3.18 3.91
N ALA B 403 27.27 -3.51 2.86
CA ALA B 403 27.70 -3.50 1.48
C ALA B 403 28.86 -4.45 1.22
N ALA B 404 28.61 -5.75 1.19
CA ALA B 404 29.63 -6.73 0.94
C ALA B 404 30.05 -6.84 -0.54
N PHE B 405 29.39 -6.10 -1.44
CA PHE B 405 29.94 -5.85 -2.77
C PHE B 405 29.83 -4.37 -3.06
N PRO B 406 30.74 -3.80 -3.89
CA PRO B 406 30.79 -2.35 -4.18
C PRO B 406 29.75 -1.86 -5.20
N ASN B 407 28.53 -1.81 -4.72
CA ASN B 407 27.34 -1.51 -5.50
C ASN B 407 27.40 -0.17 -6.25
N LEU B 408 28.05 0.87 -5.73
CA LEU B 408 28.09 2.16 -6.41
C LEU B 408 28.56 1.98 -7.84
N LEU B 409 29.67 1.27 -8.07
CA LEU B 409 30.18 1.09 -9.42
C LEU B 409 29.42 -0.02 -10.14
N VAL B 410 29.06 -1.09 -9.45
CA VAL B 410 28.45 -2.23 -10.08
C VAL B 410 27.10 -1.84 -10.68
N ASN B 411 26.22 -1.15 -9.93
CA ASN B 411 24.88 -0.80 -10.41
C ASN B 411 24.77 0.65 -10.85
N GLY B 412 25.73 1.48 -10.49
CA GLY B 412 25.72 2.84 -10.97
C GLY B 412 24.61 3.64 -10.29
N SER B 413 24.43 4.87 -10.79
CA SER B 413 23.46 5.77 -10.25
C SER B 413 23.20 6.83 -11.29
N THR B 414 21.91 7.15 -11.50
CA THR B 414 21.62 8.33 -12.26
C THR B 414 20.61 9.19 -11.51
N GLY B 415 20.96 10.45 -11.33
CA GLY B 415 20.28 11.31 -10.37
C GLY B 415 20.45 12.77 -10.77
N ILE B 416 19.43 13.57 -10.43
CA ILE B 416 19.42 15.01 -10.63
C ILE B 416 19.01 15.68 -9.34
N SER B 417 19.93 16.48 -8.78
CA SER B 417 19.72 17.13 -7.50
C SER B 417 19.54 18.64 -7.70
N ALA B 418 19.96 19.47 -6.71
CA ALA B 418 20.06 20.93 -6.82
C ALA B 418 21.54 21.32 -6.82
N GLY B 419 21.94 22.03 -7.89
CA GLY B 419 23.33 22.39 -8.09
C GLY B 419 24.26 21.24 -8.48
N TYR B 420 23.81 19.97 -8.41
CA TYR B 420 24.62 18.81 -8.78
C TYR B 420 23.71 17.76 -9.41
N ALA B 421 24.28 16.96 -10.30
CA ALA B 421 23.67 15.78 -10.88
C ALA B 421 24.66 14.63 -10.77
N THR B 422 24.29 13.41 -11.18
CA THR B 422 25.23 12.30 -11.17
C THR B 422 24.86 11.36 -12.30
N ASP B 423 25.90 10.89 -13.00
CA ASP B 423 25.85 9.71 -13.85
C ASP B 423 27.04 8.83 -13.56
N ILE B 424 26.79 7.67 -12.97
CA ILE B 424 27.79 6.65 -12.74
C ILE B 424 27.28 5.43 -13.46
N PRO B 425 27.95 4.91 -14.48
CA PRO B 425 27.44 3.78 -15.22
C PRO B 425 27.70 2.51 -14.47
N PRO B 426 26.98 1.41 -14.78
CA PRO B 426 27.24 0.10 -14.21
C PRO B 426 28.58 -0.47 -14.62
N HIS B 427 29.02 -1.48 -13.86
CA HIS B 427 30.31 -2.13 -14.06
C HIS B 427 30.19 -3.60 -13.76
N ASN B 428 31.13 -4.38 -14.28
CA ASN B 428 31.13 -5.82 -14.08
C ASN B 428 31.60 -6.13 -12.65
N LEU B 429 30.89 -6.96 -11.92
CA LEU B 429 31.15 -7.17 -10.50
C LEU B 429 32.54 -7.76 -10.29
N ALA B 430 32.91 -8.79 -11.04
CA ALA B 430 34.21 -9.44 -10.90
C ALA B 430 35.35 -8.44 -11.11
N GLU B 431 35.21 -7.59 -12.13
CA GLU B 431 36.20 -6.58 -12.48
C GLU B 431 36.33 -5.57 -11.34
N VAL B 432 35.20 -5.11 -10.79
CA VAL B 432 35.26 -4.11 -9.72
C VAL B 432 35.94 -4.71 -8.49
N ILE B 433 35.62 -5.95 -8.16
CA ILE B 433 36.24 -6.63 -7.03
C ILE B 433 37.75 -6.80 -7.26
N ASP B 434 38.15 -7.12 -8.51
CA ASP B 434 39.55 -7.25 -8.85
C ASP B 434 40.27 -5.94 -8.58
N ALA B 435 39.70 -4.81 -8.99
CA ALA B 435 40.33 -3.53 -8.71
C ALA B 435 40.45 -3.28 -7.21
N ALA B 436 39.37 -3.61 -6.48
CA ALA B 436 39.32 -3.34 -5.06
C ALA B 436 40.36 -4.17 -4.33
N VAL B 437 40.45 -5.45 -4.66
CA VAL B 437 41.45 -6.31 -4.04
C VAL B 437 42.87 -5.84 -4.36
N TYR B 438 43.14 -5.41 -5.59
CA TYR B 438 44.43 -4.88 -5.95
C TYR B 438 44.73 -3.69 -5.03
N MET B 439 43.77 -2.79 -4.88
CA MET B 439 43.97 -1.59 -4.12
C MET B 439 44.13 -1.90 -2.63
N ILE B 440 43.54 -3.00 -2.12
CA ILE B 440 43.76 -3.37 -0.74
C ILE B 440 45.24 -3.64 -0.52
N ASP B 441 45.91 -4.24 -1.51
CA ASP B 441 47.33 -4.55 -1.43
C ASP B 441 48.22 -3.41 -1.89
N HIS B 442 47.70 -2.40 -2.57
CA HIS B 442 48.49 -1.36 -3.15
C HIS B 442 47.64 -0.12 -3.00
N PRO B 443 47.59 0.45 -1.78
CA PRO B 443 46.80 1.64 -1.53
C PRO B 443 47.08 2.77 -2.50
N THR B 444 48.32 2.91 -3.01
CA THR B 444 48.64 4.09 -3.82
C THR B 444 48.47 3.77 -5.31
N ALA B 445 47.84 2.63 -5.64
CA ALA B 445 47.67 2.21 -7.02
C ALA B 445 47.14 3.34 -7.90
N LYS B 446 47.62 3.35 -9.13
CA LYS B 446 47.30 4.38 -10.09
C LYS B 446 46.34 3.85 -11.14
N ILE B 447 45.72 4.82 -11.80
CA ILE B 447 44.61 4.56 -12.69
C ILE B 447 44.98 3.56 -13.79
N ASP B 448 46.13 3.75 -14.45
CA ASP B 448 46.59 2.83 -15.49
C ASP B 448 46.64 1.38 -14.99
N LYS B 449 47.13 1.20 -13.77
CA LYS B 449 47.22 -0.14 -13.22
C LYS B 449 45.81 -0.63 -12.85
N LEU B 450 44.99 0.22 -12.22
CA LEU B 450 43.63 -0.20 -11.87
C LEU B 450 42.85 -0.61 -13.11
N MET B 451 43.11 0.06 -14.26
CA MET B 451 42.35 -0.21 -15.45
C MET B 451 42.73 -1.54 -16.08
N GLU B 452 43.83 -2.16 -15.65
CA GLU B 452 44.07 -3.54 -16.06
C GLU B 452 43.01 -4.46 -15.47
N PHE B 453 42.44 -4.12 -14.32
CA PHE B 453 41.40 -4.93 -13.70
C PHE B 453 40.00 -4.43 -14.08
N LEU B 454 39.85 -3.11 -14.23
CA LEU B 454 38.59 -2.45 -14.44
C LEU B 454 38.72 -1.59 -15.68
N PRO B 455 38.63 -2.20 -16.87
CA PRO B 455 38.91 -1.49 -18.12
C PRO B 455 37.83 -0.52 -18.55
N GLY B 456 36.64 -0.70 -18.01
CA GLY B 456 35.57 0.25 -18.30
C GLY B 456 34.23 -0.24 -17.76
N PRO B 457 33.14 0.50 -18.11
CA PRO B 457 31.81 0.11 -17.71
C PRO B 457 31.39 -1.20 -18.38
N ASP B 458 30.34 -1.80 -17.79
CA ASP B 458 29.69 -2.99 -18.30
C ASP B 458 28.18 -2.78 -18.17
N PHE B 459 27.57 -2.17 -19.18
CA PHE B 459 26.14 -1.90 -19.21
C PHE B 459 25.37 -3.21 -19.26
N PRO B 460 24.23 -3.32 -18.55
CA PRO B 460 23.38 -4.50 -18.66
C PRO B 460 22.74 -4.65 -20.05
N THR B 461 22.68 -3.55 -20.83
CA THR B 461 22.24 -3.56 -22.22
C THR B 461 23.36 -3.89 -23.23
N GLY B 462 24.61 -4.11 -22.77
CA GLY B 462 25.69 -4.63 -23.60
C GLY B 462 26.18 -3.50 -24.48
N ALA B 463 26.23 -3.79 -25.80
CA ALA B 463 26.63 -2.84 -26.84
C ALA B 463 28.14 -2.57 -26.80
N ILE B 464 28.60 -1.52 -27.51
CA ILE B 464 30.01 -1.27 -27.73
C ILE B 464 30.32 0.08 -27.13
N ILE B 465 31.32 0.13 -26.24
CA ILE B 465 31.79 1.37 -25.66
C ILE B 465 33.13 1.72 -26.32
N GLN B 466 33.27 2.96 -26.83
CA GLN B 466 34.43 3.40 -27.56
C GLN B 466 35.02 4.64 -26.88
N GLY B 467 36.34 4.68 -26.61
CA GLY B 467 37.00 5.90 -26.14
C GLY B 467 37.76 5.66 -24.84
N ARG B 468 38.82 4.83 -24.95
CA ARG B 468 39.66 4.40 -23.85
C ARG B 468 40.21 5.60 -23.09
N ASP B 469 40.66 6.62 -23.81
CA ASP B 469 41.18 7.84 -23.22
C ASP B 469 40.13 8.55 -22.40
N GLU B 470 38.90 8.59 -22.89
CA GLU B 470 37.79 9.24 -22.18
C GLU B 470 37.39 8.43 -20.94
N ILE B 471 37.44 7.08 -21.02
CA ILE B 471 37.24 6.29 -19.82
C ILE B 471 38.27 6.70 -18.75
N LYS B 472 39.53 6.81 -19.17
CA LYS B 472 40.60 7.11 -18.25
C LYS B 472 40.42 8.49 -17.63
N LYS B 473 40.05 9.47 -18.44
CA LYS B 473 39.75 10.78 -17.91
C LYS B 473 38.65 10.70 -16.85
N ALA B 474 37.56 9.98 -17.17
CA ALA B 474 36.45 9.80 -16.24
C ALA B 474 36.92 9.07 -14.97
N TYR B 475 37.79 8.05 -15.13
CA TYR B 475 38.28 7.32 -13.96
C TYR B 475 39.20 8.20 -13.10
N GLU B 476 39.84 9.20 -13.71
CA GLU B 476 40.70 10.12 -13.00
C GLU B 476 39.89 11.23 -12.33
N THR B 477 38.94 11.82 -13.06
CA THR B 477 38.34 13.09 -12.68
C THR B 477 36.87 12.96 -12.31
N GLY B 478 36.21 11.86 -12.72
CA GLY B 478 34.78 11.72 -12.57
C GLY B 478 34.01 12.18 -13.80
N LYS B 479 34.66 12.84 -14.78
CA LYS B 479 33.97 13.31 -15.97
C LYS B 479 34.71 12.83 -17.21
N GLY B 480 33.93 12.45 -18.21
CA GLY B 480 34.43 12.04 -19.50
C GLY B 480 33.25 11.70 -20.40
N ARG B 481 33.49 11.57 -21.69
CA ARG B 481 32.45 11.29 -22.65
C ARG B 481 32.92 10.13 -23.50
N VAL B 482 32.12 9.10 -23.61
CA VAL B 482 32.47 7.89 -24.33
C VAL B 482 31.35 7.63 -25.33
N VAL B 483 31.60 6.85 -26.37
CA VAL B 483 30.58 6.53 -27.35
C VAL B 483 30.06 5.17 -26.95
N VAL B 484 28.73 5.01 -27.03
CA VAL B 484 28.08 3.73 -26.89
C VAL B 484 27.33 3.46 -28.18
N ARG B 485 27.57 2.29 -28.76
CA ARG B 485 27.13 2.02 -30.10
C ARG B 485 26.48 0.64 -30.14
N SER B 486 25.34 0.56 -30.83
CA SER B 486 24.57 -0.66 -30.89
C SER B 486 25.42 -1.74 -31.55
N LYS B 487 25.22 -2.96 -31.11
CA LYS B 487 25.82 -4.10 -31.75
C LYS B 487 24.93 -4.44 -32.94
N THR B 488 25.56 -4.56 -34.13
CA THR B 488 24.91 -4.77 -35.41
C THR B 488 25.58 -5.90 -36.16
N GLU B 489 24.85 -6.47 -37.12
CA GLU B 489 25.39 -7.50 -38.01
C GLU B 489 24.58 -7.43 -39.31
N ILE B 490 25.20 -7.81 -40.45
CA ILE B 490 24.49 -7.90 -41.73
C ILE B 490 23.97 -9.32 -41.94
N GLU B 491 22.77 -9.44 -42.53
CA GLU B 491 22.19 -10.72 -42.94
C GLU B 491 21.76 -10.61 -44.41
N LYS B 492 22.09 -11.64 -45.17
CA LYS B 492 21.72 -11.77 -46.57
C LYS B 492 20.26 -12.17 -46.68
N LEU B 493 19.66 -11.95 -47.84
CA LEU B 493 18.28 -12.38 -48.13
C LEU B 493 18.23 -12.91 -49.57
N LYS B 494 17.15 -13.63 -49.86
CA LYS B 494 16.73 -13.89 -51.23
C LYS B 494 16.29 -12.56 -51.84
N GLY B 495 16.44 -12.47 -53.17
CA GLY B 495 16.61 -11.21 -53.86
C GLY B 495 18.03 -10.65 -53.70
N GLY B 496 18.99 -11.45 -53.21
CA GLY B 496 20.34 -10.98 -52.95
C GLY B 496 20.44 -10.07 -51.73
N LYS B 497 19.69 -8.93 -51.76
CA LYS B 497 19.18 -8.09 -50.67
C LYS B 497 19.75 -8.37 -49.25
N GLU B 498 19.96 -7.27 -48.50
CA GLU B 498 20.53 -7.35 -47.17
C GLU B 498 19.61 -6.71 -46.14
N GLN B 499 19.85 -7.10 -44.87
CA GLN B 499 19.30 -6.35 -43.74
C GLN B 499 20.31 -6.16 -42.62
N ILE B 500 20.25 -4.97 -41.99
CA ILE B 500 20.97 -4.64 -40.78
C ILE B 500 20.16 -5.18 -39.61
N VAL B 501 20.80 -5.95 -38.73
CA VAL B 501 20.14 -6.56 -37.60
C VAL B 501 20.81 -6.04 -36.33
N ILE B 502 20.01 -5.39 -35.46
CA ILE B 502 20.50 -4.82 -34.21
C ILE B 502 20.13 -5.78 -33.08
N THR B 503 21.11 -6.19 -32.25
CA THR B 503 20.88 -7.13 -31.15
C THR B 503 21.16 -6.55 -29.76
N GLU B 504 21.86 -5.41 -29.66
CA GLU B 504 22.11 -4.75 -28.41
C GLU B 504 22.05 -3.26 -28.67
N ILE B 505 21.40 -2.52 -27.77
CA ILE B 505 21.28 -1.08 -27.96
C ILE B 505 21.94 -0.35 -26.79
N PRO B 506 22.13 0.97 -26.91
CA PRO B 506 22.74 1.72 -25.83
C PRO B 506 21.89 1.79 -24.56
N TYR B 507 22.58 1.81 -23.43
CA TYR B 507 21.98 1.96 -22.11
C TYR B 507 21.06 3.17 -22.07
N GLU B 508 19.87 2.98 -21.46
CA GLU B 508 18.96 4.05 -21.10
C GLU B 508 18.13 4.48 -22.33
N ILE B 509 18.20 3.73 -23.45
CA ILE B 509 17.48 4.03 -24.67
C ILE B 509 16.27 3.11 -24.73
N ASN B 510 15.14 3.75 -25.06
CA ASN B 510 13.89 3.07 -25.24
C ASN B 510 13.84 2.43 -26.63
N LYS B 511 13.62 1.11 -26.68
CA LYS B 511 13.63 0.42 -27.96
C LYS B 511 12.53 0.89 -28.92
N ALA B 512 11.29 0.94 -28.43
CA ALA B 512 10.19 1.35 -29.29
C ALA B 512 10.46 2.74 -29.85
N ASN B 513 10.97 3.69 -29.06
CA ASN B 513 11.20 5.03 -29.61
C ASN B 513 12.34 5.05 -30.65
N LEU B 514 13.35 4.19 -30.48
CA LEU B 514 14.45 4.04 -31.41
C LEU B 514 13.92 3.50 -32.73
N VAL B 515 13.09 2.44 -32.64
CA VAL B 515 12.50 1.86 -33.83
C VAL B 515 11.71 2.92 -34.61
N LYS B 516 10.91 3.69 -33.89
CA LYS B 516 10.12 4.73 -34.51
C LYS B 516 11.05 5.74 -35.16
N LYS B 517 12.12 6.13 -34.49
CA LYS B 517 12.99 7.18 -35.02
C LYS B 517 13.66 6.67 -36.30
N ILE B 518 14.04 5.38 -36.36
CA ILE B 518 14.65 4.81 -37.54
C ILE B 518 13.62 4.75 -38.67
N ASP B 519 12.40 4.32 -38.35
CA ASP B 519 11.35 4.33 -39.33
C ASP B 519 11.07 5.72 -39.88
N ASP B 520 11.14 6.77 -39.07
CA ASP B 520 11.04 8.13 -39.59
C ASP B 520 12.15 8.48 -40.56
N VAL B 521 13.36 7.91 -40.35
CA VAL B 521 14.48 8.09 -41.27
C VAL B 521 14.05 7.52 -42.62
N ARG B 522 13.49 6.29 -42.62
CA ARG B 522 13.00 5.68 -43.85
C ARG B 522 11.93 6.52 -44.56
N VAL B 523 10.91 6.91 -43.82
CA VAL B 523 9.79 7.70 -44.32
C VAL B 523 10.29 9.03 -44.91
N ASN B 524 11.22 9.70 -44.23
CA ASN B 524 11.73 10.98 -44.69
C ASN B 524 12.86 10.81 -45.72
N ASN B 525 13.33 9.56 -45.89
CA ASN B 525 14.25 9.21 -46.97
C ASN B 525 15.52 10.05 -46.84
N LYS B 526 16.07 10.11 -45.63
CA LYS B 526 17.17 11.02 -45.32
C LYS B 526 18.44 10.44 -45.90
N VAL B 527 18.48 9.09 -45.93
CA VAL B 527 19.56 8.35 -46.54
C VAL B 527 18.91 7.32 -47.43
N ALA B 528 19.41 7.19 -48.67
CA ALA B 528 18.80 6.26 -49.61
C ALA B 528 19.03 4.80 -49.20
N GLY B 529 18.00 3.96 -49.37
CA GLY B 529 18.22 2.52 -49.26
C GLY B 529 17.36 1.75 -48.27
N ILE B 530 16.57 2.40 -47.39
CA ILE B 530 15.85 1.66 -46.35
C ILE B 530 14.49 1.22 -46.88
N ALA B 531 14.22 -0.10 -46.87
CA ALA B 531 12.93 -0.64 -47.29
C ALA B 531 11.94 -0.66 -46.14
N GLU B 532 12.32 -1.30 -45.02
CA GLU B 532 11.41 -1.58 -43.93
C GLU B 532 12.18 -1.66 -42.61
N VAL B 533 11.53 -1.20 -41.54
CA VAL B 533 12.04 -1.33 -40.18
C VAL B 533 11.07 -2.22 -39.40
N ARG B 534 11.56 -3.30 -38.79
CA ARG B 534 10.72 -4.26 -38.08
C ARG B 534 11.38 -4.56 -36.74
N ASP B 535 10.64 -4.39 -35.64
CA ASP B 535 11.08 -4.93 -34.37
C ASP B 535 10.67 -6.39 -34.32
N GLU B 536 11.61 -7.31 -34.28
CA GLU B 536 11.31 -8.73 -34.21
C GLU B 536 11.71 -9.27 -32.86
N SER B 537 11.92 -8.37 -31.88
CA SER B 537 12.26 -8.78 -30.52
C SER B 537 11.11 -9.64 -29.97
N ASP B 538 11.45 -10.56 -29.09
CA ASP B 538 10.48 -11.41 -28.44
C ASP B 538 10.99 -11.65 -27.02
N ARG B 539 10.29 -12.50 -26.25
CA ARG B 539 10.66 -12.79 -24.87
C ARG B 539 12.11 -13.29 -24.74
N ASP B 540 12.71 -13.86 -25.80
CA ASP B 540 14.02 -14.49 -25.72
C ASP B 540 15.15 -13.60 -26.23
N GLY B 541 14.88 -12.42 -26.81
CA GLY B 541 15.98 -11.57 -27.26
C GLY B 541 15.57 -10.36 -28.09
N LEU B 542 16.44 -9.36 -28.04
CA LEU B 542 16.30 -8.13 -28.79
C LEU B 542 16.75 -8.35 -30.24
N ARG B 543 15.93 -7.94 -31.20
CA ARG B 543 16.25 -8.09 -32.61
C ARG B 543 15.45 -7.05 -33.39
N ILE B 544 16.13 -6.02 -33.87
CA ILE B 544 15.53 -5.07 -34.77
C ILE B 544 16.17 -5.29 -36.15
N ALA B 545 15.32 -5.43 -37.18
CA ALA B 545 15.68 -5.71 -38.57
C ALA B 545 15.43 -4.45 -39.37
N ILE B 546 16.49 -3.94 -40.02
CA ILE B 546 16.37 -2.87 -40.99
C ILE B 546 16.65 -3.48 -42.36
N GLU B 547 15.57 -3.72 -43.10
CA GLU B 547 15.62 -4.32 -44.42
C GLU B 547 15.91 -3.23 -45.44
N LEU B 548 17.00 -3.45 -46.21
CA LEU B 548 17.43 -2.49 -47.20
C LEU B 548 16.89 -2.88 -48.57
N LYS B 549 16.70 -1.84 -49.40
CA LYS B 549 16.37 -1.99 -50.82
C LYS B 549 17.51 -2.66 -51.59
N LYS B 550 17.19 -3.33 -52.72
CA LYS B 550 18.18 -4.00 -53.57
C LYS B 550 19.33 -3.04 -53.94
N ASP B 551 20.55 -3.51 -53.70
CA ASP B 551 21.78 -2.75 -53.98
C ASP B 551 21.71 -1.39 -53.29
N ALA B 552 21.30 -1.37 -52.02
CA ALA B 552 21.54 -0.24 -51.16
C ALA B 552 22.92 -0.45 -50.55
N ASN B 553 23.59 0.67 -50.27
CA ASN B 553 24.88 0.68 -49.65
C ASN B 553 24.74 0.60 -48.13
N THR B 554 24.81 -0.63 -47.61
CA THR B 554 24.76 -0.91 -46.19
C THR B 554 25.55 0.07 -45.33
N GLU B 555 26.82 0.30 -45.66
CA GLU B 555 27.68 1.14 -44.82
C GLU B 555 27.17 2.58 -44.79
N LEU B 556 26.65 3.10 -45.90
CA LEU B 556 26.16 4.48 -45.92
C LEU B 556 24.94 4.60 -45.01
N VAL B 557 24.11 3.54 -44.99
CA VAL B 557 22.87 3.57 -44.24
C VAL B 557 23.24 3.54 -42.75
N LEU B 558 24.11 2.59 -42.40
CA LEU B 558 24.52 2.39 -41.02
C LEU B 558 25.19 3.63 -40.45
N ASN B 559 26.04 4.28 -41.23
CA ASN B 559 26.69 5.50 -40.78
C ASN B 559 25.70 6.63 -40.58
N TYR B 560 24.76 6.84 -41.52
CA TYR B 560 23.69 7.82 -41.32
C TYR B 560 22.99 7.58 -39.97
N LEU B 561 22.66 6.31 -39.68
CA LEU B 561 21.84 5.95 -38.54
C LEU B 561 22.61 6.18 -37.25
N PHE B 562 23.91 5.81 -37.22
CA PHE B 562 24.69 5.99 -35.99
C PHE B 562 24.78 7.47 -35.66
N LYS B 563 24.94 8.27 -36.73
CA LYS B 563 25.10 9.70 -36.55
C LYS B 563 23.83 10.35 -36.09
N TYR B 564 22.70 10.03 -36.73
CA TYR B 564 21.50 10.85 -36.65
C TYR B 564 20.39 10.19 -35.85
N THR B 565 20.59 8.97 -35.32
CA THR B 565 19.68 8.39 -34.33
C THR B 565 20.49 8.01 -33.10
N ASP B 566 19.71 7.52 -32.12
CA ASP B 566 20.25 6.98 -30.88
C ASP B 566 20.72 5.55 -31.05
N LEU B 567 20.88 5.08 -32.29
CA LEU B 567 21.54 3.80 -32.49
C LEU B 567 22.97 3.83 -31.94
N GLN B 568 23.49 5.05 -31.85
CA GLN B 568 24.68 5.38 -31.11
C GLN B 568 24.46 6.73 -30.43
N ILE B 569 25.01 6.78 -29.20
CA ILE B 569 24.93 7.94 -28.33
C ILE B 569 26.29 8.22 -27.70
N ASN B 570 26.35 9.35 -27.00
CA ASN B 570 27.43 9.60 -26.07
C ASN B 570 26.97 9.32 -24.64
N TYR B 571 27.75 8.60 -23.82
CA TYR B 571 27.53 8.51 -22.40
C TYR B 571 28.45 9.51 -21.73
N ASN B 572 27.88 10.50 -21.02
CA ASN B 572 28.66 11.43 -20.25
C ASN B 572 28.77 10.97 -18.80
N PHE B 573 29.94 10.51 -18.35
CA PHE B 573 30.19 10.30 -16.93
C PHE B 573 30.11 11.64 -16.20
N ASN B 574 29.44 11.65 -15.05
CA ASN B 574 29.49 12.78 -14.11
C ASN B 574 29.37 12.17 -12.71
N MET B 575 30.46 11.61 -12.20
CA MET B 575 30.41 10.75 -11.04
C MET B 575 30.44 11.58 -9.77
N VAL B 576 29.23 11.84 -9.23
CA VAL B 576 29.02 12.52 -7.97
C VAL B 576 28.32 11.59 -6.98
N ALA B 577 28.82 11.60 -5.75
CA ALA B 577 28.29 10.81 -4.65
C ALA B 577 28.51 11.59 -3.36
N ILE B 578 27.79 11.15 -2.34
CA ILE B 578 27.86 11.75 -1.02
C ILE B 578 28.98 11.06 -0.25
N ASP B 579 29.89 11.89 0.25
CA ASP B 579 31.07 11.47 1.00
C ASP B 579 31.22 12.41 2.17
N ASN B 580 31.18 11.90 3.39
CA ASN B 580 31.16 12.73 4.58
C ASN B 580 30.11 13.84 4.46
N PHE B 581 28.85 13.42 4.19
CA PHE B 581 27.66 14.26 4.14
C PHE B 581 27.70 15.29 3.00
N THR B 582 28.70 15.25 2.11
CA THR B 582 28.88 16.36 1.19
C THR B 582 28.92 15.78 -0.20
N PRO B 583 28.34 16.42 -1.22
CA PRO B 583 28.38 15.89 -2.58
C PRO B 583 29.82 16.08 -3.05
N ARG B 584 30.34 15.15 -3.82
CA ARG B 584 31.71 15.24 -4.28
C ARG B 584 31.84 14.56 -5.62
N GLN B 585 32.55 15.22 -6.55
CA GLN B 585 32.87 14.61 -7.82
C GLN B 585 34.09 13.72 -7.66
N VAL B 586 34.01 12.46 -8.08
CA VAL B 586 34.99 11.45 -7.73
C VAL B 586 35.31 10.55 -8.92
N GLY B 587 36.60 10.26 -9.02
CA GLY B 587 37.10 9.19 -9.87
C GLY B 587 37.11 7.88 -9.11
N ILE B 588 37.62 6.87 -9.79
CA ILE B 588 37.70 5.49 -9.32
C ILE B 588 38.50 5.37 -8.03
N VAL B 589 39.53 6.21 -7.81
CA VAL B 589 40.40 5.99 -6.66
C VAL B 589 39.61 6.32 -5.39
N PRO B 590 38.97 7.49 -5.29
CA PRO B 590 38.19 7.80 -4.09
C PRO B 590 37.02 6.82 -3.88
N ILE B 591 36.36 6.43 -4.98
CA ILE B 591 35.26 5.49 -4.90
C ILE B 591 35.76 4.20 -4.25
N LEU B 592 36.86 3.63 -4.74
CA LEU B 592 37.35 2.36 -4.22
C LEU B 592 37.92 2.50 -2.80
N SER B 593 38.57 3.61 -2.48
CA SER B 593 39.21 3.72 -1.17
C SER B 593 38.14 3.98 -0.11
N SER B 594 37.06 4.66 -0.49
CA SER B 594 35.90 4.82 0.40
C SER B 594 35.24 3.50 0.73
N TYR B 595 35.08 2.68 -0.32
CA TYR B 595 34.53 1.36 -0.15
C TYR B 595 35.37 0.56 0.83
N ILE B 596 36.69 0.54 0.62
CA ILE B 596 37.63 -0.23 1.42
C ILE B 596 37.57 0.25 2.86
N ALA B 597 37.53 1.57 3.05
CA ALA B 597 37.47 2.17 4.38
C ALA B 597 36.18 1.79 5.09
N HIS B 598 35.08 1.73 4.30
CA HIS B 598 33.78 1.27 4.80
C HIS B 598 33.81 -0.18 5.25
N ARG B 599 34.31 -1.09 4.40
CA ARG B 599 34.39 -2.47 4.77
C ARG B 599 35.33 -2.65 5.96
N ARG B 600 36.33 -1.77 6.10
CA ARG B 600 37.18 -1.86 7.27
C ARG B 600 36.35 -1.59 8.52
N GLU B 601 35.54 -0.53 8.52
CA GLU B 601 34.70 -0.24 9.67
C GLU B 601 33.74 -1.39 9.97
N VAL B 602 33.18 -2.01 8.95
CA VAL B 602 32.19 -3.06 9.08
C VAL B 602 32.84 -4.28 9.72
N ILE B 603 33.97 -4.69 9.18
CA ILE B 603 34.63 -5.90 9.64
C ILE B 603 35.09 -5.70 11.09
N LEU B 604 35.62 -4.53 11.39
CA LEU B 604 36.06 -4.26 12.76
C LEU B 604 34.88 -4.28 13.73
N ALA B 605 33.77 -3.61 13.38
CA ALA B 605 32.60 -3.56 14.24
C ALA B 605 31.95 -4.93 14.39
N ARG B 606 31.90 -5.70 13.32
CA ARG B 606 31.40 -7.06 13.35
C ARG B 606 32.25 -7.91 14.28
N SER B 607 33.57 -7.72 14.20
CA SER B 607 34.51 -8.53 14.94
C SER B 607 34.39 -8.19 16.42
N ARG B 608 34.19 -6.91 16.74
CA ARG B 608 33.96 -6.51 18.12
C ARG B 608 32.65 -7.10 18.65
N PHE B 609 31.58 -7.05 17.84
CA PHE B 609 30.30 -7.59 18.23
C PHE B 609 30.44 -9.08 18.55
N ASP B 610 31.03 -9.82 17.62
CA ASP B 610 31.15 -11.26 17.80
C ASP B 610 32.04 -11.61 18.96
N LYS B 611 33.02 -10.76 19.27
CA LYS B 611 34.00 -11.12 20.26
C LYS B 611 33.38 -10.95 21.63
N GLU B 612 32.71 -9.80 21.80
CA GLU B 612 31.92 -9.55 23.01
C GLU B 612 30.91 -10.70 23.29
N LYS B 613 30.24 -11.21 22.27
CA LYS B 613 29.27 -12.27 22.42
C LYS B 613 29.99 -13.55 22.84
N ALA B 614 31.13 -13.82 22.25
CA ALA B 614 31.85 -15.04 22.59
C ALA B 614 32.37 -14.98 24.02
N GLU B 615 32.81 -13.80 24.47
CA GLU B 615 33.38 -13.64 25.78
C GLU B 615 32.33 -13.85 26.87
N LYS B 616 31.14 -13.29 26.63
CA LYS B 616 30.04 -13.51 27.53
C LYS B 616 29.73 -14.99 27.67
N ARG B 617 29.62 -15.67 26.53
CA ARG B 617 29.32 -17.09 26.56
C ARG B 617 30.43 -17.86 27.25
N LEU B 618 31.70 -17.50 26.97
CA LEU B 618 32.82 -18.13 27.63
C LEU B 618 32.69 -18.02 29.14
N HIS B 619 32.42 -16.82 29.64
CA HIS B 619 32.31 -16.67 31.09
C HIS B 619 31.19 -17.53 31.67
N ILE B 620 30.08 -17.64 30.92
CA ILE B 620 28.99 -18.46 31.37
C ILE B 620 29.39 -19.92 31.39
N VAL B 621 30.06 -20.38 30.33
CA VAL B 621 30.48 -21.78 30.27
C VAL B 621 31.47 -22.13 31.39
N GLU B 622 32.38 -21.21 31.72
CA GLU B 622 33.30 -21.42 32.82
C GLU B 622 32.56 -21.65 34.13
N GLY B 623 31.55 -20.82 34.40
CA GLY B 623 30.73 -21.00 35.58
C GLY B 623 29.93 -22.30 35.54
N LEU B 624 29.41 -22.70 34.37
CA LEU B 624 28.62 -23.91 34.33
C LEU B 624 29.48 -25.15 34.61
N ILE B 625 30.71 -25.20 34.08
CA ILE B 625 31.65 -26.24 34.46
C ILE B 625 31.89 -26.26 35.97
N ARG B 626 32.10 -25.10 36.58
CA ARG B 626 32.30 -25.10 38.02
C ARG B 626 31.07 -25.58 38.80
N VAL B 627 29.86 -25.19 38.35
CA VAL B 627 28.60 -25.56 38.99
C VAL B 627 28.47 -27.07 39.06
N ILE B 628 28.82 -27.75 37.96
CA ILE B 628 28.67 -29.20 37.88
C ILE B 628 29.44 -29.90 39.01
N SER B 629 30.62 -29.41 39.32
CA SER B 629 31.43 -30.01 40.37
C SER B 629 30.84 -29.78 41.75
N ILE B 630 30.01 -28.74 41.93
CA ILE B 630 29.40 -28.48 43.23
C ILE B 630 27.88 -28.40 43.08
N LEU B 631 27.30 -29.23 42.21
CA LEU B 631 25.91 -29.11 41.84
C LEU B 631 25.01 -29.30 43.04
N ASP B 632 25.35 -30.28 43.91
CA ASP B 632 24.52 -30.61 45.04
C ASP B 632 24.45 -29.43 45.96
N GLU B 633 25.62 -28.84 46.20
CA GLU B 633 25.77 -27.69 47.06
C GLU B 633 25.05 -26.49 46.46
N VAL B 634 25.12 -26.30 45.14
CA VAL B 634 24.46 -25.18 44.53
C VAL B 634 22.95 -25.29 44.65
N ILE B 635 22.38 -26.48 44.47
CA ILE B 635 20.95 -26.68 44.52
C ILE B 635 20.50 -26.46 45.96
N ALA B 636 21.23 -27.04 46.92
CA ALA B 636 20.93 -26.84 48.32
C ALA B 636 21.00 -25.34 48.71
N LEU B 637 21.96 -24.60 48.13
CA LEU B 637 22.16 -23.21 48.41
C LEU B 637 20.96 -22.41 47.91
N ILE B 638 20.57 -22.64 46.66
CA ILE B 638 19.41 -22.00 46.10
C ILE B 638 18.17 -22.31 46.95
N ARG B 639 18.04 -23.56 47.40
CA ARG B 639 16.88 -23.91 48.20
C ARG B 639 16.88 -23.14 49.52
N ALA B 640 18.05 -22.87 50.08
CA ALA B 640 18.13 -22.14 51.36
C ALA B 640 17.83 -20.63 51.21
N SER B 641 17.88 -20.11 49.99
CA SER B 641 17.75 -18.69 49.72
C SER B 641 16.27 -18.21 49.72
N GLU B 642 16.03 -16.91 50.02
CA GLU B 642 14.67 -16.38 50.11
C GLU B 642 14.04 -16.13 48.73
N ASN B 643 14.81 -15.77 47.71
CA ASN B 643 14.27 -15.37 46.41
C ASN B 643 15.40 -15.34 45.37
N LYS B 644 15.11 -14.89 44.16
CA LYS B 644 16.10 -14.89 43.12
C LYS B 644 17.34 -14.07 43.51
N ALA B 645 17.11 -12.84 43.96
CA ALA B 645 18.21 -11.92 44.26
C ALA B 645 19.04 -12.47 45.41
N ASP B 646 18.40 -13.12 46.37
CA ASP B 646 19.10 -13.69 47.51
C ASP B 646 19.94 -14.90 47.08
N ALA B 647 19.38 -15.73 46.20
CA ALA B 647 20.10 -16.87 45.67
C ALA B 647 21.37 -16.45 44.96
N LYS B 648 21.27 -15.44 44.10
CA LYS B 648 22.45 -14.93 43.40
C LYS B 648 23.51 -14.38 44.35
N GLU B 649 23.06 -13.61 45.34
CA GLU B 649 23.96 -13.10 46.36
C GLU B 649 24.66 -14.23 47.09
N ASN B 650 23.94 -15.28 47.47
CA ASN B 650 24.58 -16.42 48.10
C ASN B 650 25.56 -17.10 47.16
N LEU B 651 25.29 -17.18 45.86
CA LEU B 651 26.24 -17.77 44.94
C LEU B 651 27.56 -16.95 44.84
N LYS B 652 27.46 -15.63 44.72
CA LYS B 652 28.62 -14.72 44.68
C LYS B 652 29.47 -14.84 45.94
N VAL B 653 28.83 -14.81 47.11
CA VAL B 653 29.54 -14.74 48.36
C VAL B 653 30.13 -16.11 48.67
N SER B 654 29.31 -17.13 48.71
CA SER B 654 29.78 -18.48 48.98
C SER B 654 30.74 -19.07 47.95
N TYR B 655 30.59 -18.77 46.66
CA TYR B 655 31.36 -19.48 45.63
C TYR B 655 32.01 -18.58 44.59
N ASP B 656 31.91 -17.25 44.71
CA ASP B 656 32.65 -16.35 43.86
C ASP B 656 32.20 -16.38 42.42
N PHE B 657 30.96 -16.74 42.17
CA PHE B 657 30.44 -16.60 40.83
C PHE B 657 30.35 -15.11 40.55
N THR B 658 30.49 -14.70 39.30
CA THR B 658 30.19 -13.33 38.95
C THR B 658 28.68 -13.15 38.91
N GLU B 659 28.28 -11.89 38.83
CA GLU B 659 26.91 -11.54 38.59
C GLU B 659 26.34 -12.28 37.39
N GLU B 660 27.05 -12.27 36.27
CA GLU B 660 26.58 -12.80 35.00
C GLU B 660 26.43 -14.31 35.16
N GLN B 661 27.40 -14.94 35.79
CA GLN B 661 27.31 -16.37 36.01
C GLN B 661 26.16 -16.72 36.91
N ALA B 662 25.96 -15.94 38.00
CA ALA B 662 24.91 -16.22 38.98
C ALA B 662 23.53 -16.11 38.36
N GLU B 663 23.32 -15.07 37.56
CA GLU B 663 22.08 -14.86 36.84
C GLU B 663 21.80 -16.00 35.89
N ALA B 664 22.82 -16.48 35.20
CA ALA B 664 22.65 -17.62 34.30
C ALA B 664 22.31 -18.90 35.04
N ILE B 665 22.91 -19.14 36.22
CA ILE B 665 22.69 -20.35 36.97
C ILE B 665 21.27 -20.46 37.49
N VAL B 666 20.78 -19.39 38.04
CA VAL B 666 19.51 -19.32 38.76
C VAL B 666 18.34 -19.26 37.78
N THR B 667 18.58 -18.91 36.52
CA THR B 667 17.56 -18.97 35.47
C THR B 667 17.65 -20.26 34.63
N LEU B 668 18.50 -21.24 34.97
CA LEU B 668 18.44 -22.52 34.31
C LEU B 668 17.08 -23.14 34.62
N GLN B 669 16.44 -23.72 33.58
CA GLN B 669 15.29 -24.59 33.78
C GLN B 669 15.69 -25.96 34.33
N LEU B 670 14.86 -26.57 35.16
CA LEU B 670 15.19 -27.83 35.83
C LEU B 670 15.62 -28.89 34.84
N TYR B 671 15.01 -28.93 33.64
CA TYR B 671 15.36 -29.95 32.67
C TYR B 671 16.81 -29.86 32.22
N ARG B 672 17.42 -28.68 32.33
CA ARG B 672 18.82 -28.50 31.93
C ARG B 672 19.78 -29.35 32.76
N LEU B 673 19.40 -29.74 33.97
CA LEU B 673 20.23 -30.64 34.74
C LEU B 673 20.36 -32.05 34.16
N THR B 674 19.58 -32.40 33.12
CA THR B 674 19.77 -33.66 32.44
C THR B 674 21.11 -33.68 31.72
N ASN B 675 21.63 -32.52 31.33
CA ASN B 675 22.88 -32.42 30.64
C ASN B 675 23.95 -31.77 31.51
N THR B 676 24.81 -32.58 32.13
CA THR B 676 25.93 -32.04 32.88
C THR B 676 27.26 -32.56 32.31
N ASP B 677 27.42 -32.55 30.98
CA ASP B 677 28.58 -33.19 30.39
C ASP B 677 29.73 -32.20 30.38
N VAL B 678 30.72 -32.37 31.27
CA VAL B 678 31.73 -31.31 31.43
C VAL B 678 32.70 -31.26 30.24
N VAL B 679 32.96 -32.43 29.67
CA VAL B 679 33.80 -32.56 28.49
C VAL B 679 33.20 -31.78 27.31
N VAL B 680 31.89 -31.86 27.10
CA VAL B 680 31.27 -31.10 26.02
C VAL B 680 31.42 -29.59 26.24
N LEU B 681 31.30 -29.14 27.50
CA LEU B 681 31.46 -27.72 27.85
C LEU B 681 32.92 -27.27 27.68
N GLN B 682 33.89 -28.10 28.10
CA GLN B 682 35.31 -27.88 27.82
C GLN B 682 35.61 -27.75 26.35
N GLU B 683 35.05 -28.63 25.51
N GLU B 683 35.03 -28.60 25.51
CA GLU B 683 35.18 -28.52 24.06
CA GLU B 683 35.27 -28.45 24.07
C GLU B 683 34.70 -27.14 23.62
C GLU B 683 34.72 -27.10 23.63
N GLU B 684 33.57 -26.67 24.17
CA GLU B 684 32.98 -25.38 23.82
C GLU B 684 33.91 -24.24 24.31
N GLU B 685 34.48 -24.36 25.54
CA GLU B 685 35.42 -23.37 26.04
C GLU B 685 36.56 -23.20 25.03
N ALA B 686 37.10 -24.34 24.54
CA ALA B 686 38.24 -24.31 23.64
C ALA B 686 37.90 -23.61 22.34
N GLU B 687 36.72 -23.91 21.82
CA GLU B 687 36.27 -23.36 20.56
C GLU B 687 36.07 -21.88 20.69
N LEU B 688 35.52 -21.46 21.81
CA LEU B 688 35.28 -20.05 22.04
C LEU B 688 36.60 -19.28 22.15
N ARG B 689 37.54 -19.84 22.92
CA ARG B 689 38.85 -19.20 23.05
C ARG B 689 39.55 -19.06 21.69
N GLU B 690 39.39 -20.06 20.80
CA GLU B 690 40.01 -19.97 19.49
C GLU B 690 39.39 -18.87 18.68
N LYS B 691 38.07 -18.75 18.78
CA LYS B 691 37.38 -17.74 18.03
C LYS B 691 37.76 -16.33 18.50
N ILE B 692 37.80 -16.15 19.82
CA ILE B 692 38.16 -14.86 20.40
C ILE B 692 39.55 -14.44 19.90
N ALA B 693 40.47 -15.40 19.80
CA ALA B 693 41.81 -15.14 19.36
C ALA B 693 41.82 -14.69 17.90
N MET B 694 41.06 -15.38 17.03
CA MET B 694 40.94 -14.95 15.66
C MET B 694 40.36 -13.54 15.59
N LEU B 695 39.31 -13.29 16.36
CA LEU B 695 38.62 -12.01 16.26
C LEU B 695 39.52 -10.92 16.80
N ALA B 696 40.23 -11.21 17.88
CA ALA B 696 41.15 -10.24 18.48
C ALA B 696 42.26 -9.87 17.50
N ALA B 697 42.76 -10.87 16.78
CA ALA B 697 43.82 -10.62 15.79
C ALA B 697 43.36 -9.73 14.64
N ILE B 698 42.09 -9.85 14.21
CA ILE B 698 41.54 -8.98 13.20
C ILE B 698 41.52 -7.54 13.72
N ILE B 699 41.12 -7.37 14.96
CA ILE B 699 41.02 -6.04 15.55
C ILE B 699 42.42 -5.48 15.79
N GLY B 700 43.37 -6.33 16.22
CA GLY B 700 44.69 -5.85 16.56
C GLY B 700 45.68 -5.68 15.41
N ASP B 701 45.35 -6.10 14.19
CA ASP B 701 46.30 -6.14 13.09
C ASP B 701 45.64 -5.80 11.75
N GLU B 702 46.01 -4.64 11.19
CA GLU B 702 45.37 -4.12 10.01
C GLU B 702 45.47 -5.14 8.90
N ARG B 703 46.63 -5.78 8.74
CA ARG B 703 46.80 -6.67 7.61
C ARG B 703 45.94 -7.92 7.74
N THR B 704 45.77 -8.42 8.97
CA THR B 704 44.88 -9.54 9.20
C THR B 704 43.45 -9.18 8.77
N MET B 705 43.05 -7.94 9.06
CA MET B 705 41.75 -7.42 8.73
C MET B 705 41.64 -7.29 7.22
N TYR B 706 42.64 -6.69 6.58
CA TYR B 706 42.62 -6.56 5.12
C TYR B 706 42.63 -7.92 4.43
N ASN B 707 43.32 -8.90 4.98
CA ASN B 707 43.30 -10.21 4.37
C ASN B 707 41.91 -10.82 4.45
N LEU B 708 41.19 -10.57 5.55
CA LEU B 708 39.84 -11.08 5.65
C LEU B 708 38.92 -10.36 4.65
N MET B 709 39.14 -9.05 4.47
CA MET B 709 38.37 -8.28 3.52
C MET B 709 38.50 -8.85 2.12
N LYS B 710 39.72 -9.16 1.68
CA LYS B 710 39.95 -9.78 0.38
C LYS B 710 39.35 -11.17 0.30
N LYS B 711 39.50 -11.97 1.34
CA LYS B 711 38.94 -13.31 1.26
C LYS B 711 37.43 -13.19 1.00
N GLU B 712 36.77 -12.28 1.69
CA GLU B 712 35.33 -12.14 1.56
C GLU B 712 34.95 -11.62 0.18
N LEU B 713 35.67 -10.63 -0.33
CA LEU B 713 35.38 -10.10 -1.65
C LEU B 713 35.59 -11.15 -2.75
N ARG B 714 36.59 -12.00 -2.60
CA ARG B 714 36.82 -13.05 -3.57
C ARG B 714 35.68 -14.05 -3.57
N GLU B 715 35.13 -14.37 -2.37
CA GLU B 715 34.01 -15.29 -2.24
C GLU B 715 32.80 -14.73 -2.99
N VAL B 716 32.51 -13.44 -2.83
CA VAL B 716 31.42 -12.75 -3.47
C VAL B 716 31.59 -12.84 -5.00
N LYS B 717 32.78 -12.52 -5.47
CA LYS B 717 33.10 -12.63 -6.87
C LYS B 717 32.84 -14.07 -7.34
N LYS B 718 33.35 -15.05 -6.63
CA LYS B 718 33.19 -16.40 -7.11
C LYS B 718 31.70 -16.74 -7.20
N LYS B 719 30.89 -16.29 -6.26
CA LYS B 719 29.48 -16.60 -6.26
C LYS B 719 28.70 -15.88 -7.35
N PHE B 720 29.00 -14.62 -7.66
CA PHE B 720 28.11 -13.75 -8.41
C PHE B 720 28.69 -13.26 -9.74
N ALA B 721 29.92 -13.62 -10.07
CA ALA B 721 30.57 -13.22 -11.32
C ALA B 721 29.75 -13.68 -12.52
N THR B 722 29.63 -12.77 -13.48
CA THR B 722 29.09 -13.06 -14.79
C THR B 722 29.98 -12.37 -15.81
N PRO B 723 29.98 -12.88 -17.06
CA PRO B 723 30.88 -12.33 -18.07
C PRO B 723 30.50 -10.89 -18.39
N ARG B 724 31.48 -10.14 -18.87
CA ARG B 724 31.31 -8.83 -19.46
C ARG B 724 30.26 -8.89 -20.57
N LEU B 725 29.41 -7.85 -20.70
CA LEU B 725 28.37 -7.78 -21.72
C LEU B 725 28.71 -6.71 -22.75
N SER B 726 29.15 -5.52 -22.31
CA SER B 726 29.62 -4.48 -23.22
C SER B 726 31.05 -4.80 -23.69
N SER B 727 31.32 -4.64 -25.00
CA SER B 727 32.67 -4.67 -25.51
C SER B 727 33.28 -3.26 -25.48
N LEU B 728 34.61 -3.21 -25.30
CA LEU B 728 35.37 -1.98 -25.26
C LEU B 728 36.24 -1.87 -26.51
N GLU B 729 36.27 -0.67 -27.11
CA GLU B 729 37.14 -0.33 -28.24
C GLU B 729 37.83 1.00 -27.93
N ASP B 730 39.06 1.15 -28.47
CA ASP B 730 39.96 2.23 -28.05
C ASP B 730 39.65 3.54 -28.76
N THR B 731 39.30 3.49 -30.08
CA THR B 731 39.00 4.67 -30.91
C THR B 731 37.49 4.87 -31.02
N ALA B 732 37.07 6.16 -30.97
CA ALA B 732 35.70 6.62 -31.19
C ALA B 732 35.59 7.27 -32.58
MG MG G . -12.18 3.77 -8.52
MG MG H . -38.41 14.58 -3.82
MG MG I . -8.75 -10.74 -10.63
CL CL J . 4.19 -21.03 37.64
C1 MPD K . 8.18 -26.29 43.05
C2 MPD K . 8.13 -24.96 43.81
O2 MPD K . 8.79 -24.00 42.98
CM MPD K . 8.93 -25.02 45.10
C3 MPD K . 6.69 -24.48 43.98
C4 MPD K . 6.43 -23.01 43.79
O4 MPD K . 7.56 -22.31 44.26
C5 MPD K . 6.11 -22.57 42.38
H11 MPD K . 7.77 -26.18 42.18
H12 MPD K . 7.71 -26.96 43.56
H13 MPD K . 9.11 -26.55 42.94
HO2 MPD K . 8.72 -23.17 43.20
HM1 MPD K . 8.33 -24.93 45.86
HM2 MPD K . 9.58 -24.28 45.12
HM3 MPD K . 9.40 -25.86 45.15
H31 MPD K . 6.38 -24.72 44.87
H32 MPD K . 6.12 -24.96 43.34
H4 MPD K . 5.67 -22.74 44.36
HO4 MPD K . 7.38 -21.41 44.12
H51 MPD K . 5.81 -21.64 42.38
H52 MPD K . 5.41 -23.13 42.02
H53 MPD K . 6.91 -22.65 41.83
C1 MPD L . -26.97 17.63 13.01
C2 MPD L . -26.32 16.28 12.70
O2 MPD L . -27.43 15.37 12.63
CM MPD L . -25.35 15.90 13.82
C3 MPD L . -25.71 16.20 11.28
C4 MPD L . -24.22 16.49 10.97
O4 MPD L . -23.42 15.28 10.89
C5 MPD L . -24.07 17.27 9.68
H11 MPD L . -27.67 17.81 12.35
H12 MPD L . -26.30 18.33 12.97
H13 MPD L . -27.36 17.61 13.90
HO2 MPD L . -27.12 14.58 12.47
HM1 MPD L . -24.67 16.59 13.91
HM2 MPD L . -24.93 15.05 13.60
HM3 MPD L . -25.85 15.82 14.66
H31 MPD L . -26.24 16.80 10.72
H32 MPD L . -25.88 15.29 10.96
H4 MPD L . -23.85 17.04 11.71
HO4 MPD L . -22.70 15.54 10.84
H51 MPD L . -23.13 17.38 9.47
H52 MPD L . -24.47 18.16 9.78
H53 MPD L . -24.51 16.80 8.95
C1 MLA M . -10.03 -30.13 40.46
O1A MLA M . -11.08 -29.77 39.83
O1B MLA M . -9.77 -29.80 41.64
C2 MLA M . -9.04 -31.05 39.75
C3 MLA M . -9.97 -31.87 38.90
O3A MLA M . -10.54 -32.89 39.40
O3B MLA M . -10.20 -31.45 37.78
HC21 MLA M . -8.56 -31.61 40.39
HC22 MLA M . -8.42 -30.53 39.19
C ACT N . -12.78 -4.98 25.08
O ACT N . -11.77 -5.57 24.62
OXT ACT N . -13.59 -4.48 24.33
CH3 ACT N . -13.05 -4.90 26.62
H1 ACT N . -12.27 -5.40 27.05
H2 ACT N . -13.83 -5.42 26.79
H3 ACT N . -13.06 -4.04 26.87
C1 MLA O . -33.98 -16.51 37.29
O1A MLA O . -33.14 -16.08 38.09
O1B MLA O . -35.26 -16.57 37.51
C2 MLA O . -33.43 -17.08 35.99
C3 MLA O . -34.13 -16.49 34.78
O3A MLA O . -33.74 -15.40 34.34
O3B MLA O . -35.09 -17.10 34.31
HC21 MLA O . -33.54 -18.04 35.98
HC22 MLA O . -32.48 -16.88 35.93
C FMT P . -11.67 14.18 9.21
O1 FMT P . -10.91 13.25 8.94
O2 FMT P . -11.63 15.46 8.64
H FMT P . -12.34 14.03 9.88
HO2 FMT P . -12.34 15.99 8.97
C ACT Q . -34.96 -20.04 21.88
O ACT Q . -34.32 -20.94 21.38
OXT ACT Q . -35.84 -19.47 21.25
CH3 ACT Q . -34.69 -19.68 23.34
H1 ACT Q . -33.78 -19.99 23.47
H2 ACT Q . -35.28 -19.57 23.81
H3 ACT Q . -34.31 -18.53 23.11
C FMT R . 10.30 -19.51 36.23
O1 FMT R . 10.06 -20.68 36.05
O2 FMT R . 9.61 -18.45 35.71
H FMT R . 11.04 -19.29 36.78
HO2 FMT R . 9.72 -17.72 35.94
MG MG S . 3.78 9.51 -11.28
MG MG T . 23.78 9.27 -32.79
MG MG U . 5.09 16.94 1.84
CL CL V . 23.29 -22.45 28.85
C ACT W . 45.35 3.83 4.29
O ACT W . 46.31 4.43 3.86
OXT ACT W . 45.03 2.74 3.82
CH3 ACT W . 44.54 4.47 5.43
H1 ACT W . 45.03 5.39 5.63
H2 ACT W . 44.35 4.01 6.01
H3 ACT W . 43.74 4.89 4.85
C ACT X . 15.16 41.64 0.23
O ACT X . 16.31 41.67 -0.27
OXT ACT X . 14.90 41.61 1.43
CH3 ACT X . 13.99 41.67 -0.68
H1 ACT X . 14.33 41.57 -1.65
H2 ACT X . 13.39 42.35 -0.66
H3 ACT X . 13.47 40.77 -0.60
C FMT Y . 10.51 -17.52 -10.50
O1 FMT Y . 9.37 -17.89 -10.67
O2 FMT Y . 11.03 -17.01 -9.33
H FMT Y . 11.11 -17.60 -11.24
HO2 FMT Y . 12.07 -16.69 -9.02
C1 MPD Z . 24.39 -26.90 35.26
C2 MPD Z . 24.14 -27.53 33.91
O2 MPD Z . 22.76 -27.86 33.96
CM MPD Z . 25.01 -28.75 33.79
C3 MPD Z . 24.30 -26.65 32.67
C4 MPD Z . 24.19 -27.34 31.31
O4 MPD Z . 22.92 -27.96 31.19
C5 MPD Z . 24.33 -26.41 30.17
H11 MPD Z . 23.91 -26.05 35.31
H12 MPD Z . 25.34 -26.74 35.37
H13 MPD Z . 24.07 -27.49 35.96
HO2 MPD Z . 22.41 -28.09 33.20
HM1 MPD Z . 25.78 -28.56 33.24
HM2 MPD Z . 24.48 -29.46 33.40
HM3 MPD Z . 25.29 -29.02 34.67
H31 MPD Z . 25.19 -26.22 32.71
H32 MPD Z . 23.64 -25.93 32.71
H4 MPD Z . 24.90 -28.02 31.22
HO4 MPD Z . 22.79 -28.18 30.49
H51 MPD Z . 24.18 -26.88 29.33
H52 MPD Z . 25.24 -26.04 30.17
H53 MPD Z . 23.69 -25.68 30.26
C FMT AA . 43.02 -14.45 2.40
O1 FMT AA . 43.19 -13.26 2.12
O2 FMT AA . 42.76 -15.06 3.66
H FMT AA . 43.10 -15.09 1.68
HO2 FMT AA . 42.83 -15.91 3.61
C8 TE9 BA . -11.94 4.47 -13.36
C3 TE9 BA . -10.10 0.86 -12.09
C4 TE9 BA . -10.40 1.86 -11.11
C5 TE9 BA . -10.02 1.54 -9.68
C6 TE9 BA . -11.05 3.11 -11.47
C1 TE9 BA . -8.41 -0.06 -16.19
C2 TE9 BA . -9.98 0.01 -14.32
C14 TE9 BA . -11.43 2.46 -15.19
C15 TE9 BA . -11.07 2.29 -13.84
C16 TE9 BA . -9.96 -1.34 -14.38
N1 TE9 BA . -7.63 0.53 -17.12
N2 TE9 BA . -9.04 0.61 -15.19
N3 TE9 BA . -10.46 1.07 -13.45
O1 TE9 BA . -10.55 2.33 -8.78
O2 TE9 BA . -9.27 0.46 -9.56
O3 TE9 BA . -11.29 3.95 -10.54
C7 TE9 BA . -11.35 3.29 -12.89
C9 TE9 BA . -12.22 4.66 -14.73
F1 TE9 BA . -12.84 5.78 -15.22
C10 TE9 BA . -11.96 3.66 -15.66
N4 TE9 BA . -12.26 3.84 -17.04
C11 TE9 BA . -12.22 5.14 -17.73
C12 TE9 BA . -11.95 4.41 -19.09
O4 TE9 BA . -10.79 4.74 -19.86
C13 TE9 BA . -11.75 3.13 -18.27
CL1 TE9 BA . -11.48 1.10 -16.33
F2 TE9 BA . -10.68 -1.98 -13.44
C17 TE9 BA . -9.21 -2.07 -15.34
C18 TE9 BA . -8.43 -1.45 -16.26
F3 TE9 BA . -7.66 -2.07 -17.26
H4 TE9 BA . -12.16 5.26 -12.66
H3 TE9 BA . -9.69 -0.10 -11.81
H2 TE9 BA . -7.17 0.00 -17.85
H1 TE9 BA . -7.51 1.53 -17.11
H6 TE9 BA . -13.17 5.67 -17.74
H5 TE9 BA . -11.38 5.74 -17.43
H7 TE9 BA . -12.85 4.35 -19.70
H8 TE9 BA . -10.10 4.86 -19.24
H9 TE9 BA . -10.70 2.89 -18.23
H10 TE9 BA . -12.39 2.34 -18.63
H11 TE9 BA . -9.29 -3.13 -15.34
C8 TE9 CA . 1.12 13.33 -13.02
C3 TE9 CA . 1.47 13.22 -8.73
C4 TE9 CA . 1.84 12.10 -9.53
C5 TE9 CA . 2.35 10.92 -8.79
C6 TE9 CA . 1.80 12.07 -10.97
C1 TE9 CA . -1.70 16.41 -8.19
C2 TE9 CA . 0.51 15.38 -8.52
C14 TE9 CA . 0.44 15.59 -11.49
C15 TE9 CA . 0.84 14.41 -10.84
C16 TE9 CA . 0.91 16.00 -7.37
N1 TE9 CA . -2.95 16.61 -8.62
N2 TE9 CA . -0.87 15.51 -8.83
N3 TE9 CA . 0.99 14.37 -9.42
O1 TE9 CA . 2.35 11.10 -7.55
O2 TE9 CA . 2.78 9.91 -9.46
O3 TE9 CA . 2.20 10.99 -11.59
C7 TE9 CA . 1.26 13.28 -11.62
C9 TE9 CA . 0.63 14.49 -13.60
F1 TE9 CA . 0.48 14.60 -14.94
C10 TE9 CA . 0.30 15.62 -12.86
N4 TE9 CA . -0.23 16.82 -13.54
C11 TE9 CA . -1.16 16.75 -14.73
C12 TE9 CA . -1.78 18.10 -14.29
O4 TE9 CA . -3.18 18.26 -14.10
C13 TE9 CA . -1.14 17.84 -12.91
CL1 TE9 CA . 0.39 17.15 -10.61
F2 TE9 CA . 2.17 15.68 -7.06
C17 TE9 CA . 0.06 16.88 -6.64
C18 TE9 CA . -1.25 17.13 -7.02
F3 TE9 CA . -2.15 17.96 -6.31
H4 TE9 CA . 1.39 12.49 -13.63
H3 TE9 CA . 1.58 13.25 -7.65
H2 TE9 CA . -3.52 17.35 -8.22
H1 TE9 CA . -3.34 16.03 -9.33
H6 TE9 CA . -0.67 16.80 -15.69
H5 TE9 CA . -1.87 15.95 -14.63
H7 TE9 CA . -1.33 18.95 -14.79
H8 TE9 CA . -3.38 18.06 -13.26
H9 TE9 CA . -1.87 17.41 -12.23
H10 TE9 CA . -0.64 18.74 -12.57
H11 TE9 CA . 0.46 17.36 -5.78
#